data_9MP1
# 
_entry.id   9MP1 
# 
_audit_conform.dict_name       mmcif_pdbx.dic 
_audit_conform.dict_version    5.403 
_audit_conform.dict_location   http://mmcif.pdb.org/dictionaries/ascii/mmcif_pdbx.dic 
# 
loop_
_database_2.database_id 
_database_2.database_code 
_database_2.pdbx_database_accession 
_database_2.pdbx_DOI 
PDB   9MP1         pdb_00009mp1 10.2210/pdb9mp1/pdb 
WWPDB D_1000291493 ?            ?                   
# 
loop_
_pdbx_audit_revision_history.ordinal 
_pdbx_audit_revision_history.data_content_type 
_pdbx_audit_revision_history.major_revision 
_pdbx_audit_revision_history.minor_revision 
_pdbx_audit_revision_history.revision_date 
_pdbx_audit_revision_history.part_number 
1 'Structure model' 1 0 2025-04-30 ? 
2 'Structure model' 1 1 2025-05-14 ? 
3 'Structure model' 1 2 2025-06-11 ? 
# 
_pdbx_audit_revision_details.ordinal             1 
_pdbx_audit_revision_details.revision_ordinal    1 
_pdbx_audit_revision_details.data_content_type   'Structure model' 
_pdbx_audit_revision_details.provider            repository 
_pdbx_audit_revision_details.type                'Initial release' 
_pdbx_audit_revision_details.description         ? 
_pdbx_audit_revision_details.details             ? 
# 
loop_
_pdbx_audit_revision_group.ordinal 
_pdbx_audit_revision_group.revision_ordinal 
_pdbx_audit_revision_group.data_content_type 
_pdbx_audit_revision_group.group 
1 2 'Structure model' 'Database references' 
2 3 'Structure model' 'Database references' 
# 
loop_
_pdbx_audit_revision_category.ordinal 
_pdbx_audit_revision_category.revision_ordinal 
_pdbx_audit_revision_category.data_content_type 
_pdbx_audit_revision_category.category 
1 2 'Structure model' citation        
2 2 'Structure model' citation_author 
3 3 'Structure model' citation        
# 
loop_
_pdbx_audit_revision_item.ordinal 
_pdbx_audit_revision_item.revision_ordinal 
_pdbx_audit_revision_item.data_content_type 
_pdbx_audit_revision_item.item 
1 2 'Structure model' '_citation.page_first'              
2 2 'Structure model' '_citation.page_last'               
3 2 'Structure model' '_citation.title'                   
4 2 'Structure model' '_citation_author.identifier_ORCID' 
5 2 'Structure model' '_citation_author.name'             
6 3 'Structure model' '_citation.journal_volume'          
7 3 'Structure model' '_citation.page_first'              
8 3 'Structure model' '_citation.page_last'               
# 
_pdbx_database_status.status_code                     REL 
_pdbx_database_status.status_code_sf                  REL 
_pdbx_database_status.status_code_mr                  ? 
_pdbx_database_status.entry_id                        9MP1 
_pdbx_database_status.recvd_initial_deposition_date   2024-12-29 
_pdbx_database_status.SG_entry                        N 
_pdbx_database_status.deposit_site                    RCSB 
_pdbx_database_status.process_site                    RCSB 
_pdbx_database_status.status_code_cs                  ? 
_pdbx_database_status.status_code_nmr_data            ? 
_pdbx_database_status.methods_development_category    ? 
_pdbx_database_status.pdb_format_compatible           N 
# 
_pdbx_database_related.db_name        PDB 
_pdbx_database_related.details        '1MOZ contains the same DNA bound to another analogue, MTM SA-5-methyl-Trp' 
_pdbx_database_related.db_id          9MOZ 
_pdbx_database_related.content_type   unspecified 
# 
_pdbx_contact_author.id                 2 
_pdbx_contact_author.email              ovts222@uky.edu 
_pdbx_contact_author.name_first         Oleg 
_pdbx_contact_author.name_last          Tsodikov 
_pdbx_contact_author.name_mi            V. 
_pdbx_contact_author.role               'principal investigator/group leader' 
_pdbx_contact_author.identifier_ORCID   0000-0001-7094-4216 
# 
loop_
_audit_author.name 
_audit_author.pdbx_ordinal 
_audit_author.identifier_ORCID 
'Hou, C.'        1 ? 
'Tsodikov, O.V.' 2 ? 
# 
_citation.abstract                  ? 
_citation.abstract_id_CAS           ? 
_citation.book_id_ISBN              ? 
_citation.book_publisher            ? 
_citation.book_publisher_city       ? 
_citation.book_title                ? 
_citation.coordinate_linkage        ? 
_citation.country                   GE 
_citation.database_id_Medline       ? 
_citation.details                   ? 
_citation.id                        primary 
_citation.journal_abbrev            Chembiochem 
_citation.journal_id_ASTM           ? 
_citation.journal_id_CSD            ? 
_citation.journal_id_ISSN           1439-7633 
_citation.journal_full              ? 
_citation.journal_issue             ? 
_citation.journal_volume            26 
_citation.language                  ? 
_citation.page_first                e202401084 
_citation.page_last                 e202401084 
_citation.title                     
'The Position of Indole Methylation Controls the Structure, DNA Binding, and Cellular Functions of Mithramycin SA-Trp Analogues.' 
_citation.year                      2025 
_citation.database_id_CSD           ? 
_citation.pdbx_database_id_DOI      10.1002/cbic.202401084 
_citation.pdbx_database_id_PubMed   40246689 
_citation.pdbx_database_id_patent   ? 
_citation.unpublished_flag          ? 
# 
loop_
_citation_author.citation_id 
_citation_author.name 
_citation_author.ordinal 
_citation_author.identifier_ORCID 
primary 'Hou, C.'        1 ?                   
primary 'Bhosale, S.'    2 ?                   
primary 'Yasuda, K.'     3 ?                   
primary 'Yetirajam, R.'  4 ?                   
primary 'Leggas, M.'     5 0000-0003-4314-4533 
primary 'Rohr, J.'       6 0000-0001-6447-5951 
primary 'Tsodikov, O.V.' 7 0000-0001-7094-4216 
# 
loop_
_entity.id 
_entity.type 
_entity.src_method 
_entity.pdbx_description 
_entity.formula_weight 
_entity.pdbx_number_of_molecules 
_entity.pdbx_ec 
_entity.pdbx_mutation 
_entity.pdbx_fragment 
_entity.details 
1 polymer     syn 
;DNA (5'-D(*AP*GP*AP*GP*GP*CP*CP*TP*CP*T)-3')
;
3045.005 2  ? ? ? ? 
2 non-polymer syn 
;methyl (2S)-2-({(2S)-2-[(2R,3S)-3-{[(2S,4R,5R,6R)-4-{[(2S,4R,5S,6R)-4-{[(2S,4S,5R,6R)-4,5-dihydroxy-4,6-dimethyloxan-2-yl]oxy}-5-hydroxy-6-methyloxan-2-yl]oxy}-5-hydroxy-6-methyloxan-2-yl]oxy}-7-{[(2S,4R,5R,6R)-4-{[(2S,4R,5S,6R)-4,5-dihydroxy-6-methyloxan-2-yl]oxy}-5-hydroxy-6-methyloxan-2-yl]oxy}-5,10-dihydroxy-6-methyl-4-oxo-1,2,3,4-tetrahydroanthracen-2-yl]-2-methoxyacetyl}amino)-3-(7-methyl-1H-indol-3-yl)propanoate (non-preferred name)
;
1241.329 2  ? ? ? ? 
3 non-polymer syn 'ZINC ION' 65.409   7  ? ? ? ? 
4 non-polymer syn 'SODIUM ION' 22.990   3  ? ? ? ? 
5 water       nat water 18.015   73 ? ? ? ? 
# 
_entity_poly.entity_id                      1 
_entity_poly.type                           polydeoxyribonucleotide 
_entity_poly.nstd_linkage                   no 
_entity_poly.nstd_monomer                   no 
_entity_poly.pdbx_seq_one_letter_code       '(DA)(DG)(DA)(DG)(DG)(DC)(DC)(DT)(DC)(DT)' 
_entity_poly.pdbx_seq_one_letter_code_can   AGAGGCCTCT 
_entity_poly.pdbx_strand_id                 A,B 
_entity_poly.pdbx_target_identifier         ? 
# 
loop_
_pdbx_entity_nonpoly.entity_id 
_pdbx_entity_nonpoly.name 
_pdbx_entity_nonpoly.comp_id 
2 
;methyl (2S)-2-({(2S)-2-[(2R,3S)-3-{[(2S,4R,5R,6R)-4-{[(2S,4R,5S,6R)-4-{[(2S,4S,5R,6R)-4,5-dihydroxy-4,6-dimethyloxan-2-yl]oxy}-5-hydroxy-6-methyloxan-2-yl]oxy}-5-hydroxy-6-methyloxan-2-yl]oxy}-7-{[(2S,4R,5R,6R)-4-{[(2S,4R,5S,6R)-4,5-dihydroxy-6-methyloxan-2-yl]oxy}-5-hydroxy-6-methyloxan-2-yl]oxy}-5,10-dihydroxy-6-methyl-4-oxo-1,2,3,4-tetrahydroanthracen-2-yl]-2-methoxyacetyl}amino)-3-(7-methyl-1H-indol-3-yl)propanoate (non-preferred name)
;
A1BNK 
3 'ZINC ION' ZN    
4 'SODIUM ION' NA    
5 water HOH   
# 
loop_
_entity_poly_seq.entity_id 
_entity_poly_seq.num 
_entity_poly_seq.mon_id 
_entity_poly_seq.hetero 
1 1  DA n 
1 2  DG n 
1 3  DA n 
1 4  DG n 
1 5  DG n 
1 6  DC n 
1 7  DC n 
1 8  DT n 
1 9  DC n 
1 10 DT n 
# 
_pdbx_entity_src_syn.entity_id              1 
_pdbx_entity_src_syn.pdbx_src_id            1 
_pdbx_entity_src_syn.pdbx_alt_source_flag   sample 
_pdbx_entity_src_syn.pdbx_beg_seq_num       1 
_pdbx_entity_src_syn.pdbx_end_seq_num       10 
_pdbx_entity_src_syn.organism_scientific    'synthetic construct' 
_pdbx_entity_src_syn.organism_common_name   ? 
_pdbx_entity_src_syn.ncbi_taxonomy_id       32630 
_pdbx_entity_src_syn.details                ? 
# 
loop_
_chem_comp.id 
_chem_comp.type 
_chem_comp.mon_nstd_flag 
_chem_comp.name 
_chem_comp.pdbx_synonyms 
_chem_comp.formula 
_chem_comp.formula_weight 
A1BNK non-polymer   . 
;methyl (2S)-2-({(2S)-2-[(2R,3S)-3-{[(2S,4R,5R,6R)-4-{[(2S,4R,5S,6R)-4-{[(2S,4S,5R,6R)-4,5-dihydroxy-4,6-dimethyloxan-2-yl]oxy}-5-hydroxy-6-methyloxan-2-yl]oxy}-5-hydroxy-6-methyloxan-2-yl]oxy}-7-{[(2S,4R,5R,6R)-4-{[(2S,4R,5S,6R)-4,5-dihydroxy-6-methyloxan-2-yl]oxy}-5-hydroxy-6-methyloxan-2-yl]oxy}-5,10-dihydroxy-6-methyl-4-oxo-1,2,3,4-tetrahydroanthracen-2-yl]-2-methoxyacetyl}amino)-3-(7-methyl-1H-indol-3-yl)propanoate (non-preferred name)
;
? 'C62 H84 N2 O24'  1241.329 
DA    'DNA linking' y "2'-DEOXYADENOSINE-5'-MONOPHOSPHATE" ? 'C10 H14 N5 O6 P' 331.222  
DC    'DNA linking' y "2'-DEOXYCYTIDINE-5'-MONOPHOSPHATE" ? 'C9 H14 N3 O7 P'  307.197  
DG    'DNA linking' y "2'-DEOXYGUANOSINE-5'-MONOPHOSPHATE" ? 'C10 H14 N5 O7 P' 347.221  
DT    'DNA linking' y "THYMIDINE-5'-MONOPHOSPHATE" ? 'C10 H15 N2 O8 P' 322.208  
HOH   non-polymer   . WATER ? 'H2 O'            18.015   
NA    non-polymer   . 'SODIUM ION' ? 'Na 1'            22.990   
ZN    non-polymer   . 'ZINC ION' ? 'Zn 2'            65.409   
# 
loop_
_pdbx_poly_seq_scheme.asym_id 
_pdbx_poly_seq_scheme.entity_id 
_pdbx_poly_seq_scheme.seq_id 
_pdbx_poly_seq_scheme.mon_id 
_pdbx_poly_seq_scheme.ndb_seq_num 
_pdbx_poly_seq_scheme.pdb_seq_num 
_pdbx_poly_seq_scheme.auth_seq_num 
_pdbx_poly_seq_scheme.pdb_mon_id 
_pdbx_poly_seq_scheme.auth_mon_id 
_pdbx_poly_seq_scheme.pdb_strand_id 
_pdbx_poly_seq_scheme.pdb_ins_code 
_pdbx_poly_seq_scheme.hetero 
A 1 1  DA 1  1  1  DA DA A . n 
A 1 2  DG 2  2  2  DG DG A . n 
A 1 3  DA 3  3  3  DA DA A . n 
A 1 4  DG 4  4  4  DG DG A . n 
A 1 5  DG 5  5  5  DG DG A . n 
A 1 6  DC 6  6  6  DC DC A . n 
A 1 7  DC 7  7  7  DC DC A . n 
A 1 8  DT 8  8  8  DT DT A . n 
A 1 9  DC 9  9  9  DC DC A . n 
A 1 10 DT 10 10 10 DT DT A . n 
B 1 1  DA 1  1  1  DA DA B . n 
B 1 2  DG 2  2  2  DG DG B . n 
B 1 3  DA 3  3  3  DA DA B . n 
B 1 4  DG 4  4  4  DG DG B . n 
B 1 5  DG 5  5  5  DG DG B . n 
B 1 6  DC 6  6  6  DC DC B . n 
B 1 7  DC 7  7  7  DC DC B . n 
B 1 8  DT 8  8  8  DT DT B . n 
B 1 9  DC 9  9  9  DC DC B . n 
B 1 10 DT 10 10 10 DT DT B . n 
# 
_pdbx_entity_instance_feature.ordinal        1 
_pdbx_entity_instance_feature.comp_id        A1BNK 
_pdbx_entity_instance_feature.asym_id        ? 
_pdbx_entity_instance_feature.seq_num        ? 
_pdbx_entity_instance_feature.auth_comp_id   A1BNK 
_pdbx_entity_instance_feature.auth_asym_id   ? 
_pdbx_entity_instance_feature.auth_seq_num   ? 
_pdbx_entity_instance_feature.feature_type   'SUBJECT OF INVESTIGATION' 
_pdbx_entity_instance_feature.details        ? 
# 
loop_
_pdbx_nonpoly_scheme.asym_id 
_pdbx_nonpoly_scheme.entity_id 
_pdbx_nonpoly_scheme.mon_id 
_pdbx_nonpoly_scheme.ndb_seq_num 
_pdbx_nonpoly_scheme.pdb_seq_num 
_pdbx_nonpoly_scheme.auth_seq_num 
_pdbx_nonpoly_scheme.pdb_mon_id 
_pdbx_nonpoly_scheme.auth_mon_id 
_pdbx_nonpoly_scheme.pdb_strand_id 
_pdbx_nonpoly_scheme.pdb_ins_code 
C 2 A1BNK 1  101 101 A1BNK WWW A . 
D 3 ZN    1  102 3   ZN    ZN  A . 
E 3 ZN    1  103 9   ZN    ZN  A . 
F 3 ZN    1  104 13  ZN    ZN  A . 
G 3 ZN    1  105 15  ZN    ZN  A . 
H 4 NA    1  106 1   NA    NA  A . 
I 4 NA    1  107 3   NA    NA  A . 
J 4 NA    1  108 4   NA    NA  A . 
K 2 A1BNK 1  101 101 A1BNK WWW B . 
L 3 ZN    1  102 5   ZN    ZN  B . 
M 3 ZN    1  103 7   ZN    ZN  B . 
N 3 ZN    1  104 16  ZN    ZN  B . 
O 5 HOH   1  201 60  HOH   HOH A . 
O 5 HOH   2  202 46  HOH   HOH A . 
O 5 HOH   3  203 117 HOH   HOH A . 
O 5 HOH   4  204 119 HOH   HOH A . 
O 5 HOH   5  205 64  HOH   HOH A . 
O 5 HOH   6  206 1   HOH   HOH A . 
O 5 HOH   7  207 137 HOH   HOH A . 
O 5 HOH   8  208 31  HOH   HOH A . 
O 5 HOH   9  209 67  HOH   HOH A . 
O 5 HOH   10 210 57  HOH   HOH A . 
O 5 HOH   11 211 37  HOH   HOH A . 
O 5 HOH   12 212 41  HOH   HOH A . 
O 5 HOH   13 213 135 HOH   HOH A . 
O 5 HOH   14 214 130 HOH   HOH A . 
O 5 HOH   15 215 123 HOH   HOH A . 
O 5 HOH   16 216 133 HOH   HOH A . 
O 5 HOH   17 217 35  HOH   HOH A . 
O 5 HOH   18 218 36  HOH   HOH A . 
O 5 HOH   19 219 17  HOH   HOH A . 
O 5 HOH   20 220 13  HOH   HOH A . 
O 5 HOH   21 221 34  HOH   HOH A . 
O 5 HOH   22 222 61  HOH   HOH A . 
O 5 HOH   23 223 18  HOH   HOH A . 
O 5 HOH   24 224 129 HOH   HOH A . 
O 5 HOH   25 225 120 HOH   HOH A . 
O 5 HOH   26 226 131 HOH   HOH A . 
O 5 HOH   27 227 14  HOH   HOH A . 
O 5 HOH   28 228 21  HOH   HOH A . 
O 5 HOH   29 229 49  HOH   HOH A . 
O 5 HOH   30 230 126 HOH   HOH A . 
O 5 HOH   31 231 26  HOH   HOH A . 
O 5 HOH   32 232 19  HOH   HOH A . 
O 5 HOH   33 233 27  HOH   HOH A . 
O 5 HOH   34 234 22  HOH   HOH A . 
O 5 HOH   35 235 16  HOH   HOH A . 
O 5 HOH   36 236 121 HOH   HOH A . 
O 5 HOH   37 237 15  HOH   HOH A . 
O 5 HOH   38 238 124 HOH   HOH A . 
P 5 HOH   1  201 76  HOH   HOH B . 
P 5 HOH   2  202 77  HOH   HOH B . 
P 5 HOH   3  203 39  HOH   HOH B . 
P 5 HOH   4  204 2   HOH   HOH B . 
P 5 HOH   5  205 33  HOH   HOH B . 
P 5 HOH   6  206 127 HOH   HOH B . 
P 5 HOH   7  207 128 HOH   HOH B . 
P 5 HOH   8  208 118 HOH   HOH B . 
P 5 HOH   9  209 113 HOH   HOH B . 
P 5 HOH   10 210 40  HOH   HOH B . 
P 5 HOH   11 211 4   HOH   HOH B . 
P 5 HOH   12 212 134 HOH   HOH B . 
P 5 HOH   13 213 32  HOH   HOH B . 
P 5 HOH   14 214 30  HOH   HOH B . 
P 5 HOH   15 215 6   HOH   HOH B . 
P 5 HOH   16 216 44  HOH   HOH B . 
P 5 HOH   17 217 48  HOH   HOH B . 
P 5 HOH   18 218 55  HOH   HOH B . 
P 5 HOH   19 219 10  HOH   HOH B . 
P 5 HOH   20 220 136 HOH   HOH B . 
P 5 HOH   21 221 114 HOH   HOH B . 
P 5 HOH   22 222 43  HOH   HOH B . 
P 5 HOH   23 223 3   HOH   HOH B . 
P 5 HOH   24 224 28  HOH   HOH B . 
P 5 HOH   25 225 8   HOH   HOH B . 
P 5 HOH   26 226 12  HOH   HOH B . 
P 5 HOH   27 227 5   HOH   HOH B . 
P 5 HOH   28 228 11  HOH   HOH B . 
P 5 HOH   29 229 99  HOH   HOH B . 
P 5 HOH   30 230 29  HOH   HOH B . 
P 5 HOH   31 231 122 HOH   HOH B . 
P 5 HOH   32 232 115 HOH   HOH B . 
P 5 HOH   33 233 9   HOH   HOH B . 
P 5 HOH   34 234 7   HOH   HOH B . 
P 5 HOH   35 235 125 HOH   HOH B . 
# 
loop_
_software.citation_id 
_software.classification 
_software.compiler_name 
_software.compiler_version 
_software.contact_author 
_software.contact_author_email 
_software.date 
_software.description 
_software.dependencies 
_software.hardware 
_software.language 
_software.location 
_software.mods 
_software.name 
_software.os 
_software.os_version 
_software.type 
_software.version 
_software.pdbx_ordinal 
? refinement       ? ? ? ? ? ? ? ? ? ? ? REFMAC   ? ? ? 5.8.0267 1 
? 'data reduction' ? ? ? ? ? ? ? ? ? ? ? HKL-2000 ? ? ? .        2 
? 'data scaling'   ? ? ? ? ? ? ? ? ? ? ? HKL-2000 ? ? ? .        3 
? phasing          ? ? ? ? ? ? ? ? ? ? ? PHASER   ? ? ? .        4 
# 
_cell.angle_alpha                  90.00 
_cell.angle_alpha_esd              ? 
_cell.angle_beta                   90.00 
_cell.angle_beta_esd               ? 
_cell.angle_gamma                  90.00 
_cell.angle_gamma_esd              ? 
_cell.entry_id                     9MP1 
_cell.details                      ? 
_cell.formula_units_Z              ? 
_cell.length_a                     94.184 
_cell.length_a_esd                 ? 
_cell.length_b                     94.184 
_cell.length_b_esd                 ? 
_cell.length_c                     94.184 
_cell.length_c_esd                 ? 
_cell.volume                       ? 
_cell.volume_esd                   ? 
_cell.Z_PDB                        48 
_cell.reciprocal_angle_alpha       ? 
_cell.reciprocal_angle_beta        ? 
_cell.reciprocal_angle_gamma       ? 
_cell.reciprocal_angle_alpha_esd   ? 
_cell.reciprocal_angle_beta_esd    ? 
_cell.reciprocal_angle_gamma_esd   ? 
_cell.reciprocal_length_a          ? 
_cell.reciprocal_length_b          ? 
_cell.reciprocal_length_c          ? 
_cell.reciprocal_length_a_esd      ? 
_cell.reciprocal_length_b_esd      ? 
_cell.reciprocal_length_c_esd      ? 
_cell.pdbx_unique_axis             ? 
_cell.pdbx_esd_method              ? 
# 
_symmetry.entry_id                         9MP1 
_symmetry.cell_setting                     ? 
_symmetry.Int_Tables_number                213 
_symmetry.space_group_name_Hall            ? 
_symmetry.space_group_name_H-M             'P 41 3 2' 
_symmetry.pdbx_full_space_group_name_H-M   ? 
# 
_exptl.absorpt_coefficient_mu     ? 
_exptl.absorpt_correction_T_max   ? 
_exptl.absorpt_correction_T_min   ? 
_exptl.absorpt_correction_type    ? 
_exptl.absorpt_process_details    ? 
_exptl.entry_id                   9MP1 
_exptl.crystals_number            1 
_exptl.details                    ? 
_exptl.method                     'X-RAY DIFFRACTION' 
_exptl.method_details             ? 
# 
_exptl_crystal.colour                       ? 
_exptl_crystal.density_diffrn               ? 
_exptl_crystal.density_Matthews             5.72 
_exptl_crystal.density_method               ? 
_exptl_crystal.density_percent_sol          78.48 
_exptl_crystal.description                  ? 
_exptl_crystal.F_000                        ? 
_exptl_crystal.id                           1 
_exptl_crystal.preparation                  ? 
_exptl_crystal.size_max                     ? 
_exptl_crystal.size_mid                     ? 
_exptl_crystal.size_min                     ? 
_exptl_crystal.size_rad                     ? 
_exptl_crystal.colour_lustre                ? 
_exptl_crystal.colour_modifier              ? 
_exptl_crystal.colour_primary               ? 
_exptl_crystal.density_meas                 ? 
_exptl_crystal.density_meas_esd             ? 
_exptl_crystal.density_meas_gt              ? 
_exptl_crystal.density_meas_lt              ? 
_exptl_crystal.density_meas_temp            ? 
_exptl_crystal.density_meas_temp_esd        ? 
_exptl_crystal.density_meas_temp_gt         ? 
_exptl_crystal.density_meas_temp_lt         ? 
_exptl_crystal.pdbx_crystal_image_url       ? 
_exptl_crystal.pdbx_crystal_image_format    ? 
_exptl_crystal.pdbx_mosaicity               ? 
_exptl_crystal.pdbx_mosaicity_esd           ? 
_exptl_crystal.pdbx_mosaic_method           ? 
_exptl_crystal.pdbx_mosaic_block_size       ? 
_exptl_crystal.pdbx_mosaic_block_size_esd   ? 
# 
_exptl_crystal_grow.apparatus       ? 
_exptl_crystal_grow.atmosphere      ? 
_exptl_crystal_grow.crystal_id      1 
_exptl_crystal_grow.details         ? 
_exptl_crystal_grow.method          'VAPOR DIFFUSION, HANGING DROP' 
_exptl_crystal_grow.method_ref      ? 
_exptl_crystal_grow.pH              ? 
_exptl_crystal_grow.pressure        ? 
_exptl_crystal_grow.pressure_esd    ? 
_exptl_crystal_grow.seeding         ? 
_exptl_crystal_grow.seeding_ref     ? 
_exptl_crystal_grow.temp_details    ? 
_exptl_crystal_grow.temp_esd        ? 
_exptl_crystal_grow.time            ? 
_exptl_crystal_grow.pdbx_details    
;Reservoir: 10-35% v/v 2-methyl-2,4-pentanediol 
Drop: 0.5 mM double-stranded DNA, 1.0 mM MTM analogue, 10 mM sodium cacodylate pH 6.0, 4 mM zinc acetate dihydrate and 2 mM spermine
;
_exptl_crystal_grow.pdbx_pH_range   ? 
_exptl_crystal_grow.temp            291 
# 
_diffrn.ambient_environment              ? 
_diffrn.ambient_temp                     100 
_diffrn.ambient_temp_details             ? 
_diffrn.ambient_temp_esd                 ? 
_diffrn.crystal_id                       1 
_diffrn.crystal_support                  ? 
_diffrn.crystal_treatment                ? 
_diffrn.details                          ? 
_diffrn.id                               1 
_diffrn.ambient_pressure                 ? 
_diffrn.ambient_pressure_esd             ? 
_diffrn.ambient_pressure_gt              ? 
_diffrn.ambient_pressure_lt              ? 
_diffrn.ambient_temp_gt                  ? 
_diffrn.ambient_temp_lt                  ? 
_diffrn.pdbx_serial_crystal_experiment   N 
# 
_diffrn_detector.details                      ? 
_diffrn_detector.detector                     PIXEL 
_diffrn_detector.diffrn_id                    1 
_diffrn_detector.type                         'DECTRIS EIGER2 X 9M' 
_diffrn_detector.area_resol_mean              ? 
_diffrn_detector.dtime                        ? 
_diffrn_detector.pdbx_frames_total            ? 
_diffrn_detector.pdbx_collection_time_total   ? 
_diffrn_detector.pdbx_collection_date         2023-12-08 
_diffrn_detector.pdbx_frequency               ? 
_diffrn_detector.id                           ? 
_diffrn_detector.number_of_axes               ? 
# 
_diffrn_radiation.collimation                      ? 
_diffrn_radiation.diffrn_id                        1 
_diffrn_radiation.filter_edge                      ? 
_diffrn_radiation.inhomogeneity                    ? 
_diffrn_radiation.monochromator                    ? 
_diffrn_radiation.polarisn_norm                    ? 
_diffrn_radiation.polarisn_ratio                   ? 
_diffrn_radiation.probe                            ? 
_diffrn_radiation.type                             ? 
_diffrn_radiation.xray_symbol                      ? 
_diffrn_radiation.wavelength_id                    1 
_diffrn_radiation.pdbx_monochromatic_or_laue_m_l   M 
_diffrn_radiation.pdbx_wavelength_list             ? 
_diffrn_radiation.pdbx_wavelength                  ? 
_diffrn_radiation.pdbx_diffrn_protocol             'SINGLE WAVELENGTH' 
_diffrn_radiation.pdbx_analyzer                    ? 
_diffrn_radiation.pdbx_scattering_type             x-ray 
# 
_diffrn_radiation_wavelength.id           1 
_diffrn_radiation_wavelength.wavelength   0.975 
_diffrn_radiation_wavelength.wt           1.0 
# 
_diffrn_source.current                     ? 
_diffrn_source.details                     ? 
_diffrn_source.diffrn_id                   1 
_diffrn_source.power                       ? 
_diffrn_source.size                        ? 
_diffrn_source.source                      SYNCHROTRON 
_diffrn_source.target                      ? 
_diffrn_source.type                        'NSLS-II BEAMLINE 19-ID' 
_diffrn_source.voltage                     ? 
_diffrn_source.take-off_angle              ? 
_diffrn_source.pdbx_wavelength_list        0.975 
_diffrn_source.pdbx_wavelength             ? 
_diffrn_source.pdbx_synchrotron_beamline   19-ID 
_diffrn_source.pdbx_synchrotron_site       NSLS-II 
# 
_reflns.B_iso_Wilson_estimate                          ? 
_reflns.entry_id                                       9MP1 
_reflns.data_reduction_details                         ? 
_reflns.data_reduction_method                          ? 
_reflns.d_resolution_high                              2.08 
_reflns.d_resolution_low                               50.0 
_reflns.details                                        ? 
_reflns.limit_h_max                                    ? 
_reflns.limit_h_min                                    ? 
_reflns.limit_k_max                                    ? 
_reflns.limit_k_min                                    ? 
_reflns.limit_l_max                                    ? 
_reflns.limit_l_min                                    ? 
_reflns.number_all                                     ? 
_reflns.number_obs                                     9078 
_reflns.observed_criterion                             ? 
_reflns.observed_criterion_F_max                       ? 
_reflns.observed_criterion_F_min                       ? 
_reflns.observed_criterion_I_max                       ? 
_reflns.observed_criterion_I_min                       ? 
_reflns.observed_criterion_sigma_F                     ? 
_reflns.observed_criterion_sigma_I                     2 
_reflns.percent_possible_obs                           100 
_reflns.R_free_details                                 ? 
_reflns.Rmerge_F_all                                   ? 
_reflns.Rmerge_F_obs                                   ? 
_reflns.Friedel_coverage                               ? 
_reflns.number_gt                                      ? 
_reflns.threshold_expression                           ? 
_reflns.pdbx_redundancy                                23.5 
_reflns.pdbx_netI_over_av_sigmaI                       ? 
_reflns.pdbx_netI_over_sigmaI                          47.9 
_reflns.pdbx_res_netI_over_av_sigmaI_2                 ? 
_reflns.pdbx_res_netI_over_sigmaI_2                    ? 
_reflns.pdbx_chi_squared                               ? 
_reflns.pdbx_scaling_rejects                           ? 
_reflns.pdbx_d_res_high_opt                            ? 
_reflns.pdbx_d_res_low_opt                             ? 
_reflns.pdbx_d_res_opt_method                          ? 
_reflns.phase_calculation_details                      ? 
_reflns.pdbx_Rrim_I_all                                ? 
_reflns.pdbx_Rpim_I_all                                ? 
_reflns.pdbx_d_opt                                     ? 
_reflns.pdbx_number_measured_all                       ? 
_reflns.pdbx_diffrn_id                                 1 
_reflns.pdbx_ordinal                                   1 
_reflns.pdbx_CC_half                                   1.000 
_reflns.pdbx_CC_star                                   ? 
_reflns.pdbx_R_split                                   ? 
_reflns.pdbx_Rmerge_I_obs                              0.098 
_reflns.pdbx_Rmerge_I_all                              ? 
_reflns.pdbx_Rsym_value                                ? 
_reflns.pdbx_CC_split_method                           ? 
_reflns.pdbx_aniso_diffraction_limit_axis_1_ortho[1]   ? 
_reflns.pdbx_aniso_diffraction_limit_axis_1_ortho[2]   ? 
_reflns.pdbx_aniso_diffraction_limit_axis_1_ortho[3]   ? 
_reflns.pdbx_aniso_diffraction_limit_axis_2_ortho[1]   ? 
_reflns.pdbx_aniso_diffraction_limit_axis_2_ortho[2]   ? 
_reflns.pdbx_aniso_diffraction_limit_axis_2_ortho[3]   ? 
_reflns.pdbx_aniso_diffraction_limit_axis_3_ortho[1]   ? 
_reflns.pdbx_aniso_diffraction_limit_axis_3_ortho[2]   ? 
_reflns.pdbx_aniso_diffraction_limit_axis_3_ortho[3]   ? 
_reflns.pdbx_aniso_diffraction_limit_1                 ? 
_reflns.pdbx_aniso_diffraction_limit_2                 ? 
_reflns.pdbx_aniso_diffraction_limit_3                 ? 
_reflns.pdbx_aniso_B_tensor_eigenvector_1_ortho[1]     ? 
_reflns.pdbx_aniso_B_tensor_eigenvector_1_ortho[2]     ? 
_reflns.pdbx_aniso_B_tensor_eigenvector_1_ortho[3]     ? 
_reflns.pdbx_aniso_B_tensor_eigenvector_2_ortho[1]     ? 
_reflns.pdbx_aniso_B_tensor_eigenvector_2_ortho[2]     ? 
_reflns.pdbx_aniso_B_tensor_eigenvector_2_ortho[3]     ? 
_reflns.pdbx_aniso_B_tensor_eigenvector_3_ortho[1]     ? 
_reflns.pdbx_aniso_B_tensor_eigenvector_3_ortho[2]     ? 
_reflns.pdbx_aniso_B_tensor_eigenvector_3_ortho[3]     ? 
_reflns.pdbx_aniso_B_tensor_eigenvalue_1               ? 
_reflns.pdbx_aniso_B_tensor_eigenvalue_2               ? 
_reflns.pdbx_aniso_B_tensor_eigenvalue_3               ? 
_reflns.pdbx_orthogonalization_convention              ? 
_reflns.pdbx_percent_possible_ellipsoidal              ? 
_reflns.pdbx_percent_possible_spherical                ? 
_reflns.pdbx_percent_possible_ellipsoidal_anomalous    ? 
_reflns.pdbx_percent_possible_spherical_anomalous      ? 
_reflns.pdbx_redundancy_anomalous                      ? 
_reflns.pdbx_CC_half_anomalous                         ? 
_reflns.pdbx_absDiff_over_sigma_anomalous              ? 
_reflns.pdbx_percent_possible_anomalous                ? 
_reflns.pdbx_observed_signal_threshold                 ? 
_reflns.pdbx_signal_type                               ? 
_reflns.pdbx_signal_details                            ? 
_reflns.pdbx_signal_software_id                        ? 
# 
_reflns_shell.d_res_high                                    2.08 
_reflns_shell.d_res_low                                     2.12 
_reflns_shell.meanI_over_sigI_all                           ? 
_reflns_shell.meanI_over_sigI_obs                           ? 
_reflns_shell.number_measured_all                           ? 
_reflns_shell.number_measured_obs                           ? 
_reflns_shell.number_possible                               ? 
_reflns_shell.number_unique_all                             ? 
_reflns_shell.number_unique_obs                             434 
_reflns_shell.percent_possible_obs                          ? 
_reflns_shell.Rmerge_F_all                                  ? 
_reflns_shell.Rmerge_F_obs                                  ? 
_reflns_shell.meanI_over_sigI_gt                            ? 
_reflns_shell.meanI_over_uI_all                             ? 
_reflns_shell.meanI_over_uI_gt                              ? 
_reflns_shell.number_measured_gt                            ? 
_reflns_shell.number_unique_gt                              ? 
_reflns_shell.percent_possible_gt                           ? 
_reflns_shell.Rmerge_F_gt                                   ? 
_reflns_shell.Rmerge_I_gt                                   ? 
_reflns_shell.pdbx_redundancy                               24.8 
_reflns_shell.pdbx_chi_squared                              ? 
_reflns_shell.pdbx_netI_over_sigmaI_all                     ? 
_reflns_shell.pdbx_netI_over_sigmaI_obs                     ? 
_reflns_shell.pdbx_Rrim_I_all                               ? 
_reflns_shell.pdbx_Rpim_I_all                               ? 
_reflns_shell.pdbx_rejects                                  ? 
_reflns_shell.pdbx_ordinal                                  1 
_reflns_shell.pdbx_diffrn_id                                1 
_reflns_shell.pdbx_CC_half                                  0.958 
_reflns_shell.pdbx_CC_star                                  ? 
_reflns_shell.pdbx_R_split                                  ? 
_reflns_shell.percent_possible_all                          100 
_reflns_shell.Rmerge_I_all                                  ? 
_reflns_shell.Rmerge_I_obs                                  ? 
_reflns_shell.pdbx_Rsym_value                               ? 
_reflns_shell.pdbx_percent_possible_ellipsoidal             ? 
_reflns_shell.pdbx_percent_possible_spherical               ? 
_reflns_shell.pdbx_percent_possible_ellipsoidal_anomalous   ? 
_reflns_shell.pdbx_percent_possible_spherical_anomalous     ? 
_reflns_shell.pdbx_redundancy_anomalous                     ? 
_reflns_shell.pdbx_CC_half_anomalous                        ? 
_reflns_shell.pdbx_absDiff_over_sigma_anomalous             ? 
_reflns_shell.pdbx_percent_possible_anomalous               ? 
# 
_refine.aniso_B[1][1]                            0.00 
_refine.aniso_B[1][2]                            0.00 
_refine.aniso_B[1][3]                            0.00 
_refine.aniso_B[2][2]                            0.00 
_refine.aniso_B[2][3]                            0.00 
_refine.aniso_B[3][3]                            0.00 
_refine.B_iso_max                                ? 
_refine.B_iso_mean                               43.614 
_refine.B_iso_min                                ? 
_refine.correlation_coeff_Fo_to_Fc               0.958 
_refine.correlation_coeff_Fo_to_Fc_free          0.946 
_refine.details                                  'HYDROGENS HAVE BEEN ADDED IN THE RIDING POSITIONS' 
_refine.diff_density_max                         ? 
_refine.diff_density_max_esd                     ? 
_refine.diff_density_min                         ? 
_refine.diff_density_min_esd                     ? 
_refine.diff_density_rms                         ? 
_refine.diff_density_rms_esd                     ? 
_refine.entry_id                                 9MP1 
_refine.pdbx_refine_id                           'X-RAY DIFFRACTION' 
_refine.ls_abs_structure_details                 ? 
_refine.ls_abs_structure_Flack                   ? 
_refine.ls_abs_structure_Flack_esd               ? 
_refine.ls_abs_structure_Rogers                  ? 
_refine.ls_abs_structure_Rogers_esd              ? 
_refine.ls_d_res_high                            2.08 
_refine.ls_d_res_low                             38.48 
_refine.ls_extinction_coef                       ? 
_refine.ls_extinction_coef_esd                   ? 
_refine.ls_extinction_expression                 ? 
_refine.ls_extinction_method                     ? 
_refine.ls_goodness_of_fit_all                   ? 
_refine.ls_goodness_of_fit_all_esd               ? 
_refine.ls_goodness_of_fit_obs                   ? 
_refine.ls_goodness_of_fit_obs_esd               ? 
_refine.ls_hydrogen_treatment                    ? 
_refine.ls_matrix_type                           ? 
_refine.ls_number_constraints                    ? 
_refine.ls_number_parameters                     ? 
_refine.ls_number_reflns_all                     ? 
_refine.ls_number_reflns_obs                     8615 
_refine.ls_number_reflns_R_free                  424 
_refine.ls_number_reflns_R_work                  ? 
_refine.ls_number_restraints                     ? 
_refine.ls_percent_reflns_obs                    99.94 
_refine.ls_percent_reflns_R_free                 4.7 
_refine.ls_R_factor_all                          ? 
_refine.ls_R_factor_obs                          0.22060 
_refine.ls_R_factor_R_free                       0.24810 
_refine.ls_R_factor_R_free_error                 ? 
_refine.ls_R_factor_R_free_error_details         ? 
_refine.ls_R_factor_R_work                       0.21940 
_refine.ls_R_Fsqd_factor_obs                     ? 
_refine.ls_R_I_factor_obs                        ? 
_refine.ls_redundancy_reflns_all                 ? 
_refine.ls_redundancy_reflns_obs                 ? 
_refine.ls_restrained_S_all                      ? 
_refine.ls_restrained_S_obs                      ? 
_refine.ls_shift_over_esd_max                    ? 
_refine.ls_shift_over_esd_mean                   ? 
_refine.ls_structure_factor_coef                 ? 
_refine.ls_weighting_details                     ? 
_refine.ls_weighting_scheme                      ? 
_refine.ls_wR_factor_all                         ? 
_refine.ls_wR_factor_obs                         ? 
_refine.ls_wR_factor_R_free                      ? 
_refine.ls_wR_factor_R_work                      ? 
_refine.occupancy_max                            ? 
_refine.occupancy_min                            ? 
_refine.solvent_model_details                    MASK 
_refine.solvent_model_param_bsol                 ? 
_refine.solvent_model_param_ksol                 ? 
_refine.pdbx_R_complete                          ? 
_refine.ls_R_factor_gt                           ? 
_refine.ls_goodness_of_fit_gt                    ? 
_refine.ls_goodness_of_fit_ref                   ? 
_refine.ls_shift_over_su_max                     ? 
_refine.ls_shift_over_su_max_lt                  ? 
_refine.ls_shift_over_su_mean                    ? 
_refine.ls_shift_over_su_mean_lt                 ? 
_refine.pdbx_ls_sigma_I                          ? 
_refine.pdbx_ls_sigma_F                          ? 
_refine.pdbx_ls_sigma_Fsqd                       ? 
_refine.pdbx_data_cutoff_high_absF               ? 
_refine.pdbx_data_cutoff_high_rms_absF           ? 
_refine.pdbx_data_cutoff_low_absF                ? 
_refine.pdbx_isotropic_thermal_model             ? 
_refine.pdbx_ls_cross_valid_method               THROUGHOUT 
_refine.pdbx_method_to_determine_struct          'MOLECULAR REPLACEMENT' 
_refine.pdbx_starting_model                      ? 
_refine.pdbx_stereochemistry_target_values       'MAXIMUM LIKELIHOOD' 
_refine.pdbx_R_Free_selection_details            RANDOM 
_refine.pdbx_stereochem_target_val_spec_case     ? 
_refine.pdbx_overall_ESU_R                       0.155 
_refine.pdbx_overall_ESU_R_Free                  0.146 
_refine.pdbx_solvent_vdw_probe_radii             1.20 
_refine.pdbx_solvent_ion_probe_radii             0.80 
_refine.pdbx_solvent_shrinkage_radii             0.80 
_refine.pdbx_real_space_R                        ? 
_refine.pdbx_density_correlation                 ? 
_refine.pdbx_pd_number_of_powder_patterns        ? 
_refine.pdbx_pd_number_of_points                 ? 
_refine.pdbx_pd_meas_number_of_points            ? 
_refine.pdbx_pd_proc_ls_prof_R_factor            ? 
_refine.pdbx_pd_proc_ls_prof_wR_factor           ? 
_refine.pdbx_pd_Marquardt_correlation_coeff      ? 
_refine.pdbx_pd_Fsqrd_R_factor                   ? 
_refine.pdbx_pd_ls_matrix_band_width             ? 
_refine.pdbx_overall_phase_error                 ? 
_refine.pdbx_overall_SU_R_free_Cruickshank_DPI   ? 
_refine.pdbx_overall_SU_R_free_Blow_DPI          ? 
_refine.pdbx_overall_SU_R_Blow_DPI               ? 
_refine.pdbx_TLS_residual_ADP_flag               ? 
_refine.pdbx_diffrn_id                           1 
_refine.overall_SU_B                             4.050 
_refine.overall_SU_ML                            0.101 
_refine.overall_SU_R_Cruickshank_DPI             ? 
_refine.overall_SU_R_free                        ? 
_refine.overall_FOM_free_R_set                   ? 
_refine.overall_FOM_work_R_set                   ? 
_refine.pdbx_average_fsc_overall                 ? 
_refine.pdbx_average_fsc_work                    ? 
_refine.pdbx_average_fsc_free                    ? 
# 
_refine_hist.pdbx_refine_id                   'X-RAY DIFFRACTION' 
_refine_hist.cycle_id                         1 
_refine_hist.details                          ? 
_refine_hist.d_res_high                       2.08 
_refine_hist.d_res_low                        38.48 
_refine_hist.number_atoms_solvent             73 
_refine_hist.number_atoms_total               663 
_refine_hist.number_reflns_all                ? 
_refine_hist.number_reflns_obs                ? 
_refine_hist.number_reflns_R_free             ? 
_refine_hist.number_reflns_R_work             ? 
_refine_hist.R_factor_all                     ? 
_refine_hist.R_factor_obs                     ? 
_refine_hist.R_factor_R_free                  ? 
_refine_hist.R_factor_R_work                  ? 
_refine_hist.pdbx_number_residues_total       ? 
_refine_hist.pdbx_B_iso_mean_ligand           ? 
_refine_hist.pdbx_B_iso_mean_solvent          ? 
_refine_hist.pdbx_number_atoms_protein        0 
_refine_hist.pdbx_number_atoms_nucleic_acid   404 
_refine_hist.pdbx_number_atoms_ligand         186 
_refine_hist.pdbx_number_atoms_lipid          ? 
_refine_hist.pdbx_number_atoms_carb           ? 
_refine_hist.pdbx_pseudo_atom_details         ? 
# 
loop_
_refine_ls_restr.pdbx_refine_id 
_refine_ls_restr.criterion 
_refine_ls_restr.dev_ideal 
_refine_ls_restr.dev_ideal_target 
_refine_ls_restr.number 
_refine_ls_restr.rejects 
_refine_ls_restr.type 
_refine_ls_restr.weight 
_refine_ls_restr.pdbx_restraint_function 
'X-RAY DIFFRACTION' ? 0.005 0.014  674 ? r_bond_refined_d             ? ? 
'X-RAY DIFFRACTION' ? 0.002 0.020  378 ? r_bond_other_d               ? ? 
'X-RAY DIFFRACTION' ? 1.186 1.711  988 ? r_angle_refined_deg          ? ? 
'X-RAY DIFFRACTION' ? 1.214 3.000  896 ? r_angle_other_deg            ? ? 
'X-RAY DIFFRACTION' ? ?     ?      ?   ? r_dihedral_angle_1_deg       ? ? 
'X-RAY DIFFRACTION' ? ?     ?      ?   ? r_dihedral_angle_2_deg       ? ? 
'X-RAY DIFFRACTION' ? ?     ?      ?   ? r_dihedral_angle_3_deg       ? ? 
'X-RAY DIFFRACTION' ? ?     ?      ?   ? r_dihedral_angle_4_deg       ? ? 
'X-RAY DIFFRACTION' ? 0.050 0.200  108 ? r_chiral_restr               ? ? 
'X-RAY DIFFRACTION' ? 0.009 0.020  326 ? r_gen_planes_refined         ? ? 
'X-RAY DIFFRACTION' ? 0.002 0.020  122 ? r_gen_planes_other           ? ? 
'X-RAY DIFFRACTION' ? ?     ?      ?   ? r_nbd_refined                ? ? 
'X-RAY DIFFRACTION' ? ?     ?      ?   ? r_nbd_other                  ? ? 
'X-RAY DIFFRACTION' ? ?     ?      ?   ? r_nbtor_refined              ? ? 
'X-RAY DIFFRACTION' ? ?     ?      ?   ? r_nbtor_other                ? ? 
'X-RAY DIFFRACTION' ? ?     ?      ?   ? r_xyhbond_nbd_refined        ? ? 
'X-RAY DIFFRACTION' ? ?     ?      ?   ? r_xyhbond_nbd_other          ? ? 
'X-RAY DIFFRACTION' ? ?     ?      ?   ? r_metal_ion_refined          ? ? 
'X-RAY DIFFRACTION' ? ?     ?      ?   ? r_metal_ion_other            ? ? 
'X-RAY DIFFRACTION' ? ?     ?      ?   ? r_symmetry_vdw_refined       ? ? 
'X-RAY DIFFRACTION' ? ?     ?      ?   ? r_symmetry_vdw_other         ? ? 
'X-RAY DIFFRACTION' ? ?     ?      ?   ? r_symmetry_hbond_refined     ? ? 
'X-RAY DIFFRACTION' ? ?     ?      ?   ? r_symmetry_hbond_other       ? ? 
'X-RAY DIFFRACTION' ? ?     ?      ?   ? r_symmetry_metal_ion_refined ? ? 
'X-RAY DIFFRACTION' ? ?     ?      ?   ? r_symmetry_metal_ion_other   ? ? 
'X-RAY DIFFRACTION' ? ?     ?      ?   ? r_mcbond_it                  ? ? 
'X-RAY DIFFRACTION' ? ?     ?      ?   ? r_mcbond_other               ? ? 
'X-RAY DIFFRACTION' ? ?     ?      ?   ? r_mcangle_it                 ? ? 
'X-RAY DIFFRACTION' ? ?     ?      ?   ? r_mcangle_other              ? ? 
'X-RAY DIFFRACTION' ? 3.477 4.429  674 ? r_scbond_it                  ? ? 
'X-RAY DIFFRACTION' ? 3.462 4.414  656 ? r_scbond_other               ? ? 
'X-RAY DIFFRACTION' ? ?     ?      ?   ? r_scangle_it                 ? ? 
'X-RAY DIFFRACTION' ? 3.082 6.625  989 ? r_scangle_other              ? ? 
'X-RAY DIFFRACTION' ? 7.030 42.763 971 ? r_long_range_B_refined       ? ? 
'X-RAY DIFFRACTION' ? 6.926 42.204 955 ? r_long_range_B_other         ? ? 
'X-RAY DIFFRACTION' ? ?     ?      ?   ? r_rigid_bond_restr           ? ? 
'X-RAY DIFFRACTION' ? ?     ?      ?   ? r_sphericity_free            ? ? 
'X-RAY DIFFRACTION' ? ?     ?      ?   ? r_sphericity_bonded          ? ? 
# 
_refine_ls_shell.pdbx_refine_id                   'X-RAY DIFFRACTION' 
_refine_ls_shell.d_res_high                       2.082 
_refine_ls_shell.d_res_low                        2.136 
_refine_ls_shell.number_reflns_all                ? 
_refine_ls_shell.number_reflns_obs                ? 
_refine_ls_shell.number_reflns_R_free             25 
_refine_ls_shell.number_reflns_R_work             628 
_refine_ls_shell.percent_reflns_obs               100.00 
_refine_ls_shell.percent_reflns_R_free            ? 
_refine_ls_shell.R_factor_all                     ? 
_refine_ls_shell.R_factor_obs                     ? 
_refine_ls_shell.R_factor_R_free_error            ? 
_refine_ls_shell.R_factor_R_work                  0.294 
_refine_ls_shell.redundancy_reflns_all            ? 
_refine_ls_shell.redundancy_reflns_obs            ? 
_refine_ls_shell.wR_factor_all                    ? 
_refine_ls_shell.wR_factor_obs                    ? 
_refine_ls_shell.wR_factor_R_free                 ? 
_refine_ls_shell.wR_factor_R_work                 ? 
_refine_ls_shell.pdbx_R_complete                  ? 
_refine_ls_shell.pdbx_total_number_of_bins_used   20 
_refine_ls_shell.pdbx_phase_error                 ? 
_refine_ls_shell.pdbx_fsc_work                    ? 
_refine_ls_shell.pdbx_fsc_free                    ? 
_refine_ls_shell.R_factor_R_free                  0.357 
# 
_struct.entry_id                     9MP1 
_struct.title                        
'Crystal structure of mithramycin analogue MTM SA-7-methyl-Trp in complex with double-stranded DNA AGAGGCCTCT' 
_struct.pdbx_model_details           ? 
_struct.pdbx_formula_weight          ? 
_struct.pdbx_formula_weight_method   ? 
_struct.pdbx_model_type_details      ? 
_struct.pdbx_CASP_flag               N 
# 
_struct_keywords.entry_id        9MP1 
_struct_keywords.text            'DNA-drug complex, transcription, minor groove, natural product, DNA' 
_struct_keywords.pdbx_keywords   DNA 
# 
loop_
_struct_asym.id 
_struct_asym.pdbx_blank_PDB_chainid_flag 
_struct_asym.pdbx_modified 
_struct_asym.entity_id 
_struct_asym.details 
A N N 1 ? 
B N N 1 ? 
C N N 2 ? 
D N N 3 ? 
E N N 3 ? 
F N N 3 ? 
G N N 3 ? 
H N N 4 ? 
I N N 4 ? 
J N N 4 ? 
K N N 2 ? 
L N N 3 ? 
M N N 3 ? 
N N N 3 ? 
O N N 5 ? 
P N N 5 ? 
# 
_struct_ref.id                         1 
_struct_ref.db_name                    PDB 
_struct_ref.db_code                    9MP1 
_struct_ref.pdbx_db_accession          9MP1 
_struct_ref.pdbx_db_isoform            ? 
_struct_ref.entity_id                  1 
_struct_ref.pdbx_seq_one_letter_code   ? 
_struct_ref.pdbx_align_begin           1 
# 
loop_
_struct_ref_seq.align_id 
_struct_ref_seq.ref_id 
_struct_ref_seq.pdbx_PDB_id_code 
_struct_ref_seq.pdbx_strand_id 
_struct_ref_seq.seq_align_beg 
_struct_ref_seq.pdbx_seq_align_beg_ins_code 
_struct_ref_seq.seq_align_end 
_struct_ref_seq.pdbx_seq_align_end_ins_code 
_struct_ref_seq.pdbx_db_accession 
_struct_ref_seq.db_align_beg 
_struct_ref_seq.pdbx_db_align_beg_ins_code 
_struct_ref_seq.db_align_end 
_struct_ref_seq.pdbx_db_align_end_ins_code 
_struct_ref_seq.pdbx_auth_seq_align_beg 
_struct_ref_seq.pdbx_auth_seq_align_end 
1 1 9MP1 A 1 ? 10 ? 9MP1 1 ? 10 ? 1 10 
2 1 9MP1 B 1 ? 10 ? 9MP1 1 ? 10 ? 1 10 
# 
_pdbx_struct_assembly.id                   1 
_pdbx_struct_assembly.details              author_and_software_defined_assembly 
_pdbx_struct_assembly.method_details       PISA 
_pdbx_struct_assembly.oligomeric_details   dimeric 
_pdbx_struct_assembly.oligomeric_count     2 
# 
loop_
_pdbx_struct_assembly_prop.biol_id 
_pdbx_struct_assembly_prop.type 
_pdbx_struct_assembly_prop.value 
_pdbx_struct_assembly_prop.details 
1 'ABSA (A^2)' 2810 ? 
1 MORE         -245 ? 
1 'SSA (A^2)'  4610 ? 
# 
_pdbx_struct_assembly_gen.assembly_id       1 
_pdbx_struct_assembly_gen.oper_expression   1 
_pdbx_struct_assembly_gen.asym_id_list      A,B,C,D,E,F,G,H,I,J,K,L,M,N,O,P 
# 
_pdbx_struct_assembly_auth_evidence.id                     1 
_pdbx_struct_assembly_auth_evidence.assembly_id            1 
_pdbx_struct_assembly_auth_evidence.experimental_support   'assay for oligomerization' 
_pdbx_struct_assembly_auth_evidence.details                ? 
# 
_pdbx_struct_oper_list.id                   1 
_pdbx_struct_oper_list.type                 'identity operation' 
_pdbx_struct_oper_list.name                 1_555 
_pdbx_struct_oper_list.symmetry_operation   x,y,z 
_pdbx_struct_oper_list.matrix[1][1]         1.0000000000 
_pdbx_struct_oper_list.matrix[1][2]         0.0000000000 
_pdbx_struct_oper_list.matrix[1][3]         0.0000000000 
_pdbx_struct_oper_list.vector[1]            0.0000000000 
_pdbx_struct_oper_list.matrix[2][1]         0.0000000000 
_pdbx_struct_oper_list.matrix[2][2]         1.0000000000 
_pdbx_struct_oper_list.matrix[2][3]         0.0000000000 
_pdbx_struct_oper_list.vector[2]            0.0000000000 
_pdbx_struct_oper_list.matrix[3][1]         0.0000000000 
_pdbx_struct_oper_list.matrix[3][2]         0.0000000000 
_pdbx_struct_oper_list.matrix[3][3]         1.0000000000 
_pdbx_struct_oper_list.vector[3]            0.0000000000 
# 
loop_
_struct_conn.id 
_struct_conn.conn_type_id 
_struct_conn.pdbx_leaving_atom_flag 
_struct_conn.pdbx_PDB_id 
_struct_conn.ptnr1_label_asym_id 
_struct_conn.ptnr1_label_comp_id 
_struct_conn.ptnr1_label_seq_id 
_struct_conn.ptnr1_label_atom_id 
_struct_conn.pdbx_ptnr1_label_alt_id 
_struct_conn.pdbx_ptnr1_PDB_ins_code 
_struct_conn.pdbx_ptnr1_standard_comp_id 
_struct_conn.ptnr1_symmetry 
_struct_conn.ptnr2_label_asym_id 
_struct_conn.ptnr2_label_comp_id 
_struct_conn.ptnr2_label_seq_id 
_struct_conn.ptnr2_label_atom_id 
_struct_conn.pdbx_ptnr2_label_alt_id 
_struct_conn.pdbx_ptnr2_PDB_ins_code 
_struct_conn.ptnr1_auth_asym_id 
_struct_conn.ptnr1_auth_comp_id 
_struct_conn.ptnr1_auth_seq_id 
_struct_conn.ptnr2_auth_asym_id 
_struct_conn.ptnr2_auth_comp_id 
_struct_conn.ptnr2_auth_seq_id 
_struct_conn.ptnr2_symmetry 
_struct_conn.pdbx_ptnr3_label_atom_id 
_struct_conn.pdbx_ptnr3_label_seq_id 
_struct_conn.pdbx_ptnr3_label_comp_id 
_struct_conn.pdbx_ptnr3_label_asym_id 
_struct_conn.pdbx_ptnr3_label_alt_id 
_struct_conn.pdbx_ptnr3_PDB_ins_code 
_struct_conn.details 
_struct_conn.pdbx_dist_value 
_struct_conn.pdbx_value_order 
_struct_conn.pdbx_role 
metalc1  metalc ? ? A DA    1  N7    ? ? ? 1_555 E ZN    .  ZN  ? ? A DA    1   A ZN    103 1_555  ? ? ? ? ? ? ?            2.085 
? ? 
metalc2  metalc ? ? A DA    1  "O5'" ? ? ? 1_555 I NA    .  NA  ? ? A DA    1   A NA    107 1_555  ? ? ? ? ? ? ?            2.827 
? ? 
metalc3  metalc ? ? A DG    2  OP2   ? ? ? 1_555 I NA    .  NA  ? ? A DG    2   A NA    107 1_555  ? ? ? ? ? ? ?            2.705 
? ? 
metalc4  metalc ? ? A DG    4  N7    ? ? ? 1_555 G ZN    .  ZN  ? ? A DG    4   A ZN    105 1_555  ? ? ? ? ? ? ?            2.079 
? ? 
metalc5  metalc ? ? A DG    4  OP1   ? ? ? 1_555 J NA    .  NA  ? ? A DG    4   A NA    108 1_555  ? ? ? ? ? ? ?            2.851 
? ? 
metalc6  metalc ? ? A DG    5  N7    ? ? ? 1_555 F ZN    .  ZN  ? ? A DG    5   A ZN    104 1_555  ? ? ? ? ? ? ?            2.075 
? ? 
metalc7  metalc ? ? A DG    5  OP2   ? ? ? 1_555 H NA    .  NA  ? ? A DG    5   A NA    106 1_555  ? ? ? ? ? ? ?            2.596 
? ? 
metalc8  metalc ? ? A DG    5  "O5'" ? ? ? 1_555 H NA    .  NA  ? ? A DG    5   A NA    106 1_555  ? ? ? ? ? ? ?            2.886 
? ? 
metalc9  metalc ? ? C A1BNK .  O14   ? ? ? 1_555 D ZN    .  ZN  ? ? A A1BNK 101 A ZN    102 1_555  ? ? ? ? ? ? ?            2.070 
? ? 
metalc10 metalc ? ? C A1BNK .  O15   ? ? ? 1_555 D ZN    .  ZN  ? ? A A1BNK 101 A ZN    102 1_555  ? ? ? ? ? ? ?            2.042 
? ? 
metalc11 metalc ? ? D ZN    .  ZN    ? ? ? 1_555 O HOH   .  O   ? ? A ZN    102 A HOH   206 1_555  ? ? ? ? ? ? ?            2.074 
? ? 
metalc12 metalc ? ? D ZN    .  ZN    ? ? ? 1_555 K A1BNK .  O14 ? ? A ZN    102 B A1BNK 101 1_555  ? ? ? ? ? ? ?            2.062 
? ? 
metalc13 metalc ? ? D ZN    .  ZN    ? ? ? 1_555 K A1BNK .  O15 ? ? A ZN    102 B A1BNK 101 1_555  ? ? ? ? ? ? ?            2.041 
? ? 
metalc14 metalc ? ? D ZN    .  ZN    ? ? ? 1_555 P HOH   .  O   ? ? A ZN    102 B HOH   204 1_555  ? ? ? ? ? ? ?            2.075 
? ? 
metalc15 metalc ? ? E ZN    .  ZN    ? ? ? 1_555 O HOH   .  O   ? ? A ZN    103 A HOH   219 1_555  ? ? ? ? ? ? ?            2.069 
? ? 
metalc16 metalc ? ? E ZN    .  ZN    ? ? ? 1_555 O HOH   .  O   ? ? A ZN    103 A HOH   220 21_455 ? ? ? ? ? ? ?            2.044 
? ? 
metalc17 metalc ? ? E ZN    .  ZN    ? ? ? 1_555 O HOH   .  O   ? ? A ZN    103 A HOH   223 1_555  ? ? ? ? ? ? ?            2.049 
? ? 
metalc18 metalc ? ? E ZN    .  ZN    ? ? ? 1_555 O HOH   .  O   ? ? A ZN    103 A HOH   227 1_555  ? ? ? ? ? ? ?            2.069 
? ? 
metalc19 metalc ? ? E ZN    .  ZN    ? ? ? 1_555 O HOH   .  O   ? ? A ZN    103 A HOH   235 1_555  ? ? ? ? ? ? ?            2.066 
? ? 
metalc20 metalc ? ? F ZN    .  ZN    ? ? ? 1_555 O HOH   .  O   ? ? A ZN    104 A HOH   228 1_555  ? ? ? ? ? ? ?            2.068 
? ? 
metalc21 metalc ? ? G ZN    .  ZN    ? ? ? 1_555 O HOH   .  O   ? ? A ZN    105 A HOH   234 1_555  ? ? ? ? ? ? ?            2.065 
? ? 
metalc22 metalc ? ? B DA    1  N7    ? ? ? 1_555 M ZN    .  ZN  ? ? B DA    1   B ZN    103 1_555  ? ? ? ? ? ? ?            2.080 
? ? 
metalc23 metalc ? ? B DA    3  N7    ? ? ? 1_555 N ZN    .  ZN  ? ? B DA    3   B ZN    104 1_555  ? ? ? ? ? ? ?            2.237 
? ? 
metalc24 metalc ? ? B DG    4  N7    ? ? ? 1_555 L ZN    .  ZN  ? ? B DG    4   B ZN    102 1_555  ? ? ? ? ? ? ?            2.090 
? ? 
metalc25 metalc ? ? L ZN    .  ZN    ? ? ? 1_555 P HOH   .  O   ? ? B ZN    102 B HOH   211 1_555  ? ? ? ? ? ? ?            2.064 
? ? 
metalc26 metalc ? ? L ZN    .  ZN    ? ? ? 1_555 P HOH   .  O   ? ? B ZN    102 B HOH   215 1_555  ? ? ? ? ? ? ?            2.070 
? ? 
metalc27 metalc ? ? L ZN    .  ZN    ? ? ? 1_555 P HOH   .  O   ? ? B ZN    102 B HOH   223 1_555  ? ? ? ? ? ? ?            2.065 
? ? 
metalc28 metalc ? ? L ZN    .  ZN    ? ? ? 1_555 P HOH   .  O   ? ? B ZN    102 B HOH   227 1_555  ? ? ? ? ? ? ?            2.076 
? ? 
metalc29 metalc ? ? L ZN    .  ZN    ? ? ? 1_555 P HOH   .  O   ? ? B ZN    102 B HOH   234 1_555  ? ? ? ? ? ? ?            2.067 
? ? 
metalc30 metalc ? ? M ZN    .  ZN    ? ? ? 1_555 P HOH   .  O   ? ? B ZN    103 B HOH   219 23_545 ? ? ? ? ? ? ?            2.045 
? ? 
metalc31 metalc ? ? M ZN    .  ZN    ? ? ? 1_555 P HOH   .  O   ? ? B ZN    103 B HOH   225 1_555  ? ? ? ? ? ? ?            2.084 
? ? 
metalc32 metalc ? ? M ZN    .  ZN    ? ? ? 1_555 P HOH   .  O   ? ? B ZN    103 B HOH   226 1_555  ? ? ? ? ? ? ?            2.046 
? ? 
metalc33 metalc ? ? M ZN    .  ZN    ? ? ? 1_555 P HOH   .  O   ? ? B ZN    103 B HOH   228 1_555  ? ? ? ? ? ? ?            2.068 
? ? 
metalc34 metalc ? ? M ZN    .  ZN    ? ? ? 1_555 P HOH   .  O   ? ? B ZN    103 B HOH   233 1_555  ? ? ? ? ? ? ?            2.057 
? ? 
hydrog1  hydrog ? ? A DA    1  N1    ? ? ? 1_555 B DT    10 N3  ? ? A DA    1   B DT    10  1_555  ? ? ? ? ? ? WATSON-CRICK ?     
? ? 
hydrog2  hydrog ? ? A DA    1  N6    ? ? ? 1_555 B DT    10 O4  ? ? A DA    1   B DT    10  1_555  ? ? ? ? ? ? WATSON-CRICK ?     
? ? 
hydrog3  hydrog ? ? A DG    2  N1    ? ? ? 1_555 B DC    9  N3  ? ? A DG    2   B DC    9   1_555  ? ? ? ? ? ? WATSON-CRICK ?     
? ? 
hydrog4  hydrog ? ? A DG    2  N2    ? ? ? 1_555 B DC    9  O2  ? ? A DG    2   B DC    9   1_555  ? ? ? ? ? ? WATSON-CRICK ?     
? ? 
hydrog5  hydrog ? ? A DG    2  O6    ? ? ? 1_555 B DC    9  N4  ? ? A DG    2   B DC    9   1_555  ? ? ? ? ? ? WATSON-CRICK ?     
? ? 
hydrog6  hydrog ? ? A DA    3  N1    ? ? ? 1_555 B DT    8  N3  ? ? A DA    3   B DT    8   1_555  ? ? ? ? ? ? WATSON-CRICK ?     
? ? 
hydrog7  hydrog ? ? A DA    3  N6    ? ? ? 1_555 B DT    8  O4  ? ? A DA    3   B DT    8   1_555  ? ? ? ? ? ? WATSON-CRICK ?     
? ? 
hydrog8  hydrog ? ? A DG    4  N1    ? ? ? 1_555 B DC    7  N3  ? ? A DG    4   B DC    7   1_555  ? ? ? ? ? ? WATSON-CRICK ?     
? ? 
hydrog9  hydrog ? ? A DG    4  N2    ? ? ? 1_555 B DC    7  O2  ? ? A DG    4   B DC    7   1_555  ? ? ? ? ? ? WATSON-CRICK ?     
? ? 
hydrog10 hydrog ? ? A DG    4  O6    ? ? ? 1_555 B DC    7  N4  ? ? A DG    4   B DC    7   1_555  ? ? ? ? ? ? WATSON-CRICK ?     
? ? 
hydrog11 hydrog ? ? A DG    5  N1    ? ? ? 1_555 B DC    6  N3  ? ? A DG    5   B DC    6   1_555  ? ? ? ? ? ? WATSON-CRICK ?     
? ? 
hydrog12 hydrog ? ? A DG    5  N2    ? ? ? 1_555 B DC    6  O2  ? ? A DG    5   B DC    6   1_555  ? ? ? ? ? ? WATSON-CRICK ?     
? ? 
hydrog13 hydrog ? ? A DG    5  O6    ? ? ? 1_555 B DC    6  N4  ? ? A DG    5   B DC    6   1_555  ? ? ? ? ? ? WATSON-CRICK ?     
? ? 
hydrog14 hydrog ? ? A DC    6  N3    ? ? ? 1_555 B DG    5  N1  ? ? A DC    6   B DG    5   1_555  ? ? ? ? ? ? WATSON-CRICK ?     
? ? 
hydrog15 hydrog ? ? A DC    6  N4    ? ? ? 1_555 B DG    5  O6  ? ? A DC    6   B DG    5   1_555  ? ? ? ? ? ? WATSON-CRICK ?     
? ? 
hydrog16 hydrog ? ? A DC    6  O2    ? ? ? 1_555 B DG    5  N2  ? ? A DC    6   B DG    5   1_555  ? ? ? ? ? ? WATSON-CRICK ?     
? ? 
hydrog17 hydrog ? ? A DC    7  N3    ? ? ? 1_555 B DG    4  N1  ? ? A DC    7   B DG    4   1_555  ? ? ? ? ? ? WATSON-CRICK ?     
? ? 
hydrog18 hydrog ? ? A DC    7  N4    ? ? ? 1_555 B DG    4  O6  ? ? A DC    7   B DG    4   1_555  ? ? ? ? ? ? WATSON-CRICK ?     
? ? 
hydrog19 hydrog ? ? A DC    7  O2    ? ? ? 1_555 B DG    4  N2  ? ? A DC    7   B DG    4   1_555  ? ? ? ? ? ? WATSON-CRICK ?     
? ? 
hydrog20 hydrog ? ? A DT    8  N3    ? ? ? 1_555 B DA    3  N1  ? ? A DT    8   B DA    3   1_555  ? ? ? ? ? ? WATSON-CRICK ?     
? ? 
hydrog21 hydrog ? ? A DT    8  O4    ? ? ? 1_555 B DA    3  N6  ? ? A DT    8   B DA    3   1_555  ? ? ? ? ? ? WATSON-CRICK ?     
? ? 
hydrog22 hydrog ? ? A DC    9  N3    ? ? ? 1_555 B DG    2  N1  ? ? A DC    9   B DG    2   1_555  ? ? ? ? ? ? WATSON-CRICK ?     
? ? 
hydrog23 hydrog ? ? A DC    9  N4    ? ? ? 1_555 B DG    2  O6  ? ? A DC    9   B DG    2   1_555  ? ? ? ? ? ? WATSON-CRICK ?     
? ? 
hydrog24 hydrog ? ? A DC    9  O2    ? ? ? 1_555 B DG    2  N2  ? ? A DC    9   B DG    2   1_555  ? ? ? ? ? ? WATSON-CRICK ?     
? ? 
hydrog25 hydrog ? ? A DT    10 N3    ? ? ? 1_555 B DA    1  N1  ? ? A DT    10  B DA    1   1_555  ? ? ? ? ? ? WATSON-CRICK ?     
? ? 
hydrog26 hydrog ? ? A DT    10 O4    ? ? ? 1_555 B DA    1  N6  ? ? A DT    10  B DA    1   1_555  ? ? ? ? ? ? WATSON-CRICK ?     
? ? 
# 
loop_
_struct_conn_type.id 
_struct_conn_type.criteria 
_struct_conn_type.reference 
metalc ? ? 
hydrog ? ? 
# 
loop_
_pdbx_struct_conn_angle.id 
_pdbx_struct_conn_angle.ptnr1_label_atom_id 
_pdbx_struct_conn_angle.ptnr1_label_alt_id 
_pdbx_struct_conn_angle.ptnr1_label_asym_id 
_pdbx_struct_conn_angle.ptnr1_label_comp_id 
_pdbx_struct_conn_angle.ptnr1_label_seq_id 
_pdbx_struct_conn_angle.ptnr1_auth_atom_id 
_pdbx_struct_conn_angle.ptnr1_auth_asym_id 
_pdbx_struct_conn_angle.ptnr1_auth_comp_id 
_pdbx_struct_conn_angle.ptnr1_auth_seq_id 
_pdbx_struct_conn_angle.ptnr1_PDB_ins_code 
_pdbx_struct_conn_angle.ptnr1_symmetry 
_pdbx_struct_conn_angle.ptnr2_label_atom_id 
_pdbx_struct_conn_angle.ptnr2_label_alt_id 
_pdbx_struct_conn_angle.ptnr2_label_asym_id 
_pdbx_struct_conn_angle.ptnr2_label_comp_id 
_pdbx_struct_conn_angle.ptnr2_label_seq_id 
_pdbx_struct_conn_angle.ptnr2_auth_atom_id 
_pdbx_struct_conn_angle.ptnr2_auth_asym_id 
_pdbx_struct_conn_angle.ptnr2_auth_comp_id 
_pdbx_struct_conn_angle.ptnr2_auth_seq_id 
_pdbx_struct_conn_angle.ptnr2_PDB_ins_code 
_pdbx_struct_conn_angle.ptnr2_symmetry 
_pdbx_struct_conn_angle.ptnr3_label_atom_id 
_pdbx_struct_conn_angle.ptnr3_label_alt_id 
_pdbx_struct_conn_angle.ptnr3_label_asym_id 
_pdbx_struct_conn_angle.ptnr3_label_comp_id 
_pdbx_struct_conn_angle.ptnr3_label_seq_id 
_pdbx_struct_conn_angle.ptnr3_auth_atom_id 
_pdbx_struct_conn_angle.ptnr3_auth_asym_id 
_pdbx_struct_conn_angle.ptnr3_auth_comp_id 
_pdbx_struct_conn_angle.ptnr3_auth_seq_id 
_pdbx_struct_conn_angle.ptnr3_PDB_ins_code 
_pdbx_struct_conn_angle.ptnr3_symmetry 
_pdbx_struct_conn_angle.value 
_pdbx_struct_conn_angle.value_esd 
1  N7    ? A DA    1 ? A DA    1   ? 1_555  ZN ? E ZN . ? A ZN 103 ? 1_555 O     ? O HOH   . ? A HOH   219 ? 1_555  100.9 ? 
2  N7    ? A DA    1 ? A DA    1   ? 1_555  ZN ? E ZN . ? A ZN 103 ? 1_555 O     ? O HOH   . ? A HOH   220 ? 21_455 96.8  ? 
3  O     ? O HOH   . ? A HOH   219 ? 1_555  ZN ? E ZN . ? A ZN 103 ? 1_555 O     ? O HOH   . ? A HOH   220 ? 21_455 93.2  ? 
4  N7    ? A DA    1 ? A DA    1   ? 1_555  ZN ? E ZN . ? A ZN 103 ? 1_555 O     ? O HOH   . ? A HOH   223 ? 1_555  86.4  ? 
5  O     ? O HOH   . ? A HOH   219 ? 1_555  ZN ? E ZN . ? A ZN 103 ? 1_555 O     ? O HOH   . ? A HOH   223 ? 1_555  93.6  ? 
6  O     ? O HOH   . ? A HOH   220 ? 21_455 ZN ? E ZN . ? A ZN 103 ? 1_555 O     ? O HOH   . ? A HOH   223 ? 1_555  171.8 ? 
7  N7    ? A DA    1 ? A DA    1   ? 1_555  ZN ? E ZN . ? A ZN 103 ? 1_555 O     ? O HOH   . ? A HOH   227 ? 1_555  89.1  ? 
8  O     ? O HOH   . ? A HOH   219 ? 1_555  ZN ? E ZN . ? A ZN 103 ? 1_555 O     ? O HOH   . ? A HOH   227 ? 1_555  168.9 ? 
9  O     ? O HOH   . ? A HOH   220 ? 21_455 ZN ? E ZN . ? A ZN 103 ? 1_555 O     ? O HOH   . ? A HOH   227 ? 1_555  90.3  ? 
10 O     ? O HOH   . ? A HOH   223 ? 1_555  ZN ? E ZN . ? A ZN 103 ? 1_555 O     ? O HOH   . ? A HOH   227 ? 1_555  82.2  ? 
11 N7    ? A DA    1 ? A DA    1   ? 1_555  ZN ? E ZN . ? A ZN 103 ? 1_555 O     ? O HOH   . ? A HOH   235 ? 1_555  176.8 ? 
12 O     ? O HOH   . ? A HOH   219 ? 1_555  ZN ? E ZN . ? A ZN 103 ? 1_555 O     ? O HOH   . ? A HOH   235 ? 1_555  81.5  ? 
13 O     ? O HOH   . ? A HOH   220 ? 21_455 ZN ? E ZN . ? A ZN 103 ? 1_555 O     ? O HOH   . ? A HOH   235 ? 1_555  85.1  ? 
14 O     ? O HOH   . ? A HOH   223 ? 1_555  ZN ? E ZN . ? A ZN 103 ? 1_555 O     ? O HOH   . ? A HOH   235 ? 1_555  91.4  ? 
15 O     ? O HOH   . ? A HOH   227 ? 1_555  ZN ? E ZN . ? A ZN 103 ? 1_555 O     ? O HOH   . ? A HOH   235 ? 1_555  88.3  ? 
16 "O5'" ? A DA    1 ? A DA    1   ? 1_555  NA ? I NA . ? A NA 107 ? 1_555 OP2   ? A DG    2 ? A DG    2   ? 1_555  91.6  ? 
17 N7    ? A DG    4 ? A DG    4   ? 1_555  ZN ? G ZN . ? A ZN 105 ? 1_555 O     ? O HOH   . ? A HOH   234 ? 1_555  166.8 ? 
18 N7    ? A DG    5 ? A DG    5   ? 1_555  ZN ? F ZN . ? A ZN 104 ? 1_555 O     ? O HOH   . ? A HOH   228 ? 1_555  113.3 ? 
19 OP2   ? A DG    5 ? A DG    5   ? 1_555  NA ? H NA . ? A NA 106 ? 1_555 "O5'" ? A DG    5 ? A DG    5   ? 1_555  52.3  ? 
20 O14   ? C A1BNK . ? A A1BNK 101 ? 1_555  ZN ? D ZN . ? A ZN 102 ? 1_555 O15   ? C A1BNK . ? A A1BNK 101 ? 1_555  78.2  ? 
21 O14   ? C A1BNK . ? A A1BNK 101 ? 1_555  ZN ? D ZN . ? A ZN 102 ? 1_555 O     ? O HOH   . ? A HOH   206 ? 1_555  93.9  ? 
22 O15   ? C A1BNK . ? A A1BNK 101 ? 1_555  ZN ? D ZN . ? A ZN 102 ? 1_555 O     ? O HOH   . ? A HOH   206 ? 1_555  96.6  ? 
23 O14   ? C A1BNK . ? A A1BNK 101 ? 1_555  ZN ? D ZN . ? A ZN 102 ? 1_555 O14   ? K A1BNK . ? B A1BNK 101 ? 1_555  87.7  ? 
24 O15   ? C A1BNK . ? A A1BNK 101 ? 1_555  ZN ? D ZN . ? A ZN 102 ? 1_555 O14   ? K A1BNK . ? B A1BNK 101 ? 1_555  98.3  ? 
25 O     ? O HOH   . ? A HOH   206 ? 1_555  ZN ? D ZN . ? A ZN 102 ? 1_555 O14   ? K A1BNK . ? B A1BNK 101 ? 1_555  165.1 ? 
26 O14   ? C A1BNK . ? A A1BNK 101 ? 1_555  ZN ? D ZN . ? A ZN 102 ? 1_555 O15   ? K A1BNK . ? B A1BNK 101 ? 1_555  96.0  ? 
27 O15   ? C A1BNK . ? A A1BNK 101 ? 1_555  ZN ? D ZN . ? A ZN 102 ? 1_555 O15   ? K A1BNK . ? B A1BNK 101 ? 1_555  174.1 ? 
28 O     ? O HOH   . ? A HOH   206 ? 1_555  ZN ? D ZN . ? A ZN 102 ? 1_555 O15   ? K A1BNK . ? B A1BNK 101 ? 1_555  82.4  ? 
29 O14   ? K A1BNK . ? B A1BNK 101 ? 1_555  ZN ? D ZN . ? A ZN 102 ? 1_555 O15   ? K A1BNK . ? B A1BNK 101 ? 1_555  82.7  ? 
30 O14   ? C A1BNK . ? A A1BNK 101 ? 1_555  ZN ? D ZN . ? A ZN 102 ? 1_555 O     ? P HOH   . ? B HOH   204 ? 1_555  164.9 ? 
31 O15   ? C A1BNK . ? A A1BNK 101 ? 1_555  ZN ? D ZN . ? A ZN 102 ? 1_555 O     ? P HOH   . ? B HOH   204 ? 1_555  87.1  ? 
32 O     ? O HOH   . ? A HOH   206 ? 1_555  ZN ? D ZN . ? A ZN 102 ? 1_555 O     ? P HOH   . ? B HOH   204 ? 1_555  84.0  ? 
33 O14   ? K A1BNK . ? B A1BNK 101 ? 1_555  ZN ? D ZN . ? A ZN 102 ? 1_555 O     ? P HOH   . ? B HOH   204 ? 1_555  98.2  ? 
34 O15   ? K A1BNK . ? B A1BNK 101 ? 1_555  ZN ? D ZN . ? A ZN 102 ? 1_555 O     ? P HOH   . ? B HOH   204 ? 1_555  98.6  ? 
35 N7    ? B DA    1 ? B DA    1   ? 1_555  ZN ? M ZN . ? B ZN 103 ? 1_555 O     ? P HOH   . ? B HOH   219 ? 23_545 97.6  ? 
36 N7    ? B DA    1 ? B DA    1   ? 1_555  ZN ? M ZN . ? B ZN 103 ? 1_555 O     ? P HOH   . ? B HOH   225 ? 1_555  92.7  ? 
37 O     ? P HOH   . ? B HOH   219 ? 23_545 ZN ? M ZN . ? B ZN 103 ? 1_555 O     ? P HOH   . ? B HOH   225 ? 1_555  92.7  ? 
38 N7    ? B DA    1 ? B DA    1   ? 1_555  ZN ? M ZN . ? B ZN 103 ? 1_555 O     ? P HOH   . ? B HOH   226 ? 1_555  90.2  ? 
39 O     ? P HOH   . ? B HOH   219 ? 23_545 ZN ? M ZN . ? B ZN 103 ? 1_555 O     ? P HOH   . ? B HOH   226 ? 1_555  170.7 ? 
40 O     ? P HOH   . ? B HOH   225 ? 1_555  ZN ? M ZN . ? B ZN 103 ? 1_555 O     ? P HOH   . ? B HOH   226 ? 1_555  91.9  ? 
41 N7    ? B DA    1 ? B DA    1   ? 1_555  ZN ? M ZN . ? B ZN 103 ? 1_555 O     ? P HOH   . ? B HOH   228 ? 1_555  91.6  ? 
42 O     ? P HOH   . ? B HOH   219 ? 23_545 ZN ? M ZN . ? B ZN 103 ? 1_555 O     ? P HOH   . ? B HOH   228 ? 1_555  88.6  ? 
43 O     ? P HOH   . ? B HOH   225 ? 1_555  ZN ? M ZN . ? B ZN 103 ? 1_555 O     ? P HOH   . ? B HOH   228 ? 1_555  175.4 ? 
44 O     ? P HOH   . ? B HOH   226 ? 1_555  ZN ? M ZN . ? B ZN 103 ? 1_555 O     ? P HOH   . ? B HOH   228 ? 1_555  86.2  ? 
45 N7    ? B DA    1 ? B DA    1   ? 1_555  ZN ? M ZN . ? B ZN 103 ? 1_555 O     ? P HOH   . ? B HOH   233 ? 1_555  178.1 ? 
46 O     ? P HOH   . ? B HOH   219 ? 23_545 ZN ? M ZN . ? B ZN 103 ? 1_555 O     ? P HOH   . ? B HOH   233 ? 1_555  84.3  ? 
47 O     ? P HOH   . ? B HOH   225 ? 1_555  ZN ? M ZN . ? B ZN 103 ? 1_555 O     ? P HOH   . ? B HOH   233 ? 1_555  87.7  ? 
48 O     ? P HOH   . ? B HOH   226 ? 1_555  ZN ? M ZN . ? B ZN 103 ? 1_555 O     ? P HOH   . ? B HOH   233 ? 1_555  87.9  ? 
49 O     ? P HOH   . ? B HOH   228 ? 1_555  ZN ? M ZN . ? B ZN 103 ? 1_555 O     ? P HOH   . ? B HOH   233 ? 1_555  88.0  ? 
50 N7    ? B DG    4 ? B DG    4   ? 1_555  ZN ? L ZN . ? B ZN 102 ? 1_555 O     ? P HOH   . ? B HOH   211 ? 1_555  97.5  ? 
51 N7    ? B DG    4 ? B DG    4   ? 1_555  ZN ? L ZN . ? B ZN 102 ? 1_555 O     ? P HOH   . ? B HOH   215 ? 1_555  101.9 ? 
52 O     ? P HOH   . ? B HOH   211 ? 1_555  ZN ? L ZN . ? B ZN 102 ? 1_555 O     ? P HOH   . ? B HOH   215 ? 1_555  114.8 ? 
53 N7    ? B DG    4 ? B DG    4   ? 1_555  ZN ? L ZN . ? B ZN 102 ? 1_555 O     ? P HOH   . ? B HOH   223 ? 1_555  85.9  ? 
54 O     ? P HOH   . ? B HOH   211 ? 1_555  ZN ? L ZN . ? B ZN 102 ? 1_555 O     ? P HOH   . ? B HOH   223 ? 1_555  80.2  ? 
55 O     ? P HOH   . ? B HOH   215 ? 1_555  ZN ? L ZN . ? B ZN 102 ? 1_555 O     ? P HOH   . ? B HOH   223 ? 1_555  161.5 ? 
56 N7    ? B DG    4 ? B DG    4   ? 1_555  ZN ? L ZN . ? B ZN 102 ? 1_555 O     ? P HOH   . ? B HOH   227 ? 1_555  99.1  ? 
57 O     ? P HOH   . ? B HOH   211 ? 1_555  ZN ? L ZN . ? B ZN 102 ? 1_555 O     ? P HOH   . ? B HOH   227 ? 1_555  160.6 ? 
58 O     ? P HOH   . ? B HOH   215 ? 1_555  ZN ? L ZN . ? B ZN 102 ? 1_555 O     ? P HOH   . ? B HOH   227 ? 1_555  71.3  ? 
59 O     ? P HOH   . ? B HOH   223 ? 1_555  ZN ? L ZN . ? B ZN 102 ? 1_555 O     ? P HOH   . ? B HOH   227 ? 1_555  91.1  ? 
60 N7    ? B DG    4 ? B DG    4   ? 1_555  ZN ? L ZN . ? B ZN 102 ? 1_555 O     ? P HOH   . ? B HOH   234 ? 1_555  173.6 ? 
61 O     ? P HOH   . ? B HOH   211 ? 1_555  ZN ? L ZN . ? B ZN 102 ? 1_555 O     ? P HOH   . ? B HOH   234 ? 1_555  87.4  ? 
62 O     ? P HOH   . ? B HOH   215 ? 1_555  ZN ? L ZN . ? B ZN 102 ? 1_555 O     ? P HOH   . ? B HOH   234 ? 1_555  72.3  ? 
63 O     ? P HOH   . ? B HOH   223 ? 1_555  ZN ? L ZN . ? B ZN 102 ? 1_555 O     ? P HOH   . ? B HOH   234 ? 1_555  99.0  ? 
64 O     ? P HOH   . ? B HOH   227 ? 1_555  ZN ? L ZN . ? B ZN 102 ? 1_555 O     ? P HOH   . ? B HOH   234 ? 1_555  76.8  ? 
# 
_pdbx_entry_details.entry_id                   9MP1 
_pdbx_entry_details.nonpolymer_details         ? 
_pdbx_entry_details.sequence_details           ? 
_pdbx_entry_details.compound_details           ? 
_pdbx_entry_details.source_details             ? 
_pdbx_entry_details.has_ligand_of_interest     Y 
_pdbx_entry_details.has_protein_modification   N 
# 
loop_
_pdbx_distant_solvent_atoms.id 
_pdbx_distant_solvent_atoms.PDB_model_num 
_pdbx_distant_solvent_atoms.auth_atom_id 
_pdbx_distant_solvent_atoms.label_alt_id 
_pdbx_distant_solvent_atoms.auth_asym_id 
_pdbx_distant_solvent_atoms.auth_comp_id 
_pdbx_distant_solvent_atoms.auth_seq_id 
_pdbx_distant_solvent_atoms.PDB_ins_code 
_pdbx_distant_solvent_atoms.neighbor_macromolecule_distance 
_pdbx_distant_solvent_atoms.neighbor_ligand_distance 
1 1 O ? A HOH 237 ? 5.82 . 
2 1 O ? A HOH 238 ? 6.36 . 
# 
loop_
_chem_comp_atom.comp_id 
_chem_comp_atom.atom_id 
_chem_comp_atom.type_symbol 
_chem_comp_atom.pdbx_aromatic_flag 
_chem_comp_atom.pdbx_stereo_config 
_chem_comp_atom.pdbx_ordinal 
A1BNK O4     O  N N 1   
A1BNK O3     O  N N 2   
A1BNK O2     O  N N 3   
A1BNK C1     C  N S 4   
A1BNK C2     C  N N 5   
A1BNK C17    C  Y N 6   
A1BNK C18    C  Y N 7   
A1BNK C19    C  Y N 8   
A1BNK C      C  N R 9   
A1BNK C16    C  N N 10  
A1BNK C15    C  N N 11  
A1BNK C21    C  N S 12  
A1BNK C20    C  N N 13  
A1BNK O14    O  N N 14  
A1BNK C43    C  Y N 15  
A1BNK C42    C  Y N 16  
A1BNK C41    C  Y N 17  
A1BNK O15    O  N N 18  
A1BNK C44    C  Y N 19  
A1BNK C45    C  Y N 20  
A1BNK C58    C  Y N 21  
A1BNK C59    C  N N 22  
A1BNK C60    C  Y N 23  
A1BNK O23    O  N N 24  
A1BNK O16    O  N N 25  
A1BNK C9     C  Y N 26  
A1BNK C8     C  Y N 27  
A1BNK C7     C  Y N 28  
A1BNK C10    C  Y N 29  
A1BNK C5     C  Y N 30  
A1BNK C6     C  Y N 31  
A1BNK N1     N  Y N 32  
A1BNK C3     C  N S 33  
A1BNK C4     C  N N 34  
A1BNK N      N  N N 35  
A1BNK C11    C  Y N 36  
A1BNK C14    C  N N 37  
A1BNK C12    C  Y N 38  
A1BNK C13    C  N N 39  
A1BNK O1     O  N N 40  
A1BNK O      O  N N 41  
A1BNK C61    C  N N 42  
A1BNK C46    C  N S 43  
A1BNK C47    C  N N 44  
A1BNK C48    C  N R 45  
A1BNK C49    C  N R 46  
A1BNK C50    C  N R 47  
A1BNK C51    C  N N 48  
A1BNK O17    O  N N 49  
A1BNK O19    O  N N 50  
A1BNK O18    O  N N 51  
A1BNK C52    C  N S 52  
A1BNK C53    C  N N 53  
A1BNK C54    C  N R 54  
A1BNK C55    C  N S 55  
A1BNK C56    C  N R 56  
A1BNK C57    C  N N 57  
A1BNK O20    O  N N 58  
A1BNK O22    O  N N 59  
A1BNK O21    O  N N 60  
A1BNK C22    C  N S 61  
A1BNK C23    C  N N 62  
A1BNK C24    C  N R 63  
A1BNK C25    C  N R 64  
A1BNK C26    C  N R 65  
A1BNK C27    C  N N 66  
A1BNK O5     O  N N 67  
A1BNK O7     O  N N 68  
A1BNK O6     O  N N 69  
A1BNK C28    C  N S 70  
A1BNK C29    C  N N 71  
A1BNK C30    C  N R 72  
A1BNK C31    C  N S 73  
A1BNK C32    C  N R 74  
A1BNK C33    C  N N 75  
A1BNK O8     O  N N 76  
A1BNK O10    O  N N 77  
A1BNK O9     O  N N 78  
A1BNK C34    C  N S 79  
A1BNK C35    C  N N 80  
A1BNK C36    C  N S 81  
A1BNK C37    C  N R 82  
A1BNK C38    C  N R 83  
A1BNK C39    C  N N 84  
A1BNK C40    C  N N 85  
A1BNK O12    O  N N 86  
A1BNK O11    O  N N 87  
A1BNK O13    O  N N 88  
A1BNK H1     H  N N 89  
A1BNK H2     H  N N 90  
A1BNK H3     H  N N 91  
A1BNK H4     H  N N 92  
A1BNK H5     H  N N 93  
A1BNK H6     H  N N 94  
A1BNK H7     H  N N 95  
A1BNK H8     H  N N 96  
A1BNK H15    H  N N 97  
A1BNK H9     H  N N 98  
A1BNK H14    H  N N 99  
A1BNK H11    H  N N 100 
A1BNK H12    H  N N 101 
A1BNK H13    H  N N 102 
A1BNK H10    H  N N 103 
A1BNK H16    H  N N 104 
A1BNK H17    H  N N 105 
A1BNK H18    H  N N 106 
A1BNK H19    H  N N 107 
A1BNK H20    H  N N 108 
A1BNK H21    H  N N 109 
A1BNK H22    H  N N 110 
A1BNK H23    H  N N 111 
A1BNK H24    H  N N 112 
A1BNK H25    H  N N 113 
A1BNK H26    H  N N 114 
A1BNK H27    H  N N 115 
A1BNK H28    H  N N 116 
A1BNK H29    H  N N 117 
A1BNK H30    H  N N 118 
A1BNK H31    H  N N 119 
A1BNK H32    H  N N 120 
A1BNK H33    H  N N 121 
A1BNK H34    H  N N 122 
A1BNK H35    H  N N 123 
A1BNK H36    H  N N 124 
A1BNK H37    H  N N 125 
A1BNK H38    H  N N 126 
A1BNK H39    H  N N 127 
A1BNK H40    H  N N 128 
A1BNK H41    H  N N 129 
A1BNK H42    H  N N 130 
A1BNK H43    H  N N 131 
A1BNK H44    H  N N 132 
A1BNK H45    H  N N 133 
A1BNK H46    H  N N 134 
A1BNK H47    H  N N 135 
A1BNK H48    H  N N 136 
A1BNK H49    H  N N 137 
A1BNK H50    H  N N 138 
A1BNK H51    H  N N 139 
A1BNK H52    H  N N 140 
A1BNK H53    H  N N 141 
A1BNK H54    H  N N 142 
A1BNK H55    H  N N 143 
A1BNK H56    H  N N 144 
A1BNK H57    H  N N 145 
A1BNK H58    H  N N 146 
A1BNK H59    H  N N 147 
A1BNK H60    H  N N 148 
A1BNK H61    H  N N 149 
A1BNK H62    H  N N 150 
A1BNK H63    H  N N 151 
A1BNK H64    H  N N 152 
A1BNK H65    H  N N 153 
A1BNK H66    H  N N 154 
A1BNK H67    H  N N 155 
A1BNK H68    H  N N 156 
A1BNK H69    H  N N 157 
A1BNK H70    H  N N 158 
A1BNK H71    H  N N 159 
A1BNK H72    H  N N 160 
A1BNK H73    H  N N 161 
A1BNK H74    H  N N 162 
A1BNK H75    H  N N 163 
A1BNK H76    H  N N 164 
A1BNK H77    H  N N 165 
A1BNK H78    H  N N 166 
A1BNK H79    H  N N 167 
A1BNK H80    H  N N 168 
A1BNK H81    H  N N 169 
A1BNK H82    H  N N 170 
A1BNK H83    H  N N 171 
A1BNK H84    H  N N 172 
DA    OP3    O  N N 173 
DA    P      P  N N 174 
DA    OP1    O  N N 175 
DA    OP2    O  N N 176 
DA    "O5'"  O  N N 177 
DA    "C5'"  C  N N 178 
DA    "C4'"  C  N R 179 
DA    "O4'"  O  N N 180 
DA    "C3'"  C  N S 181 
DA    "O3'"  O  N N 182 
DA    "C2'"  C  N N 183 
DA    "C1'"  C  N R 184 
DA    N9     N  Y N 185 
DA    C8     C  Y N 186 
DA    N7     N  Y N 187 
DA    C5     C  Y N 188 
DA    C6     C  Y N 189 
DA    N6     N  N N 190 
DA    N1     N  Y N 191 
DA    C2     C  Y N 192 
DA    N3     N  Y N 193 
DA    C4     C  Y N 194 
DA    HOP3   H  N N 195 
DA    HOP2   H  N N 196 
DA    "H5'"  H  N N 197 
DA    "H5''" H  N N 198 
DA    "H4'"  H  N N 199 
DA    "H3'"  H  N N 200 
DA    "HO3'" H  N N 201 
DA    "H2'"  H  N N 202 
DA    "H2''" H  N N 203 
DA    "H1'"  H  N N 204 
DA    H8     H  N N 205 
DA    H61    H  N N 206 
DA    H62    H  N N 207 
DA    H2     H  N N 208 
DC    OP3    O  N N 209 
DC    P      P  N N 210 
DC    OP1    O  N N 211 
DC    OP2    O  N N 212 
DC    "O5'"  O  N N 213 
DC    "C5'"  C  N N 214 
DC    "C4'"  C  N R 215 
DC    "O4'"  O  N N 216 
DC    "C3'"  C  N S 217 
DC    "O3'"  O  N N 218 
DC    "C2'"  C  N N 219 
DC    "C1'"  C  N R 220 
DC    N1     N  N N 221 
DC    C2     C  N N 222 
DC    O2     O  N N 223 
DC    N3     N  N N 224 
DC    C4     C  N N 225 
DC    N4     N  N N 226 
DC    C5     C  N N 227 
DC    C6     C  N N 228 
DC    HOP3   H  N N 229 
DC    HOP2   H  N N 230 
DC    "H5'"  H  N N 231 
DC    "H5''" H  N N 232 
DC    "H4'"  H  N N 233 
DC    "H3'"  H  N N 234 
DC    "HO3'" H  N N 235 
DC    "H2'"  H  N N 236 
DC    "H2''" H  N N 237 
DC    "H1'"  H  N N 238 
DC    H41    H  N N 239 
DC    H42    H  N N 240 
DC    H5     H  N N 241 
DC    H6     H  N N 242 
DG    OP3    O  N N 243 
DG    P      P  N N 244 
DG    OP1    O  N N 245 
DG    OP2    O  N N 246 
DG    "O5'"  O  N N 247 
DG    "C5'"  C  N N 248 
DG    "C4'"  C  N R 249 
DG    "O4'"  O  N N 250 
DG    "C3'"  C  N S 251 
DG    "O3'"  O  N N 252 
DG    "C2'"  C  N N 253 
DG    "C1'"  C  N R 254 
DG    N9     N  Y N 255 
DG    C8     C  Y N 256 
DG    N7     N  Y N 257 
DG    C5     C  Y N 258 
DG    C6     C  N N 259 
DG    O6     O  N N 260 
DG    N1     N  N N 261 
DG    C2     C  N N 262 
DG    N2     N  N N 263 
DG    N3     N  N N 264 
DG    C4     C  Y N 265 
DG    HOP3   H  N N 266 
DG    HOP2   H  N N 267 
DG    "H5'"  H  N N 268 
DG    "H5''" H  N N 269 
DG    "H4'"  H  N N 270 
DG    "H3'"  H  N N 271 
DG    "HO3'" H  N N 272 
DG    "H2'"  H  N N 273 
DG    "H2''" H  N N 274 
DG    "H1'"  H  N N 275 
DG    H8     H  N N 276 
DG    H1     H  N N 277 
DG    H21    H  N N 278 
DG    H22    H  N N 279 
DT    OP3    O  N N 280 
DT    P      P  N N 281 
DT    OP1    O  N N 282 
DT    OP2    O  N N 283 
DT    "O5'"  O  N N 284 
DT    "C5'"  C  N N 285 
DT    "C4'"  C  N R 286 
DT    "O4'"  O  N N 287 
DT    "C3'"  C  N S 288 
DT    "O3'"  O  N N 289 
DT    "C2'"  C  N N 290 
DT    "C1'"  C  N R 291 
DT    N1     N  N N 292 
DT    C2     C  N N 293 
DT    O2     O  N N 294 
DT    N3     N  N N 295 
DT    C4     C  N N 296 
DT    O4     O  N N 297 
DT    C5     C  N N 298 
DT    C7     C  N N 299 
DT    C6     C  N N 300 
DT    HOP3   H  N N 301 
DT    HOP2   H  N N 302 
DT    "H5'"  H  N N 303 
DT    "H5''" H  N N 304 
DT    "H4'"  H  N N 305 
DT    "H3'"  H  N N 306 
DT    "HO3'" H  N N 307 
DT    "H2'"  H  N N 308 
DT    "H2''" H  N N 309 
DT    "H1'"  H  N N 310 
DT    H3     H  N N 311 
DT    H71    H  N N 312 
DT    H72    H  N N 313 
DT    H73    H  N N 314 
DT    H6     H  N N 315 
HOH   O      O  N N 316 
HOH   H1     H  N N 317 
HOH   H2     H  N N 318 
NA    NA     NA N N 319 
ZN    ZN     ZN N N 320 
# 
loop_
_chem_comp_bond.comp_id 
_chem_comp_bond.atom_id_1 
_chem_comp_bond.atom_id_2 
_chem_comp_bond.value_order 
_chem_comp_bond.pdbx_aromatic_flag 
_chem_comp_bond.pdbx_stereo_config 
_chem_comp_bond.pdbx_ordinal 
A1BNK O22   C54    sing N N 1   
A1BNK O18   C49    sing N N 2   
A1BNK C53   C54    sing N N 3   
A1BNK C53   C52    sing N N 4   
A1BNK C55   C54    sing N N 5   
A1BNK C55   O21    sing N N 6   
A1BNK C55   C56    sing N N 7   
A1BNK O19   C52    sing N N 8   
A1BNK O19   C48    sing N N 9   
A1BNK C49   C48    sing N N 10  
A1BNK C49   C50    sing N N 11  
A1BNK O20   C52    sing N N 12  
A1BNK O20   C56    sing N N 13  
A1BNK C51   C50    sing N N 14  
A1BNK C57   C56    sing N N 15  
A1BNK C48   C47    sing N N 16  
A1BNK C50   O17    sing N N 17  
A1BNK C47   C46    sing N N 18  
A1BNK O17   C46    sing N N 19  
A1BNK C46   O16    sing N N 20  
A1BNK O16   C45    sing N N 21  
A1BNK C10   C11    doub Y N 22  
A1BNK C10   C9     sing Y N 23  
A1BNK C11   C12    sing Y N 24  
A1BNK C9    C8     doub Y N 25  
A1BNK C45   C44    doub Y N 26  
A1BNK C45   C58    sing Y N 27  
A1BNK C59   C58    sing N N 28  
A1BNK C44   C43    sing Y N 29  
A1BNK C12   C61    sing N N 30  
A1BNK C12   C7     doub Y N 31  
A1BNK C58   C60    doub Y N 32  
A1BNK C8    C7     sing Y N 33  
A1BNK C8    C5     sing Y N 34  
A1BNK C7    N1     sing Y N 35  
A1BNK C43   C18    doub Y N 36  
A1BNK C43   C42    sing Y N 37  
A1BNK C60   C42    sing Y N 38  
A1BNK C60   O23    sing N N 39  
A1BNK C18   C17    sing Y N 40  
A1BNK C5    C4     sing N N 41  
A1BNK C5    C6     doub Y N 42  
A1BNK C4    C3     sing N N 43  
A1BNK C42   C41    doub Y N 44  
A1BNK N1    C6     sing Y N 45  
A1BNK C17   C16    sing N N 46  
A1BNK C17   C19    doub Y N 47  
A1BNK C41   C19    sing Y N 48  
A1BNK C41   O15    sing N N 49  
A1BNK O1    C13    doub N N 50  
A1BNK C3    C13    sing N N 51  
A1BNK C3    N      sing N N 52  
A1BNK C13   O      sing N N 53  
A1BNK O     C14    sing N N 54  
A1BNK C16   C      sing N N 55  
A1BNK N     C2     sing N N 56  
A1BNK C19   C20    sing N N 57  
A1BNK O3    C1     sing N N 58  
A1BNK O3    C15    sing N N 59  
A1BNK C2    C1     sing N N 60  
A1BNK C2    O2     doub N N 61  
A1BNK C     C1     sing N N 62  
A1BNK C     C21    sing N N 63  
A1BNK C20   C21    sing N N 64  
A1BNK C20   O14    doub N N 65  
A1BNK C21   O4     sing N N 66  
A1BNK O4    C22    sing N N 67  
A1BNK C22   O5     sing N N 68  
A1BNK C22   C23    sing N N 69  
A1BNK O5    C26    sing N N 70  
A1BNK C26   C27    sing N N 71  
A1BNK C26   C25    sing N N 72  
A1BNK C23   C24    sing N N 73  
A1BNK C24   C25    sing N N 74  
A1BNK C24   O7     sing N N 75  
A1BNK C25   O6     sing N N 76  
A1BNK O7    C28    sing N N 77  
A1BNK C28   O8     sing N N 78  
A1BNK C28   C29    sing N N 79  
A1BNK O8    C32    sing N N 80  
A1BNK C29   C30    sing N N 81  
A1BNK C32   C33    sing N N 82  
A1BNK C32   C31    sing N N 83  
A1BNK C30   C31    sing N N 84  
A1BNK C30   O10    sing N N 85  
A1BNK C31   O9     sing N N 86  
A1BNK O11   C36    sing N N 87  
A1BNK C34   O10    sing N N 88  
A1BNK C34   O12    sing N N 89  
A1BNK C34   C35    sing N N 90  
A1BNK C38   O12    sing N N 91  
A1BNK C38   C39    sing N N 92  
A1BNK C38   C37    sing N N 93  
A1BNK C35   C36    sing N N 94  
A1BNK C36   C37    sing N N 95  
A1BNK C36   C40    sing N N 96  
A1BNK O13   C37    sing N N 97  
A1BNK C1    H1     sing N N 98  
A1BNK C18   H2     sing N N 99  
A1BNK C     H3     sing N N 100 
A1BNK C16   H4     sing N N 101 
A1BNK C16   H5     sing N N 102 
A1BNK C15   H6     sing N N 103 
A1BNK C15   H7     sing N N 104 
A1BNK C15   H8     sing N N 105 
A1BNK O15   H9     sing N N 106 
A1BNK O23   H10    sing N N 107 
A1BNK C59   H11    sing N N 108 
A1BNK C59   H12    sing N N 109 
A1BNK C59   H13    sing N N 110 
A1BNK C44   H14    sing N N 111 
A1BNK C21   H15    sing N N 112 
A1BNK C9    H16    sing N N 113 
A1BNK C10   H17    sing N N 114 
A1BNK C6    H18    sing N N 115 
A1BNK N1    H19    sing N N 116 
A1BNK C3    H20    sing N N 117 
A1BNK C4    H21    sing N N 118 
A1BNK C4    H22    sing N N 119 
A1BNK N     H23    sing N N 120 
A1BNK C11   H24    sing N N 121 
A1BNK C14   H25    sing N N 122 
A1BNK C14   H26    sing N N 123 
A1BNK C14   H27    sing N N 124 
A1BNK C61   H28    sing N N 125 
A1BNK C61   H29    sing N N 126 
A1BNK C61   H30    sing N N 127 
A1BNK C46   H31    sing N N 128 
A1BNK C47   H32    sing N N 129 
A1BNK C47   H33    sing N N 130 
A1BNK C48   H34    sing N N 131 
A1BNK C49   H35    sing N N 132 
A1BNK C50   H36    sing N N 133 
A1BNK C51   H37    sing N N 134 
A1BNK C51   H38    sing N N 135 
A1BNK C51   H39    sing N N 136 
A1BNK O18   H40    sing N N 137 
A1BNK C52   H41    sing N N 138 
A1BNK C53   H42    sing N N 139 
A1BNK C53   H43    sing N N 140 
A1BNK C54   H44    sing N N 141 
A1BNK C55   H45    sing N N 142 
A1BNK C56   H46    sing N N 143 
A1BNK C57   H47    sing N N 144 
A1BNK C57   H48    sing N N 145 
A1BNK C57   H49    sing N N 146 
A1BNK O22   H50    sing N N 147 
A1BNK O21   H51    sing N N 148 
A1BNK C22   H52    sing N N 149 
A1BNK C23   H53    sing N N 150 
A1BNK C23   H54    sing N N 151 
A1BNK C24   H55    sing N N 152 
A1BNK C25   H56    sing N N 153 
A1BNK C26   H57    sing N N 154 
A1BNK C27   H58    sing N N 155 
A1BNK C27   H59    sing N N 156 
A1BNK C27   H60    sing N N 157 
A1BNK O6    H61    sing N N 158 
A1BNK C28   H62    sing N N 159 
A1BNK C29   H63    sing N N 160 
A1BNK C29   H64    sing N N 161 
A1BNK C30   H65    sing N N 162 
A1BNK C31   H66    sing N N 163 
A1BNK C32   H67    sing N N 164 
A1BNK C33   H68    sing N N 165 
A1BNK C33   H69    sing N N 166 
A1BNK C33   H70    sing N N 167 
A1BNK O9    H71    sing N N 168 
A1BNK C34   H72    sing N N 169 
A1BNK C35   H73    sing N N 170 
A1BNK C35   H74    sing N N 171 
A1BNK C37   H75    sing N N 172 
A1BNK C38   H76    sing N N 173 
A1BNK C39   H77    sing N N 174 
A1BNK C39   H78    sing N N 175 
A1BNK C39   H79    sing N N 176 
A1BNK C40   H80    sing N N 177 
A1BNK C40   H81    sing N N 178 
A1BNK C40   H82    sing N N 179 
A1BNK O11   H83    sing N N 180 
A1BNK O13   H84    sing N N 181 
DA    OP3   P      sing N N 182 
DA    OP3   HOP3   sing N N 183 
DA    P     OP1    doub N N 184 
DA    P     OP2    sing N N 185 
DA    P     "O5'"  sing N N 186 
DA    OP2   HOP2   sing N N 187 
DA    "O5'" "C5'"  sing N N 188 
DA    "C5'" "C4'"  sing N N 189 
DA    "C5'" "H5'"  sing N N 190 
DA    "C5'" "H5''" sing N N 191 
DA    "C4'" "O4'"  sing N N 192 
DA    "C4'" "C3'"  sing N N 193 
DA    "C4'" "H4'"  sing N N 194 
DA    "O4'" "C1'"  sing N N 195 
DA    "C3'" "O3'"  sing N N 196 
DA    "C3'" "C2'"  sing N N 197 
DA    "C3'" "H3'"  sing N N 198 
DA    "O3'" "HO3'" sing N N 199 
DA    "C2'" "C1'"  sing N N 200 
DA    "C2'" "H2'"  sing N N 201 
DA    "C2'" "H2''" sing N N 202 
DA    "C1'" N9     sing N N 203 
DA    "C1'" "H1'"  sing N N 204 
DA    N9    C8     sing Y N 205 
DA    N9    C4     sing Y N 206 
DA    C8    N7     doub Y N 207 
DA    C8    H8     sing N N 208 
DA    N7    C5     sing Y N 209 
DA    C5    C6     sing Y N 210 
DA    C5    C4     doub Y N 211 
DA    C6    N6     sing N N 212 
DA    C6    N1     doub Y N 213 
DA    N6    H61    sing N N 214 
DA    N6    H62    sing N N 215 
DA    N1    C2     sing Y N 216 
DA    C2    N3     doub Y N 217 
DA    C2    H2     sing N N 218 
DA    N3    C4     sing Y N 219 
DC    OP3   P      sing N N 220 
DC    OP3   HOP3   sing N N 221 
DC    P     OP1    doub N N 222 
DC    P     OP2    sing N N 223 
DC    P     "O5'"  sing N N 224 
DC    OP2   HOP2   sing N N 225 
DC    "O5'" "C5'"  sing N N 226 
DC    "C5'" "C4'"  sing N N 227 
DC    "C5'" "H5'"  sing N N 228 
DC    "C5'" "H5''" sing N N 229 
DC    "C4'" "O4'"  sing N N 230 
DC    "C4'" "C3'"  sing N N 231 
DC    "C4'" "H4'"  sing N N 232 
DC    "O4'" "C1'"  sing N N 233 
DC    "C3'" "O3'"  sing N N 234 
DC    "C3'" "C2'"  sing N N 235 
DC    "C3'" "H3'"  sing N N 236 
DC    "O3'" "HO3'" sing N N 237 
DC    "C2'" "C1'"  sing N N 238 
DC    "C2'" "H2'"  sing N N 239 
DC    "C2'" "H2''" sing N N 240 
DC    "C1'" N1     sing N N 241 
DC    "C1'" "H1'"  sing N N 242 
DC    N1    C2     sing N N 243 
DC    N1    C6     sing N N 244 
DC    C2    O2     doub N N 245 
DC    C2    N3     sing N N 246 
DC    N3    C4     doub N N 247 
DC    C4    N4     sing N N 248 
DC    C4    C5     sing N N 249 
DC    N4    H41    sing N N 250 
DC    N4    H42    sing N N 251 
DC    C5    C6     doub N N 252 
DC    C5    H5     sing N N 253 
DC    C6    H6     sing N N 254 
DG    OP3   P      sing N N 255 
DG    OP3   HOP3   sing N N 256 
DG    P     OP1    doub N N 257 
DG    P     OP2    sing N N 258 
DG    P     "O5'"  sing N N 259 
DG    OP2   HOP2   sing N N 260 
DG    "O5'" "C5'"  sing N N 261 
DG    "C5'" "C4'"  sing N N 262 
DG    "C5'" "H5'"  sing N N 263 
DG    "C5'" "H5''" sing N N 264 
DG    "C4'" "O4'"  sing N N 265 
DG    "C4'" "C3'"  sing N N 266 
DG    "C4'" "H4'"  sing N N 267 
DG    "O4'" "C1'"  sing N N 268 
DG    "C3'" "O3'"  sing N N 269 
DG    "C3'" "C2'"  sing N N 270 
DG    "C3'" "H3'"  sing N N 271 
DG    "O3'" "HO3'" sing N N 272 
DG    "C2'" "C1'"  sing N N 273 
DG    "C2'" "H2'"  sing N N 274 
DG    "C2'" "H2''" sing N N 275 
DG    "C1'" N9     sing N N 276 
DG    "C1'" "H1'"  sing N N 277 
DG    N9    C8     sing Y N 278 
DG    N9    C4     sing Y N 279 
DG    C8    N7     doub Y N 280 
DG    C8    H8     sing N N 281 
DG    N7    C5     sing Y N 282 
DG    C5    C6     sing N N 283 
DG    C5    C4     doub Y N 284 
DG    C6    O6     doub N N 285 
DG    C6    N1     sing N N 286 
DG    N1    C2     sing N N 287 
DG    N1    H1     sing N N 288 
DG    C2    N2     sing N N 289 
DG    C2    N3     doub N N 290 
DG    N2    H21    sing N N 291 
DG    N2    H22    sing N N 292 
DG    N3    C4     sing N N 293 
DT    OP3   P      sing N N 294 
DT    OP3   HOP3   sing N N 295 
DT    P     OP1    doub N N 296 
DT    P     OP2    sing N N 297 
DT    P     "O5'"  sing N N 298 
DT    OP2   HOP2   sing N N 299 
DT    "O5'" "C5'"  sing N N 300 
DT    "C5'" "C4'"  sing N N 301 
DT    "C5'" "H5'"  sing N N 302 
DT    "C5'" "H5''" sing N N 303 
DT    "C4'" "O4'"  sing N N 304 
DT    "C4'" "C3'"  sing N N 305 
DT    "C4'" "H4'"  sing N N 306 
DT    "O4'" "C1'"  sing N N 307 
DT    "C3'" "O3'"  sing N N 308 
DT    "C3'" "C2'"  sing N N 309 
DT    "C3'" "H3'"  sing N N 310 
DT    "O3'" "HO3'" sing N N 311 
DT    "C2'" "C1'"  sing N N 312 
DT    "C2'" "H2'"  sing N N 313 
DT    "C2'" "H2''" sing N N 314 
DT    "C1'" N1     sing N N 315 
DT    "C1'" "H1'"  sing N N 316 
DT    N1    C2     sing N N 317 
DT    N1    C6     sing N N 318 
DT    C2    O2     doub N N 319 
DT    C2    N3     sing N N 320 
DT    N3    C4     sing N N 321 
DT    N3    H3     sing N N 322 
DT    C4    O4     doub N N 323 
DT    C4    C5     sing N N 324 
DT    C5    C7     sing N N 325 
DT    C5    C6     doub N N 326 
DT    C7    H71    sing N N 327 
DT    C7    H72    sing N N 328 
DT    C7    H73    sing N N 329 
DT    C6    H6     sing N N 330 
HOH   O     H1     sing N N 331 
HOH   O     H2     sing N N 332 
# 
loop_
_ndb_struct_conf_na.entry_id 
_ndb_struct_conf_na.feature 
9MP1 'double helix'        
9MP1 'a-form double helix' 
# 
loop_
_ndb_struct_na_base_pair.model_number 
_ndb_struct_na_base_pair.i_label_asym_id 
_ndb_struct_na_base_pair.i_label_comp_id 
_ndb_struct_na_base_pair.i_label_seq_id 
_ndb_struct_na_base_pair.i_symmetry 
_ndb_struct_na_base_pair.j_label_asym_id 
_ndb_struct_na_base_pair.j_label_comp_id 
_ndb_struct_na_base_pair.j_label_seq_id 
_ndb_struct_na_base_pair.j_symmetry 
_ndb_struct_na_base_pair.shear 
_ndb_struct_na_base_pair.stretch 
_ndb_struct_na_base_pair.stagger 
_ndb_struct_na_base_pair.buckle 
_ndb_struct_na_base_pair.propeller 
_ndb_struct_na_base_pair.opening 
_ndb_struct_na_base_pair.pair_number 
_ndb_struct_na_base_pair.pair_name 
_ndb_struct_na_base_pair.i_auth_asym_id 
_ndb_struct_na_base_pair.i_auth_seq_id 
_ndb_struct_na_base_pair.i_PDB_ins_code 
_ndb_struct_na_base_pair.j_auth_asym_id 
_ndb_struct_na_base_pair.j_auth_seq_id 
_ndb_struct_na_base_pair.j_PDB_ins_code 
_ndb_struct_na_base_pair.hbond_type_28 
_ndb_struct_na_base_pair.hbond_type_12 
1 A DA 1  1_555 B DT 10 1_555 -0.062 -0.081 0.202  -3.204  -24.858 6.343  1  A_DA1:DT10_B A 1  ? B 10 ? 20 1 
1 A DG 2  1_555 B DC 9  1_555 -0.239 -0.193 -0.192 -13.820 -14.883 3.039  2  A_DG2:DC9_B  A 2  ? B 9  ? 19 1 
1 A DA 3  1_555 B DT 8  1_555 0.085  -0.215 0.259  -9.852  -15.877 4.060  3  A_DA3:DT8_B  A 3  ? B 8  ? 20 1 
1 A DG 4  1_555 B DC 7  1_555 -0.378 -0.192 0.100  -6.421  -7.029  -1.042 4  A_DG4:DC7_B  A 4  ? B 7  ? 19 1 
1 A DG 5  1_555 B DC 6  1_555 -0.291 -0.140 0.291  1.700   -9.777  -0.005 5  A_DG5:DC6_B  A 5  ? B 6  ? 19 1 
1 A DC 6  1_555 B DG 5  1_555 0.364  -0.129 0.097  1.129   -7.083  1.528  6  A_DC6:DG5_B  A 6  ? B 5  ? 19 1 
1 A DC 7  1_555 B DG 4  1_555 0.023  -0.198 0.170  1.016   -10.573 1.195  7  A_DC7:DG4_B  A 7  ? B 4  ? 19 1 
1 A DT 8  1_555 B DA 3  1_555 -0.190 -0.153 0.215  11.572  -5.975  -1.226 8  A_DT8:DA3_B  A 8  ? B 3  ? 20 1 
1 A DC 9  1_555 B DG 2  1_555 0.202  -0.148 -0.102 15.358  -19.815 -2.119 9  A_DC9:DG2_B  A 9  ? B 2  ? 19 1 
1 A DT 10 1_555 B DA 1  1_555 -0.064 -0.132 0.029  9.176   -24.130 -0.405 10 A_DT10:DA1_B A 10 ? B 1  ? 20 1 
# 
loop_
_ndb_struct_na_base_pair_step.model_number 
_ndb_struct_na_base_pair_step.i_label_asym_id_1 
_ndb_struct_na_base_pair_step.i_label_comp_id_1 
_ndb_struct_na_base_pair_step.i_label_seq_id_1 
_ndb_struct_na_base_pair_step.i_symmetry_1 
_ndb_struct_na_base_pair_step.j_label_asym_id_1 
_ndb_struct_na_base_pair_step.j_label_comp_id_1 
_ndb_struct_na_base_pair_step.j_label_seq_id_1 
_ndb_struct_na_base_pair_step.j_symmetry_1 
_ndb_struct_na_base_pair_step.i_label_asym_id_2 
_ndb_struct_na_base_pair_step.i_label_comp_id_2 
_ndb_struct_na_base_pair_step.i_label_seq_id_2 
_ndb_struct_na_base_pair_step.i_symmetry_2 
_ndb_struct_na_base_pair_step.j_label_asym_id_2 
_ndb_struct_na_base_pair_step.j_label_comp_id_2 
_ndb_struct_na_base_pair_step.j_label_seq_id_2 
_ndb_struct_na_base_pair_step.j_symmetry_2 
_ndb_struct_na_base_pair_step.shift 
_ndb_struct_na_base_pair_step.slide 
_ndb_struct_na_base_pair_step.rise 
_ndb_struct_na_base_pair_step.tilt 
_ndb_struct_na_base_pair_step.roll 
_ndb_struct_na_base_pair_step.twist 
_ndb_struct_na_base_pair_step.x_displacement 
_ndb_struct_na_base_pair_step.y_displacement 
_ndb_struct_na_base_pair_step.helical_rise 
_ndb_struct_na_base_pair_step.inclination 
_ndb_struct_na_base_pair_step.tip 
_ndb_struct_na_base_pair_step.helical_twist 
_ndb_struct_na_base_pair_step.step_number 
_ndb_struct_na_base_pair_step.step_name 
_ndb_struct_na_base_pair_step.i_auth_asym_id_1 
_ndb_struct_na_base_pair_step.i_auth_seq_id_1 
_ndb_struct_na_base_pair_step.i_PDB_ins_code_1 
_ndb_struct_na_base_pair_step.j_auth_asym_id_1 
_ndb_struct_na_base_pair_step.j_auth_seq_id_1 
_ndb_struct_na_base_pair_step.j_PDB_ins_code_1 
_ndb_struct_na_base_pair_step.i_auth_asym_id_2 
_ndb_struct_na_base_pair_step.i_auth_seq_id_2 
_ndb_struct_na_base_pair_step.i_PDB_ins_code_2 
_ndb_struct_na_base_pair_step.j_auth_asym_id_2 
_ndb_struct_na_base_pair_step.j_auth_seq_id_2 
_ndb_struct_na_base_pair_step.j_PDB_ins_code_2 
1 A DA 1 1_555 B DT 10 1_555 A DG 2  1_555 B DC 9 1_555 -0.419 -0.696 3.491 1.925  7.890  36.465 -2.175 0.921  3.250 12.419 -3.030 
37.329 1 AA_DA1DG2:DC9DT10_BB A 1 ? B 10 ? A 2  ? B 9 ? 
1 A DG 2 1_555 B DC 9  1_555 A DA 3  1_555 B DT 8 1_555 -0.018 -0.476 3.233 0.435  1.890  33.209 -1.143 0.103  3.201 3.303  -0.760 
33.264 2 AA_DG2DA3:DT8DC9_BB  A 2 ? B 9  ? A 3  ? B 8 ? 
1 A DA 3 1_555 B DT 8  1_555 A DG 4  1_555 B DC 7 1_555 0.468  -1.004 3.351 3.885  -1.460 31.674 -1.550 -0.118 3.424 -2.660 -7.079 
31.938 3 AA_DA3DG4:DC7DT8_BB  A 3 ? B 8  ? A 4  ? B 7 ? 
1 A DG 4 1_555 B DC 7  1_555 A DG 5  1_555 B DC 6 1_555 1.334  -1.453 3.107 0.036  3.799  28.267 -3.749 -2.700 2.893 7.734  -0.074 
28.516 4 AA_DG4DG5:DC6DC7_BB  A 4 ? B 7  ? A 5  ? B 6 ? 
1 A DG 5 1_555 B DC 6  1_555 A DC 6  1_555 B DG 5 1_555 0.280  -2.023 3.502 1.137  -5.524 33.915 -2.456 -0.275 3.782 -9.389 -1.933 
34.367 5 AA_DG5DC6:DG5DC6_BB  A 5 ? B 6  ? A 6  ? B 5 ? 
1 A DC 6 1_555 B DG 5  1_555 A DC 7  1_555 B DG 4 1_555 -1.028 -2.266 3.260 -1.888 3.953  23.464 -6.710 1.899  2.916 9.612  4.591  
23.864 6 AA_DC6DC7:DG4DG5_BB  A 6 ? B 5  ? A 7  ? B 4 ? 
1 A DC 7 1_555 B DG 4  1_555 A DT 8  1_555 B DA 3 1_555 -1.310 -0.559 3.328 -2.244 6.191  30.669 -2.218 1.995  3.241 11.538 4.182  
31.351 7 AA_DC7DT8:DA3DG4_BB  A 7 ? B 4  ? A 8  ? B 3 ? 
1 A DT 8 1_555 B DA 3  1_555 A DC 9  1_555 B DG 2 1_555 -0.234 -0.523 3.186 -2.656 -0.138 35.387 -0.839 0.003  3.197 -0.227 4.362  
35.484 8 AA_DT8DC9:DG2DA3_BB  A 8 ? B 3  ? A 9  ? B 2 ? 
1 A DC 9 1_555 B DG 2  1_555 A DT 10 1_555 B DA 1 1_555 0.297  -0.680 3.384 -0.364 5.799  34.866 -1.992 -0.544 3.229 9.595  0.602  
35.332 9 AA_DC9DT10:DA1DG2_BB A 9 ? B 2  ? A 10 ? B 1 ? 
# 
_pdbx_audit_support.funding_organization   'National Institutes of Health/National Cancer Institute (NIH/NCI)' 
_pdbx_audit_support.country                'United States' 
_pdbx_audit_support.grant_number           R01CA243529 
_pdbx_audit_support.ordinal                1 
# 
_pdbx_initial_refinement_model.id               1 
_pdbx_initial_refinement_model.entity_id_list   ? 
_pdbx_initial_refinement_model.type             'experimental model' 
_pdbx_initial_refinement_model.source_name      PDB 
_pdbx_initial_refinement_model.accession_code   5JVW 
_pdbx_initial_refinement_model.details          ? 
# 
_atom_sites.entry_id                    9MP1 
_atom_sites.Cartn_transf_matrix[1][1]   ? 
_atom_sites.Cartn_transf_matrix[1][2]   ? 
_atom_sites.Cartn_transf_matrix[1][3]   ? 
_atom_sites.Cartn_transf_matrix[2][1]   ? 
_atom_sites.Cartn_transf_matrix[2][2]   ? 
_atom_sites.Cartn_transf_matrix[2][3]   ? 
_atom_sites.Cartn_transf_matrix[3][1]   ? 
_atom_sites.Cartn_transf_matrix[3][2]   ? 
_atom_sites.Cartn_transf_matrix[3][3]   ? 
_atom_sites.Cartn_transf_vector[1]      ? 
_atom_sites.Cartn_transf_vector[2]      ? 
_atom_sites.Cartn_transf_vector[3]      ? 
_atom_sites.Cartn_transform_axes        ? 
_atom_sites.fract_transf_matrix[1][1]   0.00065471 
_atom_sites.fract_transf_matrix[1][2]   -0.00465766 
_atom_sites.fract_transf_matrix[1][3]   0.00951943 
_atom_sites.fract_transf_matrix[2][1]   -0.00508582 
_atom_sites.fract_transf_matrix[2][2]   -0.00850565 
_atom_sites.fract_transf_matrix[2][3]   -0.00381186 
_atom_sites.fract_transf_matrix[3][1]   0.00929773 
_atom_sites.fract_transf_matrix[3][2]   -0.00432458 
_atom_sites.fract_transf_matrix[3][3]   -0.00275539 
_atom_sites.fract_transf_vector[1]      -0.019079 
_atom_sites.fract_transf_vector[2]      0.001692 
_atom_sites.fract_transf_vector[3]      0.249529 
_atom_sites.solution_primary            ? 
_atom_sites.solution_secondary          ? 
_atom_sites.solution_hydrogens          ? 
_atom_sites.special_details             ? 
# 
loop_
_atom_type.symbol 
C  
N  
NA 
O  
P  
ZN 
# 
loop_
_atom_site.group_PDB 
_atom_site.id 
_atom_site.type_symbol 
_atom_site.label_atom_id 
_atom_site.label_alt_id 
_atom_site.label_comp_id 
_atom_site.label_asym_id 
_atom_site.label_entity_id 
_atom_site.label_seq_id 
_atom_site.pdbx_PDB_ins_code 
_atom_site.Cartn_x 
_atom_site.Cartn_y 
_atom_site.Cartn_z 
_atom_site.occupancy 
_atom_site.B_iso_or_equiv 
_atom_site.pdbx_formal_charge 
_atom_site.auth_seq_id 
_atom_site.auth_comp_id 
_atom_site.auth_asym_id 
_atom_site.auth_atom_id 
_atom_site.pdbx_PDB_model_num 
ATOM   1   O  "O5'" . DA    A 1 1  ? -8.388  -7.213  -12.427 1.00 44.57  ? 1   DA    A "O5'" 1 
ATOM   2   C  "C5'" . DA    A 1 1  ? -9.174  -7.236  -13.638 1.00 46.09  ? 1   DA    A "C5'" 1 
ATOM   3   C  "C4'" . DA    A 1 1  ? -10.514 -6.566  -13.441 1.00 46.08  ? 1   DA    A "C4'" 1 
ATOM   4   O  "O4'" . DA    A 1 1  ? -11.334 -7.344  -12.538 1.00 44.64  ? 1   DA    A "O4'" 1 
ATOM   5   C  "C3'" . DA    A 1 1  ? -10.490 -5.165  -12.837 1.00 47.01  ? 1   DA    A "C3'" 1 
ATOM   6   O  "O3'" . DA    A 1 1  ? -10.283 -4.135  -13.813 1.00 48.65  ? 1   DA    A "O3'" 1 
ATOM   7   C  "C2'" . DA    A 1 1  ? -11.867 -5.063  -12.212 1.00 45.66  ? 1   DA    A "C2'" 1 
ATOM   8   C  "C1'" . DA    A 1 1  ? -12.087 -6.475  -11.695 1.00 44.40  ? 1   DA    A "C1'" 1 
ATOM   9   N  N9    . DA    A 1 1  ? -11.675 -6.716  -10.309 1.00 43.43  ? 1   DA    A N9    1 
ATOM   10  C  C8    . DA    A 1 1  ? -10.571 -7.396  -9.851  1.00 43.35  ? 1   DA    A C8    1 
ATOM   11  N  N7    . DA    A 1 1  ? -10.505 -7.479  -8.544  1.00 42.14  ? 1   DA    A N7    1 
ATOM   12  C  C5    . DA    A 1 1  ? -11.644 -6.815  -8.111  1.00 40.63  ? 1   DA    A C5    1 
ATOM   13  C  C6    . DA    A 1 1  ? -12.158 -6.558  -6.830  1.00 40.67  ? 1   DA    A C6    1 
ATOM   14  N  N6    . DA    A 1 1  ? -11.564 -6.953  -5.702  1.00 42.45  ? 1   DA    A N6    1 
ATOM   15  N  N1    . DA    A 1 1  ? -13.316 -5.870  -6.744  1.00 42.10  ? 1   DA    A N1    1 
ATOM   16  C  C2    . DA    A 1 1  ? -13.912 -5.471  -7.877  1.00 43.09  ? 1   DA    A C2    1 
ATOM   17  N  N3    . DA    A 1 1  ? -13.528 -5.654  -9.139  1.00 41.65  ? 1   DA    A N3    1 
ATOM   18  C  C4    . DA    A 1 1  ? -12.378 -6.346  -9.187  1.00 42.25  ? 1   DA    A C4    1 
ATOM   19  P  P     . DG    A 1 2  ? -9.437  -2.822  -13.416 1.00 48.63  ? 2   DG    A P     1 
ATOM   20  O  OP1   . DG    A 1 2  ? -9.122  -2.081  -14.665 1.00 49.72  ? 2   DG    A OP1   1 
ATOM   21  O  OP2   . DG    A 1 2  ? -8.343  -3.247  -12.508 1.00 48.05  ? 2   DG    A OP2   1 
ATOM   22  O  "O5'" . DG    A 1 2  ? -10.478 -1.952  -12.589 1.00 47.29  ? 2   DG    A "O5'" 1 
ATOM   23  C  "C5'" . DG    A 1 2  ? -11.617 -1.357  -13.231 1.00 48.61  ? 2   DG    A "C5'" 1 
ATOM   24  C  "C4'" . DG    A 1 2  ? -12.497 -0.691  -12.199 1.00 50.80  ? 2   DG    A "C4'" 1 
ATOM   25  O  "O4'" . DG    A 1 2  ? -12.971 -1.684  -11.263 1.00 50.40  ? 2   DG    A "O4'" 1 
ATOM   26  C  "C3'" . DG    A 1 2  ? -11.791 0.356   -11.343 1.00 53.93  ? 2   DG    A "C3'" 1 
ATOM   27  O  "O3'" . DG    A 1 2  ? -11.851 1.658   -11.934 1.00 56.12  ? 2   DG    A "O3'" 1 
ATOM   28  C  "C2'" . DG    A 1 2  ? -12.571 0.307   -10.045 1.00 52.03  ? 2   DG    A "C2'" 1 
ATOM   29  C  "C1'" . DG    A 1 2  ? -12.983 -1.151  -9.941  1.00 50.28  ? 2   DG    A "C1'" 1 
ATOM   30  N  N9    . DG    A 1 2  ? -12.117 -1.982  -9.104  1.00 48.72  ? 2   DG    A N9    1 
ATOM   31  C  C8    . DG    A 1 2  ? -11.052 -2.757  -9.500  1.00 47.47  ? 2   DG    A C8    1 
ATOM   32  N  N7    . DG    A 1 2  ? -10.491 -3.399  -8.511  1.00 45.64  ? 2   DG    A N7    1 
ATOM   33  C  C5    . DG    A 1 2  ? -11.224 -3.020  -7.395  1.00 44.38  ? 2   DG    A C5    1 
ATOM   34  C  C6    . DG    A 1 2  ? -11.084 -3.390  -6.031  1.00 41.68  ? 2   DG    A C6    1 
ATOM   35  O  O6    . DG    A 1 2  ? -10.265 -4.164  -5.522  1.00 38.72  ? 2   DG    A O6    1 
ATOM   36  N  N1    . DG    A 1 2  ? -12.036 -2.768  -5.230  1.00 42.42  ? 2   DG    A N1    1 
ATOM   37  C  C2    . DG    A 1 2  ? -12.993 -1.891  -5.680  1.00 46.34  ? 2   DG    A C2    1 
ATOM   38  N  N2    . DG    A 1 2  ? -13.828 -1.395  -4.754  1.00 45.53  ? 2   DG    A N2    1 
ATOM   39  N  N3    . DG    A 1 2  ? -13.140 -1.545  -6.950  1.00 47.77  ? 2   DG    A N3    1 
ATOM   40  C  C4    . DG    A 1 2  ? -12.229 -2.144  -7.745  1.00 45.93  ? 2   DG    A C4    1 
ATOM   41  P  P     . DA    A 1 3  ? -10.932 2.841   -11.360 1.00 60.38  ? 3   DA    A P     1 
ATOM   42  O  OP1   . DA    A 1 3  ? -11.196 4.056   -12.175 1.00 62.72  ? 3   DA    A OP1   1 
ATOM   43  O  OP2   . DA    A 1 3  ? -9.546  2.331   -11.223 1.00 62.24  ? 3   DA    A OP2   1 
ATOM   44  O  "O5'" . DA    A 1 3  ? -11.454 3.026   -9.868  1.00 59.07  ? 3   DA    A "O5'" 1 
ATOM   45  C  "C5'" . DA    A 1 3  ? -12.635 3.784   -9.575  1.00 59.58  ? 3   DA    A "C5'" 1 
ATOM   46  C  "C4'" . DA    A 1 3  ? -12.880 3.783   -8.084  1.00 59.53  ? 3   DA    A "C4'" 1 
ATOM   47  O  "O4'" . DA    A 1 3  ? -12.850 2.426   -7.593  1.00 59.97  ? 3   DA    A "O4'" 1 
ATOM   48  C  "C3'" . DA    A 1 3  ? -11.827 4.509   -7.259  1.00 60.77  ? 3   DA    A "C3'" 1 
ATOM   49  O  "O3'" . DA    A 1 3  ? -12.121 5.892   -7.080  1.00 63.35  ? 3   DA    A "O3'" 1 
ATOM   50  C  "C2'" . DA    A 1 3  ? -11.944 3.832   -5.910  1.00 60.09  ? 3   DA    A "C2'" 1 
ATOM   51  C  "C1'" . DA    A 1 3  ? -12.325 2.407   -6.268  1.00 57.74  ? 3   DA    A "C1'" 1 
ATOM   52  N  N9    . DA    A 1 3  ? -11.192 1.486   -6.239  1.00 53.55  ? 3   DA    A N9    1 
ATOM   53  C  C8    . DA    A 1 3  ? -10.317 1.158   -7.244  1.00 51.29  ? 3   DA    A C8    1 
ATOM   54  N  N7    . DA    A 1 3  ? -9.401  0.292   -6.883  1.00 49.21  ? 3   DA    A N7    1 
ATOM   55  C  C5    . DA    A 1 3  ? -9.685  0.043   -5.548  1.00 47.20  ? 3   DA    A C5    1 
ATOM   56  C  C6    . DA    A 1 3  ? -9.079  -0.786  -4.591  1.00 46.07  ? 3   DA    A C6    1 
ATOM   57  N  N6    . DA    A 1 3  ? -8.014  -1.551  -4.843  1.00 46.59  ? 3   DA    A N6    1 
ATOM   58  N  N1    . DA    A 1 3  ? -9.599  -0.792  -3.345  1.00 46.51  ? 3   DA    A N1    1 
ATOM   59  C  C2    . DA    A 1 3  ? -10.663 -0.018  -3.091  1.00 47.45  ? 3   DA    A C2    1 
ATOM   60  N  N3    . DA    A 1 3  ? -11.325 0.795   -3.908  1.00 47.41  ? 3   DA    A N3    1 
ATOM   61  C  C4    . DA    A 1 3  ? -10.777 0.783   -5.136  1.00 48.15  ? 3   DA    A C4    1 
ATOM   62  P  P     . DG    A 1 4  ? -10.970 6.878   -6.596  1.00 66.82  ? 4   DG    A P     1 
ATOM   63  O  OP1   . DG    A 1 4  ? -11.539 8.249   -6.556  1.00 66.03  ? 4   DG    A OP1   1 
ATOM   64  O  OP2   . DG    A 1 4  ? -9.757  6.591   -7.402  1.00 67.58  ? 4   DG    A OP2   1 
ATOM   65  O  "O5'" . DG    A 1 4  ? -10.688 6.423   -5.097  1.00 62.21  ? 4   DG    A "O5'" 1 
ATOM   66  C  "C5'" . DG    A 1 4  ? -11.644 6.713   -4.069  1.00 62.59  ? 4   DG    A "C5'" 1 
ATOM   67  C  "C4'" . DG    A 1 4  ? -11.248 6.032   -2.784  1.00 63.62  ? 4   DG    A "C4'" 1 
ATOM   68  O  "O4'" . DG    A 1 4  ? -11.021 4.627   -3.016  1.00 66.28  ? 4   DG    A "O4'" 1 
ATOM   69  C  "C3'" . DG    A 1 4  ? -9.940  6.515   -2.178  1.00 64.92  ? 4   DG    A "C3'" 1 
ATOM   70  O  "O3'" . DG    A 1 4  ? -10.105 7.720   -1.431  1.00 64.72  ? 4   DG    A "O3'" 1 
ATOM   71  C  "C2'" . DG    A 1 4  ? -9.570  5.356   -1.277  1.00 65.73  ? 4   DG    A "C2'" 1 
ATOM   72  C  "C1'" . DG    A 1 4  ? -10.109 4.146   -2.029  1.00 64.23  ? 4   DG    A "C1'" 1 
ATOM   73  N  N9    . DG    A 1 4  ? -9.059  3.390   -2.703  1.00 59.41  ? 4   DG    A N9    1 
ATOM   74  C  C8    . DG    A 1 4  ? -8.551  3.582   -3.965  1.00 57.43  ? 4   DG    A C8    1 
ATOM   75  N  N7    . DG    A 1 4  ? -7.593  2.746   -4.263  1.00 61.48  ? 4   DG    A N7    1 
ATOM   76  C  C5    . DG    A 1 4  ? -7.447  1.970   -3.122  1.00 51.01  ? 4   DG    A C5    1 
ATOM   77  C  C6    . DG    A 1 4  ? -6.561  0.898   -2.845  1.00 48.39  ? 4   DG    A C6    1 
ATOM   78  O  O6    . DG    A 1 4  ? -5.699  0.400   -3.580  1.00 46.98  ? 4   DG    A O6    1 
ATOM   79  N  N1    . DG    A 1 4  ? -6.745  0.401   -1.558  1.00 46.55  ? 4   DG    A N1    1 
ATOM   80  C  C2    . DG    A 1 4  ? -7.669  0.869   -0.656  1.00 48.62  ? 4   DG    A C2    1 
ATOM   81  N  N2    . DG    A 1 4  ? -7.701  0.256   0.535   1.00 48.81  ? 4   DG    A N2    1 
ATOM   82  N  N3    . DG    A 1 4  ? -8.502  1.866   -0.903  1.00 51.07  ? 4   DG    A N3    1 
ATOM   83  C  C4    . DG    A 1 4  ? -8.337  2.364   -2.146  1.00 53.53  ? 4   DG    A C4    1 
ATOM   84  P  P     . DG    A 1 5  ? -8.834  8.599   -1.051  1.00 62.24  ? 5   DG    A P     1 
ATOM   85  O  OP1   . DG    A 1 5  ? -9.182  9.389   0.156   1.00 61.93  ? 5   DG    A OP1   1 
ATOM   86  O  OP2   . DG    A 1 5  ? -8.351  9.273   -2.281  1.00 62.68  ? 5   DG    A OP2   1 
ATOM   87  O  "O5'" . DG    A 1 5  ? -7.712  7.512   -0.736  1.00 63.43  ? 5   DG    A "O5'" 1 
ATOM   88  C  "C5'" . DG    A 1 5  ? -6.750  7.690   0.319   1.00 52.65  ? 5   DG    A "C5'" 1 
ATOM   89  C  "C4'" . DG    A 1 5  ? -6.653  6.431   1.148   1.00 48.36  ? 5   DG    A "C4'" 1 
ATOM   90  O  "O4'" . DG    A 1 5  ? -7.056  5.277   0.377   1.00 46.50  ? 5   DG    A "O4'" 1 
ATOM   91  C  "C3'" . DG    A 1 5  ? -5.250  6.095   1.637   1.00 44.05  ? 5   DG    A "C3'" 1 
ATOM   92  O  "O3'" . DG    A 1 5  ? -4.956  6.823   2.826   1.00 41.50  ? 5   DG    A "O3'" 1 
ATOM   93  C  "C2'" . DG    A 1 5  ? -5.356  4.605   1.877   1.00 43.99  ? 5   DG    A "C2'" 1 
ATOM   94  C  "C1'" . DG    A 1 5  ? -6.221  4.165   0.701   1.00 44.70  ? 5   DG    A "C1'" 1 
ATOM   95  N  N9    . DG    A 1 5  ? -5.444  3.823   -0.486  1.00 43.81  ? 5   DG    A N9    1 
ATOM   96  C  C8    . DG    A 1 5  ? -5.406  4.496   -1.683  1.00 42.66  ? 5   DG    A C8    1 
ATOM   97  N  N7    . DG    A 1 5  ? -4.594  3.954   -2.548  1.00 49.56  ? 5   DG    A N7    1 
ATOM   98  C  C5    . DG    A 1 5  ? -4.060  2.861   -1.881  1.00 41.84  ? 5   DG    A C5    1 
ATOM   99  C  C6    . DG    A 1 5  ? -3.125  1.885   -2.315  1.00 40.43  ? 5   DG    A C6    1 
ATOM   100 O  O6    . DG    A 1 5  ? -2.557  1.794   -3.408  1.00 36.74  ? 5   DG    A O6    1 
ATOM   101 N  N1    . DG    A 1 5  ? -2.863  0.950   -1.319  1.00 39.95  ? 5   DG    A N1    1 
ATOM   102 C  C2    . DG    A 1 5  ? -3.431  0.950   -0.070  1.00 39.55  ? 5   DG    A C2    1 
ATOM   103 N  N2    . DG    A 1 5  ? -3.050  -0.037  0.754   1.00 40.15  ? 5   DG    A N2    1 
ATOM   104 N  N3    . DG    A 1 5  ? -4.305  1.851   0.344   1.00 40.20  ? 5   DG    A N3    1 
ATOM   105 C  C4    . DG    A 1 5  ? -4.571  2.769   -0.606  1.00 42.18  ? 5   DG    A C4    1 
ATOM   106 P  P     . DC    A 1 6  ? -3.500  7.433   3.052   1.00 40.56  ? 6   DC    A P     1 
ATOM   107 O  OP1   . DC    A 1 6  ? -3.578  8.320   4.240   1.00 38.64  ? 6   DC    A OP1   1 
ATOM   108 O  OP2   . DC    A 1 6  ? -3.002  7.966   1.758   1.00 38.65  ? 6   DC    A OP2   1 
ATOM   109 O  "O5'" . DC    A 1 6  ? -2.615  6.148   3.374   1.00 37.74  ? 6   DC    A "O5'" 1 
ATOM   110 C  "C5'" . DC    A 1 6  ? -2.939  5.314   4.505   1.00 38.18  ? 6   DC    A "C5'" 1 
ATOM   111 C  "C4'" . DC    A 1 6  ? -2.245  3.974   4.400   1.00 37.86  ? 6   DC    A "C4'" 1 
ATOM   112 O  "O4'" . DC    A 1 6  ? -2.561  3.322   3.149   1.00 35.78  ? 6   DC    A "O4'" 1 
ATOM   113 C  "C3'" . DC    A 1 6  ? -0.723  4.018   4.438   1.00 36.91  ? 6   DC    A "C3'" 1 
ATOM   114 O  "O3'" . DC    A 1 6  ? -0.284  4.049   5.792   1.00 38.05  ? 6   DC    A "O3'" 1 
ATOM   115 C  "C2'" . DC    A 1 6  ? -0.353  2.706   3.779   1.00 36.69  ? 6   DC    A "C2'" 1 
ATOM   116 C  "C1'" . DC    A 1 6  ? -1.458  2.515   2.746   1.00 36.61  ? 6   DC    A "C1'" 1 
ATOM   117 N  N1    . DC    A 1 6  ? -1.066  2.916   1.390   1.00 35.97  ? 6   DC    A N1    1 
ATOM   118 C  C2    . DC    A 1 6  ? -0.186  2.089   0.688   1.00 36.23  ? 6   DC    A C2    1 
ATOM   119 O  O2    . DC    A 1 6  ? 0.217   1.050   1.230   1.00 37.81  ? 6   DC    A O2    1 
ATOM   120 N  N3    . DC    A 1 6  ? 0.195   2.438   -0.562  1.00 35.74  ? 6   DC    A N3    1 
ATOM   121 C  C4    . DC    A 1 6  ? -0.264  3.565   -1.109  1.00 36.48  ? 6   DC    A C4    1 
ATOM   122 N  N4    . DC    A 1 6  ? 0.140   3.870   -2.343  1.00 36.46  ? 6   DC    A N4    1 
ATOM   123 C  C5    . DC    A 1 6  ? -1.155  4.432   -0.411  1.00 35.97  ? 6   DC    A C5    1 
ATOM   124 C  C6    . DC    A 1 6  ? -1.519  4.077   0.828   1.00 36.12  ? 6   DC    A C6    1 
ATOM   125 P  P     . DC    A 1 7  ? 1.178   4.571   6.161   1.00 36.66  ? 7   DC    A P     1 
ATOM   126 O  OP1   . DC    A 1 7  ? 1.225   4.723   7.639   1.00 36.48  ? 7   DC    A OP1   1 
ATOM   127 O  OP2   . DC    A 1 7  ? 1.490   5.720   5.285   1.00 35.30  ? 7   DC    A OP2   1 
ATOM   128 O  "O5'" . DC    A 1 7  ? 2.111   3.376   5.680   1.00 36.00  ? 7   DC    A "O5'" 1 
ATOM   129 C  "C5'" . DC    A 1 7  ? 1.979   2.063   6.247   1.00 36.84  ? 7   DC    A "C5'" 1 
ATOM   130 C  "C4'" . DC    A 1 7  ? 2.946   1.117   5.575   1.00 37.54  ? 7   DC    A "C4'" 1 
ATOM   131 O  "O4'" . DC    A 1 7  ? 2.659   1.043   4.165   1.00 36.40  ? 7   DC    A "O4'" 1 
ATOM   132 C  "C3'" . DC    A 1 7  ? 4.411   1.536   5.658   1.00 38.83  ? 7   DC    A "C3'" 1 
ATOM   133 O  "O3'" . DC    A 1 7  ? 4.973   0.978   6.850   1.00 38.87  ? 7   DC    A "O3'" 1 
ATOM   134 C  "C2'" . DC    A 1 7  ? 5.017   0.921   4.408   1.00 39.50  ? 7   DC    A "C2'" 1 
ATOM   135 C  "C1'" . DC    A 1 7  ? 3.846   0.733   3.452   1.00 37.56  ? 7   DC    A "C1'" 1 
ATOM   136 N  N1    . DC    A 1 7  ? 3.879   1.570   2.241   1.00 39.76  ? 7   DC    A N1    1 
ATOM   137 C  C2    . DC    A 1 7  ? 4.665   1.156   1.165   1.00 39.18  ? 7   DC    A C2    1 
ATOM   138 O  O2    . DC    A 1 7  ? 5.332   0.116   1.277   1.00 41.05  ? 7   DC    A O2    1 
ATOM   139 N  N3    . DC    A 1 7  ? 4.679   1.894   0.030   1.00 39.80  ? 7   DC    A N3    1 
ATOM   140 C  C4    . DC    A 1 7  ? 3.940   3.005   -0.051  1.00 40.71  ? 7   DC    A C4    1 
ATOM   141 N  N4    . DC    A 1 7  ? 3.989   3.709   -1.184  1.00 41.75  ? 7   DC    A N4    1 
ATOM   142 C  C5    . DC    A 1 7  ? 3.136   3.454   1.035   1.00 40.40  ? 7   DC    A C5    1 
ATOM   143 C  C6    . DC    A 1 7  ? 3.130   2.712   2.150   1.00 40.79  ? 7   DC    A C6    1 
ATOM   144 P  P     . DT    A 1 8  ? 6.399   1.464   7.401   1.00 40.78  ? 8   DT    A P     1 
ATOM   145 O  OP1   . DT    A 1 8  ? 6.515   0.985   8.804   1.00 39.89  ? 8   DT    A OP1   1 
ATOM   146 O  OP2   . DT    A 1 8  ? 6.559   2.910   7.091   1.00 40.55  ? 8   DT    A OP2   1 
ATOM   147 O  "O5'" . DT    A 1 8  ? 7.440   0.714   6.457   1.00 38.35  ? 8   DT    A "O5'" 1 
ATOM   148 C  "C5'" . DT    A 1 8  ? 7.562   -0.718  6.427   1.00 38.34  ? 8   DT    A "C5'" 1 
ATOM   149 C  "C4'" . DT    A 1 8  ? 8.841   -1.110  5.722   1.00 38.08  ? 8   DT    A "C4'" 1 
ATOM   150 O  "O4'" . DT    A 1 8  ? 8.809   -0.703  4.333   1.00 38.88  ? 8   DT    A "O4'" 1 
ATOM   151 C  "C3'" . DT    A 1 8  ? 10.116  -0.503  6.299   1.00 38.04  ? 8   DT    A "C3'" 1 
ATOM   152 O  "O3'" . DT    A 1 8  ? 11.140  -1.501  6.227   1.00 41.14  ? 8   DT    A "O3'" 1 
ATOM   153 C  "C2'" . DT    A 1 8  ? 10.361  0.708   5.411   1.00 37.58  ? 8   DT    A "C2'" 1 
ATOM   154 C  "C1'" . DT    A 1 8  ? 9.820   0.262   4.056   1.00 36.70  ? 8   DT    A "C1'" 1 
ATOM   155 N  N1    . DT    A 1 8  ? 9.200   1.311   3.212   1.00 36.22  ? 8   DT    A N1    1 
ATOM   156 C  C2    . DT    A 1 8  ? 9.551   1.388   1.882   1.00 35.30  ? 8   DT    A C2    1 
ATOM   157 O  O2    . DT    A 1 8  ? 10.412  0.688   1.376   1.00 37.31  ? 8   DT    A O2    1 
ATOM   158 N  N3    . DT    A 1 8  ? 8.877   2.347   1.168   1.00 33.89  ? 8   DT    A N3    1 
ATOM   159 C  C4    . DT    A 1 8  ? 7.901   3.205   1.637   1.00 34.87  ? 8   DT    A C4    1 
ATOM   160 O  O4    . DT    A 1 8  ? 7.383   4.017   0.877   1.00 35.56  ? 8   DT    A O4    1 
ATOM   161 C  C5    . DT    A 1 8  ? 7.576   3.064   3.037   1.00 35.15  ? 8   DT    A C5    1 
ATOM   162 C  C7    . DT    A 1 8  ? 6.531   3.954   3.634   1.00 36.02  ? 8   DT    A C7    1 
ATOM   163 C  C6    . DT    A 1 8  ? 8.219   2.125   3.740   1.00 36.33  ? 8   DT    A C6    1 
ATOM   164 P  P     . DC    A 1 9  ? 12.588  -1.227  6.835   1.00 46.80  ? 9   DC    A P     1 
ATOM   165 O  OP1   . DC    A 1 9  ? 13.119  -2.508  7.369   1.00 43.59  ? 9   DC    A OP1   1 
ATOM   166 O  OP2   . DC    A 1 9  ? 12.505  -0.035  7.725   1.00 47.63  ? 9   DC    A OP2   1 
ATOM   167 O  "O5'" . DC    A 1 9  ? 13.420  -0.815  5.544   1.00 43.18  ? 9   DC    A "O5'" 1 
ATOM   168 C  "C5'" . DC    A 1 9  ? 13.663  -1.763  4.505   1.00 42.95  ? 9   DC    A "C5'" 1 
ATOM   169 C  "C4'" . DC    A 1 9  ? 14.309  -1.051  3.343   1.00 43.72  ? 9   DC    A "C4'" 1 
ATOM   170 O  "O4'" . DC    A 1 9  ? 13.377  -0.088  2.815   1.00 43.87  ? 9   DC    A "O4'" 1 
ATOM   171 C  "C3'" . DC    A 1 9  ? 15.582  -0.273  3.698   1.00 44.08  ? 9   DC    A "C3'" 1 
ATOM   172 O  "O3'" . DC    A 1 9  ? 16.650  -0.817  2.916   1.00 46.15  ? 9   DC    A "O3'" 1 
ATOM   173 C  "C2'" . DC    A 1 9  ? 15.243  1.178   3.383   1.00 42.50  ? 9   DC    A "C2'" 1 
ATOM   174 C  "C1'" . DC    A 1 9  ? 14.092  1.056   2.403   1.00 42.48  ? 9   DC    A "C1'" 1 
ATOM   175 N  N1    . DC    A 1 9  ? 13.144  2.177   2.368   1.00 40.62  ? 9   DC    A N1    1 
ATOM   176 C  C2    . DC    A 1 9  ? 12.860  2.786   1.142   1.00 41.07  ? 9   DC    A C2    1 
ATOM   177 O  O2    . DC    A 1 9  ? 13.453  2.392   0.125   1.00 37.75  ? 9   DC    A O2    1 
ATOM   178 N  N3    . DC    A 1 9  ? 11.960  3.795   1.097   1.00 38.66  ? 9   DC    A N3    1 
ATOM   179 C  C4    . DC    A 1 9  ? 11.348  4.192   2.215   1.00 39.28  ? 9   DC    A C4    1 
ATOM   180 N  N4    . DC    A 1 9  ? 10.468  5.193   2.127   1.00 38.59  ? 9   DC    A N4    1 
ATOM   181 C  C5    . DC    A 1 9  ? 11.607  3.578   3.475   1.00 38.93  ? 9   DC    A C5    1 
ATOM   182 C  C6    . DC    A 1 9  ? 12.495  2.577   3.503   1.00 39.06  ? 9   DC    A C6    1 
ATOM   183 P  P     . DT    A 1 10 ? 18.164  -0.367  3.162   1.00 47.35  ? 10  DT    A P     1 
ATOM   184 O  OP1   . DT    A 1 10 ? 19.035  -1.450  2.647   1.00 51.14  ? 10  DT    A OP1   1 
ATOM   185 O  OP2   . DT    A 1 10 ? 18.302  0.065   4.572   1.00 48.60  ? 10  DT    A OP2   1 
ATOM   186 O  "O5'" . DT    A 1 10 ? 18.311  0.900   2.205   1.00 45.29  ? 10  DT    A "O5'" 1 
ATOM   187 C  "C5'" . DT    A 1 10 ? 18.103  0.757   0.786   1.00 42.41  ? 10  DT    A "C5'" 1 
ATOM   188 C  "C4'" . DT    A 1 10 ? 18.148  2.098   0.090   1.00 42.18  ? 10  DT    A "C4'" 1 
ATOM   189 O  "O4'" . DT    A 1 10 ? 16.951  2.840   0.394   1.00 41.29  ? 10  DT    A "O4'" 1 
ATOM   190 C  "C3'" . DT    A 1 10 ? 19.320  3.009   0.474   1.00 42.08  ? 10  DT    A "C3'" 1 
ATOM   191 O  "O3'" . DT    A 1 10 ? 20.195  3.180   -0.643  1.00 45.63  ? 10  DT    A "O3'" 1 
ATOM   192 C  "C2'" . DT    A 1 10 ? 18.675  4.338   0.845   1.00 40.92  ? 10  DT    A "C2'" 1 
ATOM   193 C  "C1'" . DT    A 1 10 ? 17.258  4.220   0.317   1.00 39.83  ? 10  DT    A "C1'" 1 
ATOM   194 N  N1    . DT    A 1 10 ? 16.230  4.941   1.085   1.00 37.32  ? 10  DT    A N1    1 
ATOM   195 C  C2    . DT    A 1 10 ? 15.413  5.833   0.429   1.00 36.82  ? 10  DT    A C2    1 
ATOM   196 O  O2    . DT    A 1 10 ? 15.539  6.112   -0.753  1.00 35.11  ? 10  DT    A O2    1 
ATOM   197 N  N3    . DT    A 1 10 ? 14.451  6.413   1.219   1.00 37.78  ? 10  DT    A N3    1 
ATOM   198 C  C4    . DT    A 1 10 ? 14.224  6.182   2.564   1.00 37.22  ? 10  DT    A C4    1 
ATOM   199 O  O4    . DT    A 1 10 ? 13.319  6.775   3.141   1.00 38.70  ? 10  DT    A O4    1 
ATOM   200 C  C5    . DT    A 1 10 ? 15.107  5.220   3.180   1.00 38.01  ? 10  DT    A C5    1 
ATOM   201 C  C7    . DT    A 1 10 ? 14.942  4.909   4.634   1.00 39.15  ? 10  DT    A C7    1 
ATOM   202 C  C6    . DT    A 1 10 ? 16.047  4.649   2.418   1.00 38.02  ? 10  DT    A C6    1 
ATOM   203 O  "O5'" . DA    B 1 1  ? 7.797   13.695  -2.269  1.00 46.69  ? 1   DA    B "O5'" 1 
ATOM   204 C  "C5'" . DA    B 1 1  ? 8.567   14.681  -2.983  1.00 45.55  ? 1   DA    B "C5'" 1 
ATOM   205 C  "C4'" . DA    B 1 1  ? 9.876   14.100  -3.470  1.00 43.87  ? 1   DA    B "C4'" 1 
ATOM   206 O  "O4'" . DA    B 1 1  ? 10.759  13.855  -2.354  1.00 42.29  ? 1   DA    B "O4'" 1 
ATOM   207 C  "C3'" . DA    B 1 1  ? 9.775   12.756  -4.184  1.00 44.35  ? 1   DA    B "C3'" 1 
ATOM   208 O  "O3'" . DA    B 1 1  ? 9.497   12.909  -5.576  1.00 44.48  ? 1   DA    B "O3'" 1 
ATOM   209 C  "C2'" . DA    B 1 1  ? 11.153  12.165  -3.966  1.00 43.68  ? 1   DA    B "C2'" 1 
ATOM   210 C  "C1'" . DA    B 1 1  ? 11.486  12.644  -2.563  1.00 42.67  ? 1   DA    B "C1'" 1 
ATOM   211 N  N9    . DA    B 1 1  ? 11.136  11.718  -1.485  1.00 41.54  ? 1   DA    B N9    1 
ATOM   212 C  C8    . DA    B 1 1  ? 10.040  11.744  -0.658  1.00 42.16  ? 1   DA    B C8    1 
ATOM   213 N  N7    . DA    B 1 1  ? 10.026  10.779  0.230   1.00 39.81  ? 1   DA    B N7    1 
ATOM   214 C  C5    . DA    B 1 1  ? 11.193  10.074  -0.028  1.00 39.44  ? 1   DA    B C5    1 
ATOM   215 C  C6    . DA    B 1 1  ? 11.769  8.946   0.579   1.00 39.23  ? 1   DA    B C6    1 
ATOM   216 N  N6    . DA    B 1 1  ? 11.225  8.306   1.614   1.00 39.34  ? 1   DA    B N6    1 
ATOM   217 N  N1    . DA    B 1 1  ? 12.939  8.492   0.081   1.00 41.13  ? 1   DA    B N1    1 
ATOM   218 C  C2    . DA    B 1 1  ? 13.487  9.139   -0.957  1.00 41.33  ? 1   DA    B C2    1 
ATOM   219 N  N3    . DA    B 1 1  ? 13.043  10.210  -1.610  1.00 39.96  ? 1   DA    B N3    1 
ATOM   220 C  C4    . DA    B 1 1  ? 11.884  10.639  -1.083  1.00 39.71  ? 1   DA    B C4    1 
ATOM   221 P  P     . DG    B 1 2  ? 8.772   11.719  -6.370  1.00 44.19  ? 2   DG    B P     1 
ATOM   222 O  OP1   . DG    B 1 2  ? 8.519   12.193  -7.753  1.00 44.76  ? 2   DG    B OP1   1 
ATOM   223 O  OP2   . DG    B 1 2  ? 7.656   11.230  -5.528  1.00 42.36  ? 2   DG    B OP2   1 
ATOM   224 O  "O5'" . DG    B 1 2  ? 9.900   10.597  -6.441  1.00 41.09  ? 2   DG    B "O5'" 1 
ATOM   225 C  "C5'" . DG    B 1 2  ? 11.000  10.741  -7.353  1.00 41.70  ? 2   DG    B "C5'" 1 
ATOM   226 C  "C4'" . DG    B 1 2  ? 11.985  9.612   -7.175  1.00 42.82  ? 2   DG    B "C4'" 1 
ATOM   227 O  "O4'" . DG    B 1 2  ? 12.467  9.589   -5.814  1.00 43.37  ? 2   DG    B "O4'" 1 
ATOM   228 C  "C3'" . DG    B 1 2  ? 11.420  8.214   -7.408  1.00 45.38  ? 2   DG    B "C3'" 1 
ATOM   229 O  "O3'" . DG    B 1 2  ? 11.431  7.851   -8.791  1.00 49.65  ? 2   DG    B "O3'" 1 
ATOM   230 C  "C2'" . DG    B 1 2  ? 12.369  7.355   -6.601  1.00 44.55  ? 2   DG    B "C2'" 1 
ATOM   231 C  "C1'" . DG    B 1 2  ? 12.652  8.237   -5.392  1.00 43.07  ? 2   DG    B "C1'" 1 
ATOM   232 N  N9    . DG    B 1 2  ? 11.763  7.987   -4.259  1.00 40.52  ? 2   DG    B N9    1 
ATOM   233 C  C8    . DG    B 1 2  ? 10.602  8.651   -3.941  1.00 39.43  ? 2   DG    B C8    1 
ATOM   234 N  N7    . DG    B 1 2  ? 10.032  8.194   -2.860  1.00 38.47  ? 2   DG    B N7    1 
ATOM   235 C  C5    . DG    B 1 2  ? 10.853  7.153   -2.453  1.00 37.96  ? 2   DG    B C5    1 
ATOM   236 C  C6    . DG    B 1 2  ? 10.748  6.280   -1.337  1.00 37.93  ? 2   DG    B C6    1 
ATOM   237 O  O6    . DG    B 1 2  ? 9.875   6.252   -0.461  1.00 37.49  ? 2   DG    B O6    1 
ATOM   238 N  N1    . DG    B 1 2  ? 11.801  5.374   -1.296  1.00 37.07  ? 2   DG    B N1    1 
ATOM   239 C  C2    . DG    B 1 2  ? 12.825  5.310   -2.212  1.00 38.48  ? 2   DG    B C2    1 
ATOM   240 N  N2    . DG    B 1 2  ? 13.754  4.365   -2.002  1.00 38.15  ? 2   DG    B N2    1 
ATOM   241 N  N3    . DG    B 1 2  ? 12.935  6.118   -3.254  1.00 38.56  ? 2   DG    B N3    1 
ATOM   242 C  C4    . DG    B 1 2  ? 11.922  7.008   -3.311  1.00 38.29  ? 2   DG    B C4    1 
ATOM   243 P  P     . DA    B 1 3  ? 10.453  6.700   -9.330  1.00 53.13  ? 3   DA    B P     1 
ATOM   244 O  OP1   . DA    B 1 3  ? 10.634  6.607   -10.800 1.00 58.39  ? 3   DA    B OP1   1 
ATOM   245 O  OP2   . DA    B 1 3  ? 9.102   6.936   -8.770  1.00 55.46  ? 3   DA    B OP2   1 
ATOM   246 O  "O5'" . DA    B 1 3  ? 11.012  5.382   -8.635  1.00 49.72  ? 3   DA    B "O5'" 1 
ATOM   247 C  "C5'" . DA    B 1 3  ? 12.301  4.852   -8.959  1.00 46.99  ? 3   DA    B "C5'" 1 
ATOM   248 C  "C4'" . DA    B 1 3  ? 12.579  3.630   -8.116  1.00 48.25  ? 3   DA    B "C4'" 1 
ATOM   249 O  "O4'" . DA    B 1 3  ? 12.714  3.987   -6.720  1.00 46.76  ? 3   DA    B "O4'" 1 
ATOM   250 C  "C3'" . DA    B 1 3  ? 11.483  2.574   -8.126  1.00 50.05  ? 3   DA    B "C3'" 1 
ATOM   251 O  "O3'" . DA    B 1 3  ? 11.527  1.765   -9.305  1.00 52.74  ? 3   DA    B "O3'" 1 
ATOM   252 C  "C2'" . DA    B 1 3  ? 11.787  1.809   -6.855  1.00 48.12  ? 3   DA    B "C2'" 1 
ATOM   253 C  "C1'" . DA    B 1 3  ? 12.199  2.930   -5.906  1.00 46.01  ? 3   DA    B "C1'" 1 
ATOM   254 N  N9    . DA    B 1 3  ? 11.067  3.457   -5.147  1.00 43.33  ? 3   DA    B N9    1 
ATOM   255 C  C8    . DA    B 1 3  ? 10.171  4.418   -5.542  1.00 41.69  ? 3   DA    B C8    1 
ATOM   256 N  N7    . DA    B 1 3  ? 9.231   4.660   -4.659  1.00 42.34  ? 3   DA    B N7    1 
ATOM   257 C  C5    . DA    B 1 3  ? 9.525   3.793   -3.614  1.00 40.45  ? 3   DA    B C5    1 
ATOM   258 C  C6    . DA    B 1 3  ? 8.905   3.564   -2.373  1.00 39.02  ? 3   DA    B C6    1 
ATOM   259 N  N6    . DA    B 1 3  ? 7.815   4.215   -1.960  1.00 39.00  ? 3   DA    B N6    1 
ATOM   260 N  N1    . DA    B 1 3  ? 9.439   2.621   -1.569  1.00 40.05  ? 3   DA    B N1    1 
ATOM   261 C  C2    . DA    B 1 3  ? 10.529  1.963   -1.989  1.00 40.82  ? 3   DA    B C2    1 
ATOM   262 N  N3    . DA    B 1 3  ? 11.204  2.093   -3.131  1.00 41.48  ? 3   DA    B N3    1 
ATOM   263 C  C4    . DA    B 1 3  ? 10.644  3.037   -3.907  1.00 40.50  ? 3   DA    B C4    1 
ATOM   264 P  P     . DG    B 1 4  ? 10.195  1.068   -9.847  1.00 54.06  ? 4   DG    B P     1 
ATOM   265 O  OP1   . DG    B 1 4  ? 10.526  0.410   -11.135 1.00 57.77  ? 4   DG    B OP1   1 
ATOM   266 O  OP2   . DG    B 1 4  ? 9.081   2.046   -9.777  1.00 53.06  ? 4   DG    B OP2   1 
ATOM   267 O  "O5'" . DG    B 1 4  ? 9.907   -0.055  -8.758  1.00 50.48  ? 4   DG    B "O5'" 1 
ATOM   268 C  "C5'" . DG    B 1 4  ? 10.862  -1.094  -8.517  1.00 49.35  ? 4   DG    B "C5'" 1 
ATOM   269 C  "C4'" . DG    B 1 4  ? 10.568  -1.768  -7.198  1.00 49.21  ? 4   DG    B "C4'" 1 
ATOM   270 O  "O4'" . DG    B 1 4  ? 10.584  -0.790  -6.133  1.00 48.11  ? 4   DG    B "O4'" 1 
ATOM   271 C  "C3'" . DG    B 1 4  ? 9.198   -2.428  -7.087  1.00 48.32  ? 4   DG    B "C3'" 1 
ATOM   272 O  "O3'" . DG    B 1 4  ? 9.168   -3.712  -7.727  1.00 48.09  ? 4   DG    B "O3'" 1 
ATOM   273 C  "C2'" . DG    B 1 4  ? 9.021   -2.484  -5.582  1.00 48.05  ? 4   DG    B "C2'" 1 
ATOM   274 C  "C1'" . DG    B 1 4  ? 9.630   -1.153  -5.143  1.00 45.53  ? 4   DG    B "C1'" 1 
ATOM   275 N  N9    . DG    B 1 4  ? 8.627   -0.097  -5.055  1.00 44.23  ? 4   DG    B N9    1 
ATOM   276 C  C8    . DG    B 1 4  ? 8.180   0.736   -6.053  1.00 43.57  ? 4   DG    B C8    1 
ATOM   277 N  N7    . DG    B 1 4  ? 7.224   1.536   -5.661  1.00 43.82  ? 4   DG    B N7    1 
ATOM   278 C  C5    . DG    B 1 4  ? 7.014   1.192   -4.331  1.00 40.06  ? 4   DG    B C5    1 
ATOM   279 C  C6    . DG    B 1 4  ? 6.099   1.710   -3.380  1.00 40.25  ? 4   DG    B C6    1 
ATOM   280 O  O6    . DG    B 1 4  ? 5.264   2.610   -3.523  1.00 39.48  ? 4   DG    B O6    1 
ATOM   281 N  N1    . DG    B 1 4  ? 6.221   1.070   -2.151  1.00 40.15  ? 4   DG    B N1    1 
ATOM   282 C  C2    . DG    B 1 4  ? 7.109   0.058   -1.873  1.00 41.19  ? 4   DG    B C2    1 
ATOM   283 N  N2    . DG    B 1 4  ? 7.077   -0.437  -0.626  1.00 42.30  ? 4   DG    B N2    1 
ATOM   284 N  N3    . DG    B 1 4  ? 7.966   -0.432  -2.749  1.00 41.51  ? 4   DG    B N3    1 
ATOM   285 C  C4    . DG    B 1 4  ? 7.861   0.174   -3.950  1.00 41.18  ? 4   DG    B C4    1 
ATOM   286 P  P     . DG    B 1 5  ? 7.766   -4.467  -8.018  1.00 49.34  ? 5   DG    B P     1 
ATOM   287 O  OP1   . DG    B 1 5  ? 8.082   -5.770  -8.659  1.00 49.75  ? 5   DG    B OP1   1 
ATOM   288 O  OP2   . DG    B 1 5  ? 6.833   -3.519  -8.680  1.00 45.81  ? 5   DG    B OP2   1 
ATOM   289 O  "O5'" . DG    B 1 5  ? 7.234   -4.815  -6.561  1.00 47.07  ? 5   DG    B "O5'" 1 
ATOM   290 C  "C5'" . DG    B 1 5  ? 5.840   -4.763  -6.222  1.00 43.51  ? 5   DG    B "C5'" 1 
ATOM   291 C  "C4'" . DG    B 1 5  ? 5.739   -4.745  -4.717  1.00 42.94  ? 5   DG    B "C4'" 1 
ATOM   292 O  "O4'" . DG    B 1 5  ? 6.176   -3.453  -4.235  1.00 42.90  ? 5   DG    B "O4'" 1 
ATOM   293 C  "C3'" . DG    B 1 5  ? 4.347   -4.952  -4.133  1.00 42.26  ? 5   DG    B "C3'" 1 
ATOM   294 O  "O3'" . DG    B 1 5  ? 4.126   -6.341  -3.872  1.00 42.29  ? 5   DG    B "O3'" 1 
ATOM   295 C  "C2'" . DG    B 1 5  ? 4.430   -4.194  -2.824  1.00 41.67  ? 5   DG    B "C2'" 1 
ATOM   296 C  "C1'" . DG    B 1 5  ? 5.351   -3.026  -3.162  1.00 40.84  ? 5   DG    B "C1'" 1 
ATOM   297 N  N9    . DG    B 1 5  ? 4.627   -1.835  -3.591  1.00 39.17  ? 5   DG    B N9    1 
ATOM   298 C  C8    . DG    B 1 5  ? 4.636   -1.235  -4.828  1.00 37.12  ? 5   DG    B C8    1 
ATOM   299 N  N7    . DG    B 1 5  ? 3.848   -0.196  -4.898  1.00 36.44  ? 5   DG    B N7    1 
ATOM   300 C  C5    . DG    B 1 5  ? 3.276   -0.114  -3.636  1.00 36.53  ? 5   DG    B C5    1 
ATOM   301 C  C6    . DG    B 1 5  ? 2.345   0.814   -3.109  1.00 36.02  ? 5   DG    B C6    1 
ATOM   302 O  O6    . DG    B 1 5  ? 1.817   1.775   -3.671  1.00 36.92  ? 5   DG    B O6    1 
ATOM   303 N  N1    . DG    B 1 5  ? 2.036   0.532   -1.783  1.00 36.32  ? 5   DG    B N1    1 
ATOM   304 C  C2    . DG    B 1 5  ? 2.555   -0.510  -1.056  1.00 36.06  ? 5   DG    B C2    1 
ATOM   305 N  N2    . DG    B 1 5  ? 2.136   -0.618  0.213   1.00 34.56  ? 5   DG    B N2    1 
ATOM   306 N  N3    . DG    B 1 5  ? 3.435   -1.375  -1.533  1.00 36.64  ? 5   DG    B N3    1 
ATOM   307 C  C4    . DG    B 1 5  ? 3.745   -1.121  -2.820  1.00 36.25  ? 5   DG    B C4    1 
ATOM   308 P  P     . DC    B 1 6  ? 2.671   -6.984  -4.065  1.00 42.25  ? 6   DC    B P     1 
ATOM   309 O  OP1   . DC    B 1 6  ? 2.819   -8.454  -3.972  1.00 43.20  ? 6   DC    B OP1   1 
ATOM   310 O  OP2   . DC    B 1 6  ? 2.051   -6.366  -5.268  1.00 40.31  ? 6   DC    B OP2   1 
ATOM   311 O  "O5'" . DC    B 1 6  ? 1.868   -6.485  -2.785  1.00 40.79  ? 6   DC    B "O5'" 1 
ATOM   312 C  "C5'" . DC    B 1 6  ? 2.275   -6.886  -1.467  1.00 40.26  ? 6   DC    B "C5'" 1 
ATOM   313 C  "C4'" . DC    B 1 6  ? 1.583   -6.035  -0.430  1.00 39.00  ? 6   DC    B "C4'" 1 
ATOM   314 O  "O4'" . DC    B 1 6  ? 1.816   -4.639  -0.722  1.00 37.50  ? 6   DC    B "O4'" 1 
ATOM   315 C  "C3'" . DC    B 1 6  ? 0.065   -6.177  -0.372  1.00 39.07  ? 6   DC    B "C3'" 1 
ATOM   316 O  "O3'" . DC    B 1 6  ? -0.317  -7.214  0.537   1.00 41.22  ? 6   DC    B "O3'" 1 
ATOM   317 C  "C2'" . DC    B 1 6  ? -0.368  -4.842  0.197   1.00 38.47  ? 6   DC    B "C2'" 1 
ATOM   318 C  "C1'" . DC    B 1 6  ? 0.702   -3.869  -0.286  1.00 36.92  ? 6   DC    B "C1'" 1 
ATOM   319 N  N1    . DC    B 1 6  ? 0.262   -3.017  -1.402  1.00 36.06  ? 6   DC    B N1    1 
ATOM   320 C  C2    . DC    B 1 6  ? -0.654  -2.002  -1.130  1.00 37.05  ? 6   DC    B C2    1 
ATOM   321 O  O2    . DC    B 1 6  ? -1.052  -1.852  0.036   1.00 37.36  ? 6   DC    B O2    1 
ATOM   322 N  N3    . DC    B 1 6  ? -1.083  -1.209  -2.138  1.00 36.57  ? 6   DC    B N3    1 
ATOM   323 C  C4    . DC    B 1 6  ? -0.624  -1.399  -3.377  1.00 36.94  ? 6   DC    B C4    1 
ATOM   324 N  N4    . DC    B 1 6  ? -1.063  -0.585  -4.337  1.00 36.77  ? 6   DC    B N4    1 
ATOM   325 C  C5    . DC    B 1 6  ? 0.309   -2.430  -3.683  1.00 36.96  ? 6   DC    B C5    1 
ATOM   326 C  C6    . DC    B 1 6  ? 0.717   -3.214  -2.676  1.00 37.17  ? 6   DC    B C6    1 
ATOM   327 P  P     . DC    B 1 7  ? -1.763  -7.914  0.436   1.00 41.88  ? 7   DC    B P     1 
ATOM   328 O  OP1   . DC    B 1 7  ? -1.681  -9.210  1.159   1.00 39.92  ? 7   DC    B OP1   1 
ATOM   329 O  OP2   . DC    B 1 7  ? -2.201  -7.883  -0.983  1.00 41.90  ? 7   DC    B OP2   1 
ATOM   330 O  "O5'" . DC    B 1 7  ? -2.714  -6.951  1.275   1.00 39.83  ? 7   DC    B "O5'" 1 
ATOM   331 C  "C5'" . DC    B 1 7  ? -2.384  -6.577  2.623   1.00 40.66  ? 7   DC    B "C5'" 1 
ATOM   332 C  "C4'" . DC    B 1 7  ? -3.403  -5.605  3.170   1.00 41.53  ? 7   DC    B "C4'" 1 
ATOM   333 O  "O4'" . DC    B 1 7  ? -3.429  -4.403  2.359   1.00 41.32  ? 7   DC    B "O4'" 1 
ATOM   334 C  "C3'" . DC    B 1 7  ? -4.840  -6.121  3.199   1.00 40.83  ? 7   DC    B "C3'" 1 
ATOM   335 O  "O3'" . DC    B 1 7  ? -5.472  -5.632  4.383   1.00 41.41  ? 7   DC    B "O3'" 1 
ATOM   336 C  "C2'" . DC    B 1 7  ? -5.449  -5.519  1.946   1.00 40.97  ? 7   DC    B "C2'" 1 
ATOM   337 C  "C1'" . DC    B 1 7  ? -4.736  -4.177  1.857   1.00 41.06  ? 7   DC    B "C1'" 1 
ATOM   338 N  N1    . DC    B 1 7  ? -4.602  -3.640  0.491   1.00 41.30  ? 7   DC    B N1    1 
ATOM   339 C  C2    . DC    B 1 7  ? -5.292  -2.471  0.147   1.00 40.51  ? 7   DC    B C2    1 
ATOM   340 O  O2    . DC    B 1 7  ? -6.003  -1.923  1.001   1.00 41.14  ? 7   DC    B O2    1 
ATOM   341 N  N3    . DC    B 1 7  ? -5.171  -1.975  -1.106  1.00 40.16  ? 7   DC    B N3    1 
ATOM   342 C  C4    . DC    B 1 7  ? -4.402  -2.603  -2.000  1.00 41.66  ? 7   DC    B C4    1 
ATOM   343 N  N4    . DC    B 1 7  ? -4.312  -2.081  -3.226  1.00 43.49  ? 7   DC    B N4    1 
ATOM   344 C  C5    . DC    B 1 7  ? -3.692  -3.796  -1.677  1.00 40.71  ? 7   DC    B C5    1 
ATOM   345 C  C6    . DC    B 1 7  ? -3.821  -4.275  -0.434  1.00 40.52  ? 7   DC    B C6    1 
ATOM   346 P  P     . DT    B 1 8  ? -6.932  -6.134  4.794   1.00 45.92  ? 8   DT    B P     1 
ATOM   347 O  OP1   . DT    B 1 8  ? -7.003  -6.176  6.277   1.00 43.14  ? 8   DT    B OP1   1 
ATOM   348 O  OP2   . DT    B 1 8  ? -7.231  -7.360  4.009   1.00 47.36  ? 8   DT    B OP2   1 
ATOM   349 O  "O5'" . DT    B 1 8  ? -7.884  -4.977  4.253   1.00 44.66  ? 8   DT    B "O5'" 1 
ATOM   350 C  "C5'" . DT    B 1 8  ? -7.841  -3.654  4.809   1.00 46.10  ? 8   DT    B "C5'" 1 
ATOM   351 C  "C4'" . DT    B 1 8  ? -9.040  -2.856  4.355   1.00 45.13  ? 8   DT    B "C4'" 1 
ATOM   352 O  "O4'" . DT    B 1 8  ? -8.865  -2.442  2.981   1.00 46.35  ? 8   DT    B "O4'" 1 
ATOM   353 C  "C3'" . DT    B 1 8  ? -10.372 -3.600  4.395   1.00 46.77  ? 8   DT    B "C3'" 1 
ATOM   354 O  "O3'" . DT    B 1 8  ? -11.366 -2.655  4.775   1.00 52.00  ? 8   DT    B "O3'" 1 
ATOM   355 C  "C2'" . DT    B 1 8  ? -10.576 -4.043  2.957   1.00 45.27  ? 8   DT    B "C2'" 1 
ATOM   356 C  "C1'" . DT    B 1 8  ? -9.970  -2.878  2.195   1.00 43.56  ? 8   DT    B "C1'" 1 
ATOM   357 N  N1    . DT    B 1 8  ? -9.458  -3.167  0.846   1.00 42.55  ? 8   DT    B N1    1 
ATOM   358 C  C2    . DT    B 1 8  ? -9.695  -2.247  -0.150  1.00 40.79  ? 8   DT    B C2    1 
ATOM   359 O  O2    . DT    B 1 8  ? -10.372 -1.246  0.012   1.00 42.49  ? 8   DT    B O2    1 
ATOM   360 N  N3    . DT    B 1 8  ? -9.132  -2.559  -1.363  1.00 40.18  ? 8   DT    B N3    1 
ATOM   361 C  C4    . DT    B 1 8  ? -8.358  -3.665  -1.663  1.00 40.43  ? 8   DT    B C4    1 
ATOM   362 O  O4    . DT    B 1 8  ? -7.920  -3.815  -2.800  1.00 40.35  ? 8   DT    B O4    1 
ATOM   363 C  C5    . DT    B 1 8  ? -8.132  -4.576  -0.565  1.00 40.80  ? 8   DT    B C5    1 
ATOM   364 C  C7    . DT    B 1 8  ? -7.308  -5.803  -0.800  1.00 42.75  ? 8   DT    B C7    1 
ATOM   365 C  C6    . DT    B 1 8  ? -8.671  -4.276  0.623   1.00 41.26  ? 8   DT    B C6    1 
ATOM   366 P  P     . DC    B 1 9  ? -12.752 -3.141  5.384   1.00 55.54  ? 9   DC    B P     1 
ATOM   367 O  OP1   . DC    B 1 9  ? -13.102 -2.220  6.494   1.00 57.31  ? 9   DC    B OP1   1 
ATOM   368 O  OP2   . DC    B 1 9  ? -12.672 -4.599  5.629   1.00 53.99  ? 9   DC    B OP2   1 
ATOM   369 O  "O5'" . DC    B 1 9  ? -13.764 -2.880  4.184   1.00 55.63  ? 9   DC    B "O5'" 1 
ATOM   370 C  "C5'" . DC    B 1 9  ? -14.011 -1.536  3.746   1.00 55.82  ? 9   DC    B "C5'" 1 
ATOM   371 C  "C4'" . DC    B 1 9  ? -14.579 -1.527  2.347   1.00 54.93  ? 9   DC    B "C4'" 1 
ATOM   372 O  "O4'" . DC    B 1 9  ? -13.583 -1.988  1.412   1.00 52.64  ? 9   DC    B "O4'" 1 
ATOM   373 C  "C3'" . DC    B 1 9  ? -15.814 -2.412  2.122   1.00 54.08  ? 9   DC    B "C3'" 1 
ATOM   374 O  "O3'" . DC    B 1 9  ? -16.942 -1.561  1.884   1.00 57.42  ? 9   DC    B "O3'" 1 
ATOM   375 C  "C2'" . DC    B 1 9  ? -15.440 -3.276  0.925   1.00 49.44  ? 9   DC    B "C2'" 1 
ATOM   376 C  "C1'" . DC    B 1 9  ? -14.284 -2.509  0.311   1.00 47.66  ? 9   DC    B "C1'" 1 
ATOM   377 N  N1    . DC    B 1 9  ? -13.336 -3.281  -0.506  1.00 41.22  ? 9   DC    B N1    1 
ATOM   378 C  C2    . DC    B 1 9  ? -13.023 -2.810  -1.783  1.00 40.47  ? 9   DC    B C2    1 
ATOM   379 O  O2    . DC    B 1 9  ? -13.558 -1.768  -2.185  1.00 39.17  ? 9   DC    B O2    1 
ATOM   380 N  N3    . DC    B 1 9  ? -12.148 -3.503  -2.548  1.00 39.64  ? 9   DC    B N3    1 
ATOM   381 C  C4    . DC    B 1 9  ? -11.590 -4.620  -2.077  1.00 38.69  ? 9   DC    B C4    1 
ATOM   382 N  N4    . DC    B 1 9  ? -10.732 -5.270  -2.866  1.00 38.16  ? 9   DC    B N4    1 
ATOM   383 C  C5    . DC    B 1 9  ? -11.884 -5.117  -0.774  1.00 38.50  ? 9   DC    B C5    1 
ATOM   384 C  C6    . DC    B 1 9  ? -12.750 -4.419  -0.027  1.00 40.00  ? 9   DC    B C6    1 
ATOM   385 P  P     . DT    B 1 10 ? -18.382 -2.173  1.534   1.00 60.32  ? 10  DT    B P     1 
ATOM   386 O  OP1   . DT    B 1 10 ? -19.409 -1.272  2.117   1.00 64.51  ? 10  DT    B OP1   1 
ATOM   387 O  OP2   . DT    B 1 10 ? -18.393 -3.625  1.868   1.00 58.23  ? 10  DT    B OP2   1 
ATOM   388 O  "O5'" . DT    B 1 10 ? -18.437 -2.057  -0.053  1.00 56.10  ? 10  DT    B "O5'" 1 
ATOM   389 C  "C5'" . DT    B 1 10 ? -18.139 -0.819  -0.716  1.00 49.52  ? 10  DT    B "C5'" 1 
ATOM   390 C  "C4'" . DT    B 1 10 ? -18.104 -1.045  -2.208  1.00 47.14  ? 10  DT    B "C4'" 1 
ATOM   391 O  "O4'" . DT    B 1 10 ? -16.957 -1.862  -2.538  1.00 46.01  ? 10  DT    B "O4'" 1 
ATOM   392 C  "C3'" . DT    B 1 10 ? -19.328 -1.776  -2.771  1.00 45.87  ? 10  DT    B "C3'" 1 
ATOM   393 O  "O3'" . DT    B 1 10 ? -19.888 -1.027  -3.852  1.00 47.70  ? 10  DT    B "O3'" 1 
ATOM   394 C  "C2'" . DT    B 1 10 ? -18.782 -3.113  -3.246  1.00 44.24  ? 10  DT    B "C2'" 1 
ATOM   395 C  "C1'" . DT    B 1 10 ? -17.331 -2.789  -3.537  1.00 43.81  ? 10  DT    B "C1'" 1 
ATOM   396 N  N1    . DT    B 1 10 ? -16.398 -3.927  -3.466  1.00 41.32  ? 10  DT    B N1    1 
ATOM   397 C  C2    . DT    B 1 10 ? -15.619 -4.208  -4.565  1.00 41.49  ? 10  DT    B C2    1 
ATOM   398 O  O2    . DT    B 1 10 ? -15.681 -3.575  -5.607  1.00 42.51  ? 10  DT    B O2    1 
ATOM   399 N  N3    . DT    B 1 10 ? -14.766 -5.272  -4.405  1.00 41.07  ? 10  DT    B N3    1 
ATOM   400 C  C4    . DT    B 1 10 ? -14.617 -6.058  -3.279  1.00 40.77  ? 10  DT    B C4    1 
ATOM   401 O  O4    . DT    B 1 10 ? -13.803 -6.973  -3.279  1.00 44.13  ? 10  DT    B O4    1 
ATOM   402 C  C5    . DT    B 1 10 ? -15.458 -5.699  -2.162  1.00 41.45  ? 10  DT    B C5    1 
ATOM   403 C  C7    . DT    B 1 10 ? -15.367 -6.498  -0.899  1.00 41.36  ? 10  DT    B C7    1 
ATOM   404 C  C6    . DT    B 1 10 ? -16.294 -4.665  -2.310  1.00 41.14  ? 10  DT    B C6    1 
HETATM 405 O  O4    . A1BNK C 2 .  ? 2.198   -1.713  7.953   1.00 36.97  ? 101 A1BNK A O4    1 
HETATM 406 O  O3    . A1BNK C 2 .  ? 0.512   -1.817  11.288  1.00 39.72  ? 101 A1BNK A O3    1 
HETATM 407 O  O2    . A1BNK C 2 .  ? 2.728   0.841   11.441  1.00 39.68  ? 101 A1BNK A O2    1 
HETATM 408 C  C1    . A1BNK C 2 .  ? 1.386   -0.913  10.620  1.00 39.51  ? 101 A1BNK A C1    1 
HETATM 409 C  C2    . A1BNK C 2 .  ? 1.683   0.230   11.546  1.00 39.19  ? 101 A1BNK A C2    1 
HETATM 410 C  C17   . A1BNK C 2 .  ? -1.366  0.525   8.232   1.00 36.15  ? 101 A1BNK A C17   1 
HETATM 411 C  C18   . A1BNK C 2 .  ? -2.447  1.409   8.255   1.00 36.79  ? 101 A1BNK A C18   1 
HETATM 412 C  C19   . A1BNK C 2 .  ? -1.143  -0.250  7.101   1.00 36.90  ? 101 A1BNK A C19   1 
HETATM 413 C  C     . A1BNK C 2 .  ? 0.826   -0.377  9.294   1.00 37.25  ? 101 A1BNK A C     1 
HETATM 414 C  C16   . A1BNK C 2 .  ? -0.482  0.408   9.470   1.00 38.05  ? 101 A1BNK A C16   1 
HETATM 415 C  C15   . A1BNK C 2 .  ? 1.229   -2.884  11.887  1.00 41.01  ? 101 A1BNK A C15   1 
HETATM 416 C  C21   . A1BNK C 2 .  ? 0.820   -1.515  8.285   1.00 37.52  ? 101 A1BNK A C21   1 
HETATM 417 C  C20   . A1BNK C 2 .  ? 0.054   -1.147  7.053   1.00 36.11  ? 101 A1BNK A C20   1 
HETATM 418 O  O14   . A1BNK C 2 .  ? 0.501   -1.457  5.964   1.00 37.24  ? 101 A1BNK A O14   1 
HETATM 419 C  C43   . A1BNK C 2 .  ? -3.291  1.534   7.141   1.00 38.41  ? 101 A1BNK A C43   1 
HETATM 420 C  C42   . A1BNK C 2 .  ? -3.061  0.754   6.002   1.00 37.55  ? 101 A1BNK A C42   1 
HETATM 421 C  C41   . A1BNK C 2 .  ? -1.980  -0.125  5.986   1.00 37.36  ? 101 A1BNK A C41   1 
HETATM 422 O  O15   . A1BNK C 2 .  ? -1.780  -0.872  4.872   1.00 35.20  ? 101 A1BNK A O15   1 
HETATM 423 C  C44   . A1BNK C 2 .  ? -4.372  2.415   7.150   1.00 38.92  ? 101 A1BNK A C44   1 
HETATM 424 C  C45   . A1BNK C 2 .  ? -5.198  2.516   6.020   1.00 39.13  ? 101 A1BNK A C45   1 
HETATM 425 C  C58   . A1BNK C 2 .  ? -4.963  1.734   4.907   1.00 38.22  ? 101 A1BNK A C58   1 
HETATM 426 C  C59   . A1BNK C 2 .  ? -5.851  1.815   3.691   1.00 39.71  ? 101 A1BNK A C59   1 
HETATM 427 C  C60   . A1BNK C 2 .  ? -3.901  0.861   4.891   1.00 37.55  ? 101 A1BNK A C60   1 
HETATM 428 O  O23   . A1BNK C 2 .  ? -3.698  0.110   3.778   1.00 38.97  ? 101 A1BNK A O23   1 
HETATM 429 O  O16   . A1BNK C 2 .  ? -6.267  3.369   5.980   1.00 40.61  ? 101 A1BNK A O16   1 
HETATM 430 C  C9    . A1BNK C 2 .  ? -2.759  3.719   12.370  1.00 37.47  ? 101 A1BNK A C9    1 
HETATM 431 C  C8    . A1BNK C 2 .  ? -1.522  3.669   11.725  1.00 37.28  ? 101 A1BNK A C8    1 
HETATM 432 C  C7    . A1BNK C 2 .  ? -1.352  4.132   10.429  1.00 36.49  ? 101 A1BNK A C7    1 
HETATM 433 C  C10   . A1BNK C 2 .  ? -3.847  4.251   11.688  1.00 38.90  ? 101 A1BNK A C10   1 
HETATM 434 C  C5    . A1BNK C 2 .  ? -0.303  3.190   12.168  1.00 36.41  ? 101 A1BNK A C5    1 
HETATM 435 C  C6    . A1BNK C 2 .  ? 0.593   3.385   11.130  1.00 35.68  ? 101 A1BNK A C6    1 
HETATM 436 N  N1    . A1BNK C 2 .  ? -0.066  3.954   10.088  1.00 35.92  ? 101 A1BNK A N1    1 
HETATM 437 C  C3    . A1BNK C 2 .  ? 1.036   1.500   13.488  1.00 40.66  ? 101 A1BNK A C3    1 
HETATM 438 C  C4    . A1BNK C 2 .  ? -0.029  2.589   13.526  1.00 38.84  ? 101 A1BNK A C4    1 
HETATM 439 N  N     . A1BNK C 2 .  ? 0.776   0.509   12.467  1.00 39.21  ? 101 A1BNK A N     1 
HETATM 440 C  C11   . A1BNK C 2 .  ? -3.680  4.725   10.381  1.00 38.82  ? 101 A1BNK A C11   1 
HETATM 441 C  C14   . A1BNK C 2 .  ? 2.237   0.527   16.955  1.00 49.19  ? 101 A1BNK A C14   1 
HETATM 442 C  C12   . A1BNK C 2 .  ? -2.440  4.663   9.754   1.00 36.54  ? 101 A1BNK A C12   1 
HETATM 443 C  C13   . A1BNK C 2 .  ? 1.106   0.788   14.809  1.00 43.74  ? 101 A1BNK A C13   1 
HETATM 444 O  O1    . A1BNK C 2 .  ? 0.611   -0.322  14.973  1.00 45.06  ? 101 A1BNK A O1    1 
HETATM 445 O  O     . A1BNK C 2 .  ? 1.777   1.406   15.925  1.00 45.63  ? 101 A1BNK A O     1 
HETATM 446 C  C61   . A1BNK C 2 .  ? -2.269  5.165   8.350   1.00 37.88  ? 101 A1BNK A C61   1 
HETATM 447 C  C46   . A1BNK C 2 .  ? -6.253  4.635   6.614   1.00 41.40  ? 101 A1BNK A C46   1 
HETATM 448 C  C47   . A1BNK C 2 .  ? -7.018  5.647   5.770   1.00 42.84  ? 101 A1BNK A C47   1 
HETATM 449 C  C48   . A1BNK C 2 .  ? -7.277  6.918   6.569   1.00 42.57  ? 101 A1BNK A C48   1 
HETATM 450 C  C49   . A1BNK C 2 .  ? -7.897  6.590   7.911   1.00 42.32  ? 101 A1BNK A C49   1 
HETATM 451 C  C50   . A1BNK C 2 .  ? -6.963  5.645   8.636   1.00 41.42  ? 101 A1BNK A C50   1 
HETATM 452 C  C51   . A1BNK C 2 .  ? -7.434  5.342   10.050  1.00 40.95  ? 101 A1BNK A C51   1 
HETATM 453 O  O17   . A1BNK C 2 .  ? -6.896  4.450   7.869   1.00 42.03  ? 101 A1BNK A O17   1 
HETATM 454 O  O19   . A1BNK C 2 .  ? -8.168  7.789   5.891   1.00 43.06  ? 101 A1BNK A O19   1 
HETATM 455 O  O18   . A1BNK C 2 .  ? -8.065  7.786   8.669   1.00 41.51  ? 101 A1BNK A O18   1 
HETATM 456 C  C52   . A1BNK C 2 .  ? -7.494  8.684   5.009   1.00 45.04  ? 101 A1BNK A C52   1 
HETATM 457 C  C53   . A1BNK C 2 .  ? -8.513  9.179   3.997   1.00 45.81  ? 101 A1BNK A C53   1 
HETATM 458 C  C54   . A1BNK C 2 .  ? -7.900  10.238  3.098   1.00 46.41  ? 101 A1BNK A C54   1 
HETATM 459 C  C55   . A1BNK C 2 .  ? -7.218  11.318  3.914   1.00 46.48  ? 101 A1BNK A C55   1 
HETATM 460 C  C56   . A1BNK C 2 .  ? -6.237  10.693  4.893   1.00 45.99  ? 101 A1BNK A C56   1 
HETATM 461 C  C57   . A1BNK C 2 .  ? -5.551  11.749  5.752   1.00 46.47  ? 101 A1BNK A C57   1 
HETATM 462 O  O20   . A1BNK C 2 .  ? -6.943  9.786   5.737   1.00 44.82  ? 101 A1BNK A O20   1 
HETATM 463 O  O22   . A1BNK C 2 .  ? -8.925  10.827  2.304   1.00 46.72  ? 101 A1BNK A O22   1 
HETATM 464 O  O21   . A1BNK C 2 .  ? -6.535  12.171  3.001   1.00 48.95  ? 101 A1BNK A O21   1 
HETATM 465 C  C22   . A1BNK C 2 .  ? 2.574   -3.028  7.533   1.00 39.03  ? 101 A1BNK A C22   1 
HETATM 466 C  C23   . A1BNK C 2 .  ? 3.893   -2.934  6.774   1.00 39.37  ? 101 A1BNK A C23   1 
HETATM 467 C  C24   . A1BNK C 2 .  ? 4.433   -4.302  6.369   1.00 41.18  ? 101 A1BNK A C24   1 
HETATM 468 C  C25   . A1BNK C 2 .  ? 4.421   -5.263  7.557   1.00 41.56  ? 101 A1BNK A C25   1 
HETATM 469 C  C26   . A1BNK C 2 .  ? 3.064   -5.232  8.255   1.00 40.79  ? 101 A1BNK A C26   1 
HETATM 470 C  C27   . A1BNK C 2 .  ? 3.032   -6.116  9.492   1.00 41.32  ? 101 A1BNK A C27   1 
HETATM 471 O  O5    . A1BNK C 2 .  ? 2.731   -3.898  8.654   1.00 39.92  ? 101 A1BNK A O5    1 
HETATM 472 O  O7    . A1BNK C 2 .  ? 5.753   -4.133  5.855   1.00 40.79  ? 101 A1BNK A O7    1 
HETATM 473 O  O6    . A1BNK C 2 .  ? 4.688   -6.582  7.082   1.00 42.09  ? 101 A1BNK A O6    1 
HETATM 474 C  C28   . A1BNK C 2 .  ? 6.124   -4.987  4.777   1.00 41.87  ? 101 A1BNK A C28   1 
HETATM 475 C  C29   . A1BNK C 2 .  ? 7.343   -4.398  4.081   1.00 42.19  ? 101 A1BNK A C29   1 
HETATM 476 C  C30   . A1BNK C 2 .  ? 7.889   -5.348  3.023   1.00 43.50  ? 101 A1BNK A C30   1 
HETATM 477 C  C31   . A1BNK C 2 .  ? 8.067   -6.748  3.585   1.00 44.14  ? 101 A1BNK A C31   1 
HETATM 478 C  C32   . A1BNK C 2 .  ? 6.819   -7.209  4.315   1.00 44.90  ? 101 A1BNK A C32   1 
HETATM 479 C  C33   . A1BNK C 2 .  ? 7.028   -8.566  4.976   1.00 46.16  ? 101 A1BNK A C33   1 
HETATM 480 O  O8    . A1BNK C 2 .  ? 6.453   -6.261  5.311   1.00 42.87  ? 101 A1BNK A O8    1 
HETATM 481 O  O10   . A1BNK C 2 .  ? 9.154   -4.904  2.532   1.00 41.99  ? 101 A1BNK A O10   1 
HETATM 482 O  O9    . A1BNK C 2 .  ? 9.173   -6.732  4.488   1.00 44.54  ? 101 A1BNK A O9    1 
HETATM 483 C  C34   . A1BNK C 2 .  ? 9.042   -4.004  1.434   1.00 42.09  ? 101 A1BNK A C34   1 
HETATM 484 C  C35   . A1BNK C 2 .  ? 10.322  -3.171  1.356   1.00 41.42  ? 101 A1BNK A C35   1 
HETATM 485 C  C36   . A1BNK C 2 .  ? 10.476  -2.421  0.036   1.00 42.18  ? 101 A1BNK A C36   1 
HETATM 486 C  C37   . A1BNK C 2 .  ? 10.129  -3.328  -1.153  1.00 41.91  ? 101 A1BNK A C37   1 
HETATM 487 C  C38   . A1BNK C 2 .  ? 8.778   -4.004  -0.936  1.00 42.63  ? 101 A1BNK A C38   1 
HETATM 488 C  C39   . A1BNK C 2 .  ? 8.398   -4.905  -2.106  1.00 43.32  ? 101 A1BNK A C39   1 
HETATM 489 C  C40   . A1BNK C 2 .  ? 11.909  -1.929  -0.099  1.00 41.77  ? 101 A1BNK A C40   1 
HETATM 490 O  O12   . A1BNK C 2 .  ? 8.823   -4.786  0.259   1.00 41.82  ? 101 A1BNK A O12   1 
HETATM 491 O  O11   . A1BNK C 2 .  ? 9.598   -1.287  0.032   1.00 40.13  ? 101 A1BNK A O11   1 
HETATM 492 O  O13   . A1BNK C 2 .  ? 10.099  -2.571  -2.372  1.00 41.94  ? 101 A1BNK A O13   1 
HETATM 493 ZN ZN    . ZN    D 3 .  ? -0.312  -2.109  4.175   1.00 37.44  ? 102 ZN    A ZN    1 
HETATM 494 ZN ZN    . ZN    E 3 .  ? -8.690  -7.823  -7.576  1.00 40.59  ? 103 ZN    A ZN    1 
HETATM 495 ZN ZN    . ZN    F 3 .  ? -4.464  4.659   -4.495  1.00 106.00 ? 104 ZN    A ZN    1 
HETATM 496 ZN ZN    . ZN    G 3 .  ? -6.558  2.588   -6.059  1.00 106.39 ? 105 ZN    A ZN    1 
HETATM 497 NA NA    . NA    H 4 .  ? -6.383  7.897   -3.269  1.00 69.56  ? 106 NA    A NA    1 
HETATM 498 NA NA    . NA    I 4 .  ? -6.460  -5.172  -12.756 1.00 58.85  ? 107 NA    A NA    1 
HETATM 499 NA NA    . NA    J 4 .  ? -14.335 8.103   -6.020  1.00 80.85  ? 108 NA    A NA    1 
HETATM 500 O  O4    . A1BNK K 2 .  ? -2.303  -5.352  6.765   1.00 40.31  ? 101 A1BNK B O4    1 
HETATM 501 O  O3    . A1BNK K 2 .  ? -0.312  -7.807  8.604   1.00 44.59  ? 101 A1BNK B O3    1 
HETATM 502 O  O2    . A1BNK K 2 .  ? -2.794  -9.590  6.911   1.00 46.70  ? 101 A1BNK B O2    1 
HETATM 503 C  C1    . A1BNK K 2 .  ? -1.311  -7.908  7.588   1.00 43.76  ? 101 A1BNK B C1    1 
HETATM 504 C  C2    . A1BNK K 2 .  ? -1.671  -9.351  7.313   1.00 45.29  ? 101 A1BNK B C2    1 
HETATM 505 C  C17   . A1BNK K 2 .  ? 1.159   -6.748  4.771   1.00 39.61  ? 101 A1BNK B C17   1 
HETATM 506 C  C18   . A1BNK K 2 .  ? 2.214   -7.256  3.993   1.00 39.41  ? 101 A1BNK B C18   1 
HETATM 507 C  C19   . A1BNK K 2 .  ? 0.824   -5.395  4.672   1.00 38.15  ? 101 A1BNK B C19   1 
HETATM 508 C  C     . A1BNK K 2 .  ? -0.874  -7.163  6.309   1.00 39.89  ? 101 A1BNK B C     1 
HETATM 509 C  C16   . A1BNK K 2 .  ? 0.435   -7.697  5.716   1.00 38.33  ? 101 A1BNK B C16   1 
HETATM 510 C  C15   . A1BNK K 2 .  ? -0.911  -7.727  9.900   1.00 46.97  ? 101 A1BNK B C15   1 
HETATM 511 C  C21   . A1BNK K 2 .  ? -0.911  -5.666  6.606   1.00 39.93  ? 101 A1BNK B C21   1 
HETATM 512 C  C20   . A1BNK K 2 .  ? -0.331  -4.868  5.476   1.00 38.37  ? 101 A1BNK B C20   1 
HETATM 513 O  O14   . A1BNK K 2 .  ? -0.884  -3.830  5.158   1.00 38.36  ? 101 A1BNK B O14   1 
HETATM 514 C  C43   . A1BNK K 2 .  ? 2.925   -6.429  3.119   1.00 38.56  ? 101 A1BNK B C43   1 
HETATM 515 C  C42   . A1BNK K 2 .  ? 2.584   -5.090  3.029   1.00 38.07  ? 101 A1BNK B C42   1 
HETATM 516 C  C41   . A1BNK K 2 .  ? 1.543   -4.584  3.790   1.00 38.09  ? 101 A1BNK B C41   1 
HETATM 517 O  O15   . A1BNK K 2 .  ? 1.279   -3.264  3.627   1.00 36.76  ? 101 A1BNK B O15   1 
HETATM 518 C  C44   . A1BNK K 2 .  ? 3.967   -6.923  2.340   1.00 39.46  ? 101 A1BNK B C44   1 
HETATM 519 C  C45   . A1BNK K 2 .  ? 4.656   -6.069  1.474   1.00 39.74  ? 101 A1BNK B C45   1 
HETATM 520 C  C58   . A1BNK K 2 .  ? 4.310   -4.733  1.402   1.00 39.85  ? 101 A1BNK B C58   1 
HETATM 521 C  C59   . A1BNK K 2 .  ? 5.041   -3.784  0.491   1.00 41.02  ? 101 A1BNK B C59   1 
HETATM 522 C  C60   . A1BNK K 2 .  ? 3.272   -4.242  2.172   1.00 38.88  ? 101 A1BNK B C60   1 
HETATM 523 O  O23   . A1BNK K 2 .  ? 2.923   -2.926  2.093   1.00 39.20  ? 101 A1BNK B O23   1 
HETATM 524 O  O16   . A1BNK K 2 .  ? 5.691   -6.523  0.698   1.00 42.31  ? 101 A1BNK B O16   1 
HETATM 525 C  C9    . A1BNK K 2 .  ? 2.796   -11.934 4.816   1.00 39.43  ? 101 A1BNK B C9    1 
HETATM 526 C  C8    . A1BNK K 2 .  ? 1.516   -11.504 4.491   1.00 40.39  ? 101 A1BNK B C8    1 
HETATM 527 C  C7    . A1BNK K 2 .  ? 1.264   -10.815 3.315   1.00 38.63  ? 101 A1BNK B C7    1 
HETATM 528 C  C10   . A1BNK K 2 .  ? 3.835   -11.667 3.932   1.00 38.91  ? 101 A1BNK B C10   1 
HETATM 529 C  C5    . A1BNK K 2 .  ? 0.326   -11.633 5.189   1.00 40.56  ? 101 A1BNK B C5    1 
HETATM 530 C  C6    . A1BNK K 2 .  ? -0.640  -11.021 4.401   1.00 39.66  ? 101 A1BNK B C6    1 
HETATM 531 N  N1    . A1BNK K 2 .  ? -0.049  -10.541 3.283   1.00 39.76  ? 101 A1BNK B N1    1 
HETATM 532 C  C3    . A1BNK K 2 .  ? -1.052  -11.716 7.272   1.00 47.05  ? 101 A1BNK B C3    1 
HETATM 533 C  C4    . A1BNK K 2 .  ? 0.132   -12.318 6.520   1.00 43.89  ? 101 A1BNK B C4    1 
HETATM 534 N  N     . A1BNK K 2 .  ? -0.764  -10.308 7.521   1.00 46.02  ? 101 A1BNK B N     1 
HETATM 535 C  C11   . A1BNK K 2 .  ? 3.587   -10.976 2.747   1.00 39.02  ? 101 A1BNK B C11   1 
HETATM 536 C  C14   . A1BNK K 2 .  ? -2.237  -12.344 10.896  1.00 54.91  ? 101 A1BNK B C14   1 
HETATM 537 C  C12   . A1BNK K 2 .  ? 2.305   -10.550 2.436   1.00 37.77  ? 101 A1BNK B C12   1 
HETATM 538 C  C13   . A1BNK K 2 .  ? -1.375  -12.487 8.535   1.00 51.22  ? 101 A1BNK B C13   1 
HETATM 539 O  O1    . A1BNK K 2 .  ? -0.937  -13.612 8.733   1.00 53.24  ? 101 A1BNK B O1    1 
HETATM 540 O  O     . A1BNK K 2 .  ? -2.254  -11.900 9.540   1.00 54.70  ? 101 A1BNK B O     1 
HETATM 541 C  C61   . A1BNK K 2 .  ? 2.057   -9.807  1.152   1.00 39.18  ? 101 A1BNK B C61   1 
HETATM 542 C  C46   . A1BNK K 2 .  ? 5.704   -7.837  0.139   1.00 43.39  ? 101 A1BNK B C46   1 
HETATM 543 C  C47   . A1BNK K 2 .  ? 6.407   -7.788  -1.208  1.00 42.34  ? 101 A1BNK B C47   1 
HETATM 544 C  C48   . A1BNK K 2 .  ? 6.678   -9.187  -1.729  1.00 42.36  ? 101 A1BNK B C48   1 
HETATM 545 C  C49   . A1BNK K 2 .  ? 7.408   -10.003 -0.685  1.00 42.84  ? 101 A1BNK B C49   1 
HETATM 546 C  C50   . A1BNK K 2 .  ? 6.559   -10.045 0.566   1.00 44.24  ? 101 A1BNK B C50   1 
HETATM 547 C  C51   . A1BNK K 2 .  ? 7.204   -10.912 1.638   1.00 44.19  ? 101 A1BNK B C51   1 
HETATM 548 O  O17   . A1BNK K 2 .  ? 6.386   -8.709  1.046   1.00 45.11  ? 101 A1BNK B O17   1 
HETATM 549 O  O19   . A1BNK K 2 .  ? 7.499   -9.142  -2.881  1.00 41.61  ? 101 A1BNK B O19   1 
HETATM 550 O  O18   . A1BNK K 2 .  ? 7.628   -11.326 -1.172  1.00 43.80  ? 101 A1BNK B O18   1 
HETATM 551 C  C52   . A1BNK K 2 .  ? 6.748   -9.049  -4.078  1.00 42.56  ? 101 A1BNK B C52   1 
HETATM 552 C  C53   . A1BNK K 2 .  ? 7.688   -8.531  -5.154  1.00 41.29  ? 101 A1BNK B C53   1 
HETATM 553 C  C54   . A1BNK K 2 .  ? 7.022   -8.552  -6.517  1.00 42.65  ? 101 A1BNK B C54   1 
HETATM 554 C  C55   . A1BNK K 2 .  ? 6.367   -9.898  -6.779  1.00 43.20  ? 101 A1BNK B C55   1 
HETATM 555 C  C56   . A1BNK K 2 .  ? 5.447   -10.268 -5.621  1.00 43.16  ? 101 A1BNK B C56   1 
HETATM 556 C  C57   . A1BNK K 2 .  ? 4.744   -11.597 -5.859  1.00 44.93  ? 101 A1BNK B C57   1 
HETATM 557 O  O20   . A1BNK K 2 .  ? 6.221   -10.339 -4.424  1.00 42.96  ? 101 A1BNK B O20   1 
HETATM 558 O  O22   . A1BNK K 2 .  ? 8.010   -8.309  -7.519  1.00 44.55  ? 101 A1BNK B O22   1 
HETATM 559 O  O21   . A1BNK K 2 .  ? 5.630   -9.805  -8.005  1.00 44.21  ? 101 A1BNK B O21   1 
HETATM 560 C  C22   . A1BNK K 2 .  ? -2.575  -4.227  7.589   1.00 43.11  ? 101 A1BNK B C22   1 
HETATM 561 C  C23   . A1BNK K 2 .  ? -3.965  -3.729  7.251   1.00 43.08  ? 101 A1BNK B C23   1 
HETATM 562 C  C24   . A1BNK K 2 .  ? -4.305  -2.540  8.129   1.00 44.49  ? 101 A1BNK B C24   1 
HETATM 563 C  C25   . A1BNK K 2 .  ? -4.124  -2.906  9.598   1.00 43.87  ? 101 A1BNK B C25   1 
HETATM 564 C  C26   . A1BNK K 2 .  ? -2.729  -3.454  9.821   1.00 44.72  ? 101 A1BNK B C26   1 
HETATM 565 C  C27   . A1BNK K 2 .  ? -2.520  -3.857  11.275  1.00 46.25  ? 101 A1BNK B C27   1 
HETATM 566 O  O5    . A1BNK K 2 .  ? -2.520  -4.580  8.971   1.00 44.63  ? 101 A1BNK B O5    1 
HETATM 567 O  O7    . A1BNK K 2 .  ? -5.657  -2.201  7.866   1.00 46.52  ? 101 A1BNK B O7    1 
HETATM 568 O  O6    . A1BNK K 2 .  ? -4.304  -1.747  10.409  1.00 45.05  ? 101 A1BNK B O6    1 
HETATM 569 C  C28   . A1BNK K 2 .  ? -6.000  -0.828  7.947   1.00 47.84  ? 101 A1BNK B C28   1 
HETATM 570 C  C29   . A1BNK K 2 .  ? -7.240  -0.662  7.083   1.00 50.12  ? 101 A1BNK B C29   1 
HETATM 571 C  C30   . A1BNK K 2 .  ? -7.945  0.658   7.328   1.00 52.10  ? 101 A1BNK B C30   1 
HETATM 572 C  C31   . A1BNK K 2 .  ? -8.075  0.974   8.806   1.00 51.77  ? 101 A1BNK B C31   1 
HETATM 573 C  C32   . A1BNK K 2 .  ? -6.710  0.853   9.452   1.00 48.89  ? 101 A1BNK B C32   1 
HETATM 574 C  C33   . A1BNK K 2 .  ? -6.760  1.251   10.916  1.00 49.51  ? 101 A1BNK B C33   1 
HETATM 575 O  O8    . A1BNK K 2 .  ? -6.266  -0.491  9.304   1.00 48.22  ? 101 A1BNK B O8    1 
HETATM 576 O  O10   . A1BNK K 2 .  ? -9.231  0.581   6.742   1.00 57.37  ? 101 A1BNK B O10   1 
HETATM 577 O  O9    . A1BNK K 2 .  ? -8.995  0.077   9.438   1.00 51.20  ? 101 A1BNK B O9    1 
HETATM 578 C  C34   . A1BNK K 2 .  ? -9.508  1.649   5.857   1.00 68.02  ? 101 A1BNK B C34   1 
HETATM 579 C  C35   . A1BNK K 2 .  ? -9.924  1.069   4.509   1.00 73.82  ? 101 A1BNK B C35   1 
HETATM 580 C  C36   . A1BNK K 2 .  ? -10.354 2.171   3.548   1.00 78.96  ? 101 A1BNK B C36   1 
HETATM 581 C  C37   . A1BNK K 2 .  ? -11.383 3.047   4.275   1.00 80.57  ? 101 A1BNK B C37   1 
HETATM 582 C  C38   . A1BNK K 2 .  ? -10.921 3.529   5.664   1.00 75.51  ? 101 A1BNK B C38   1 
HETATM 583 C  C39   . A1BNK K 2 .  ? -12.009 4.258   6.446   1.00 72.53  ? 101 A1BNK B C39   1 
HETATM 584 C  C40   . A1BNK K 2 .  ? -10.931 1.553   2.267   1.00 75.10  ? 101 A1BNK B C40   1 
HETATM 585 O  O12   . A1BNK K 2 .  ? -10.538 2.418   6.465   1.00 73.84  ? 101 A1BNK B O12   1 
HETATM 586 O  O11   . A1BNK K 2 .  ? -9.228  2.993   3.187   1.00 77.57  ? 101 A1BNK B O11   1 
HETATM 587 O  O13   . A1BNK K 2 .  ? -11.663 4.170   3.435   1.00 92.62  ? 101 A1BNK B O13   1 
HETATM 588 ZN ZN    . ZN    L 3 .  ? 6.221   2.720   -7.060  1.00 54.40  ? 102 ZN    B ZN    1 
HETATM 589 ZN ZN    . ZN    M 3 .  ? 8.216   10.357  1.164   1.00 39.02  ? 103 ZN    B ZN    1 
HETATM 590 ZN ZN    . ZN    N 3 .  ? 7.573   5.698   -5.745  1.00 193.59 ? 104 ZN    B ZN    1 
HETATM 591 O  O     . HOH   O 5 .  ? 9.341   -6.244  6.835   1.00 47.02  ? 201 HOH   A O     1 
HETATM 592 O  O     . HOH   O 5 .  ? 4.409   1.992   10.159  1.00 41.07  ? 202 HOH   A O     1 
HETATM 593 O  O     . HOH   O 5 .  ? 9.992   -7.001  0.171   1.00 52.55  ? 203 HOH   A O     1 
HETATM 594 O  O     . HOH   O 5 .  ? 12.517  -4.841  6.635   1.00 44.66  ? 204 HOH   A O     1 
HETATM 595 O  O     . HOH   O 5 .  ? 15.561  -3.118  7.127   1.00 52.24  ? 205 HOH   A O     1 
HETATM 596 O  O     . HOH   O 5 .  ? 0.682   -0.685  3.041   1.00 34.89  ? 206 HOH   A O     1 
HETATM 597 O  O     . HOH   O 5 .  ? -7.099  0.121   -8.058  1.00 67.08  ? 207 HOH   A O     1 
HETATM 598 O  O     . HOH   O 5 .  ? 15.018  0.775   -1.163  1.00 46.57  ? 208 HOH   A O     1 
HETATM 599 O  O     . HOH   O 5 .  ? -2.375  10.620  4.407   1.00 50.96  ? 209 HOH   A O     1 
HETATM 600 O  O     . HOH   O 5 .  ? -0.426  7.559   1.546   1.00 58.20  ? 210 HOH   A O     1 
HETATM 601 O  O     . HOH   O 5 .  ? -3.795  8.086   6.846   1.00 54.54  ? 211 HOH   A O     1 
HETATM 602 O  O     . HOH   O 5 .  ? 1.064   8.301   5.521   1.00 48.10  ? 212 HOH   A O     1 
HETATM 603 O  O     . HOH   O 5 .  ? 16.142  7.098   -3.125  1.00 54.21  ? 213 HOH   A O     1 
HETATM 604 O  O     . HOH   O 5 .  ? 5.935   6.227   0.645   1.00 44.84  ? 214 HOH   A O     1 
HETATM 605 O  O     . HOH   O 5 .  ? 4.103   5.912   5.902   1.00 59.30  ? 215 HOH   A O     1 
HETATM 606 O  O     . HOH   O 5 .  ? -15.181 -4.723  -11.083 1.00 44.54  ? 216 HOH   A O     1 
HETATM 607 O  O     . HOH   O 5 .  ? -9.666  7.406   10.843  1.00 60.87  ? 217 HOH   A O     1 
HETATM 608 O  O     . HOH   O 5 .  ? -4.641  0.452   -6.110  1.00 73.58  ? 218 HOH   A O     1 
HETATM 609 O  O     . HOH   O 5 .  ? -8.518  -6.102  -6.440  1.00 37.58  ? 219 HOH   A O     1 
HETATM 610 O  O     . HOH   O 5 .  ? 1.613   7.185   8.898   1.00 34.00  ? 220 HOH   A O     1 
HETATM 611 O  O     . HOH   O 5 .  ? -7.907  -4.284  -9.186  1.00 55.54  ? 221 HOH   A O     1 
HETATM 612 O  O     . HOH   O 5 .  ? -9.100  10.387  7.447   1.00 53.65  ? 222 HOH   A O     1 
HETATM 613 O  O     . HOH   O 5 .  ? -7.801  -6.983  -9.219  1.00 39.35  ? 223 HOH   A O     1 
HETATM 614 O  O     . HOH   O 5 .  ? 1.543   5.936   2.451   1.00 49.92  ? 224 HOH   A O     1 
HETATM 615 O  O     . HOH   O 5 .  ? 7.923   -4.165  7.774   1.00 48.18  ? 225 HOH   A O     1 
HETATM 616 O  O     . HOH   O 5 .  ? 9.096   4.257   6.645   1.00 46.27  ? 226 HOH   A O     1 
HETATM 617 O  O     . HOH   O 5 .  ? -8.463  -9.554  -8.686  1.00 42.78  ? 227 HOH   A O     1 
HETATM 618 O  O     . HOH   O 5 .  ? -3.277  3.483   -5.713  1.00 104.82 ? 228 HOH   A O     1 
HETATM 619 O  O     . HOH   O 5 .  ? -10.905 6.817   5.377   1.00 60.17  ? 229 HOH   A O     1 
HETATM 620 O  O     . HOH   O 5 .  ? 9.286   6.135   4.840   1.00 39.35  ? 230 HOH   A O     1 
HETATM 621 O  O     . HOH   O 5 .  ? 2.026   6.276   -1.105  1.00 63.45  ? 231 HOH   A O     1 
HETATM 622 O  O     . HOH   O 5 .  ? -5.545  -7.871  -10.300 1.00 47.79  ? 232 HOH   A O     1 
HETATM 623 O  O     . HOH   O 5 .  ? 18.840  7.157   -2.128  1.00 60.62  ? 233 HOH   A O     1 
HETATM 624 O  O     . HOH   O 5 .  ? -5.184  2.641   -7.599  1.00 99.39  ? 234 HOH   A O     1 
HETATM 625 O  O     . HOH   O 5 .  ? -6.851  -8.206  -6.715  1.00 39.10  ? 235 HOH   A O     1 
HETATM 626 O  O     . HOH   O 5 .  ? 2.707   11.080  3.583   1.00 57.67  ? 236 HOH   A O     1 
HETATM 627 O  O     . HOH   O 5 .  ? -4.730  -7.084  -7.905  1.00 59.64  ? 237 HOH   A O     1 
HETATM 628 O  O     . HOH   O 5 .  ? 3.608   10.143  1.235   1.00 57.02  ? 238 HOH   A O     1 
HETATM 629 O  O     . HOH   P 5 .  ? -1.500  -8.912  -3.103  1.00 56.29  ? 201 HOH   B O     1 
HETATM 630 O  O     . HOH   P 5 .  ? 13.019  0.420   -3.476  1.00 51.26  ? 202 HOH   B O     1 
HETATM 631 O  O     . HOH   P 5 .  ? -3.912  -9.610  2.213   1.00 51.87  ? 203 HOH   B O     1 
HETATM 632 O  O     . HOH   P 5 .  ? -1.469  -2.345  2.468   1.00 37.37  ? 204 HOH   B O     1 
HETATM 633 O  O     . HOH   P 5 .  ? -0.507  -6.120  -5.004  1.00 50.23  ? 205 HOH   B O     1 
HETATM 634 O  O     . HOH   P 5 .  ? 7.683   9.211   -2.497  1.00 46.62  ? 206 HOH   B O     1 
HETATM 635 O  O     . HOH   P 5 .  ? 6.202   6.208   -2.398  1.00 57.28  ? 207 HOH   B O     1 
HETATM 636 O  O     . HOH   P 5 .  ? 8.264   -11.888 -3.952  1.00 56.07  ? 208 HOH   B O     1 
HETATM 637 O  O     . HOH   P 5 .  ? 6.065   12.783  -4.011  1.00 51.42  ? 209 HOH   B O     1 
HETATM 638 O  O     . HOH   P 5 .  ? -6.729  -5.658  -4.264  1.00 48.62  ? 210 HOH   B O     1 
HETATM 639 O  O     . HOH   P 5 .  ? 7.885   3.562   -7.945  1.00 54.58  ? 211 HOH   B O     1 
HETATM 640 O  O     . HOH   P 5 .  ? 5.642   -1.252  -7.955  1.00 49.16  ? 212 HOH   B O     1 
HETATM 641 O  O     . HOH   P 5 .  ? 1.642   -10.048 -5.780  1.00 45.94  ? 213 HOH   B O     1 
HETATM 642 O  O     . HOH   P 5 .  ? 8.165   14.660  0.210   1.00 46.77  ? 214 HOH   B O     1 
HETATM 643 O  O     . HOH   P 5 .  ? 5.145   4.000   -5.840  1.00 47.16  ? 215 HOH   B O     1 
HETATM 644 O  O     . HOH   P 5 .  ? -4.883  -8.311  -0.869  1.00 49.00  ? 216 HOH   B O     1 
HETATM 645 O  O     . HOH   P 5 .  ? 14.697  11.178  -3.545  1.00 48.82  ? 217 HOH   B O     1 
HETATM 646 O  O     . HOH   P 5 .  ? 10.608  -6.412  -9.473  1.00 65.96  ? 218 HOH   B O     1 
HETATM 647 O  O     . HOH   P 5 .  ? -2.098  -11.593 -0.120  1.00 32.60  ? 219 HOH   B O     1 
HETATM 648 O  O     . HOH   P 5 .  ? -2.657  -3.516  -4.883  1.00 57.52  ? 220 HOH   B O     1 
HETATM 649 O  O     . HOH   P 5 .  ? 16.155  3.619   -3.199  1.00 49.14  ? 221 HOH   B O     1 
HETATM 650 O  O     . HOH   P 5 .  ? -10.237 -7.816  -1.800  1.00 47.70  ? 222 HOH   B O     1 
HETATM 651 O  O     . HOH   P 5 .  ? 6.681   1.240   -8.423  1.00 55.39  ? 223 HOH   B O     1 
HETATM 652 O  O     . HOH   P 5 .  ? -12.824 -8.925  -1.422  1.00 39.74  ? 224 HOH   B O     1 
HETATM 653 O  O     . HOH   P 5 .  ? 8.195   8.398   0.451   1.00 40.40  ? 225 HOH   B O     1 
HETATM 654 O  O     . HOH   P 5 .  ? 7.202   11.038  -0.478  1.00 36.37  ? 226 HOH   B O     1 
HETATM 655 O  O     . HOH   P 5 .  ? 4.305   1.959   -6.821  1.00 47.18  ? 227 HOH   B O     1 
HETATM 656 O  O     . HOH   P 5 .  ? 8.071   12.290  1.883   1.00 35.84  ? 228 HOH   B O     1 
HETATM 657 O  O     . HOH   P 5 .  ? 9.060   4.356   -11.960 1.00 77.21  ? 229 HOH   B O     1 
HETATM 658 O  O     . HOH   P 5 .  ? 7.662   -1.982  -11.434 1.00 71.81  ? 230 HOH   B O     1 
HETATM 659 O  O     . HOH   P 5 .  ? 4.998   12.338  -0.375  1.00 43.52  ? 231 HOH   B O     1 
HETATM 660 O  O     . HOH   P 5 .  ? -8.374  -8.580  -3.606  1.00 43.32  ? 232 HOH   B O     1 
HETATM 661 O  O     . HOH   P 5 .  ? 6.394   9.971   2.035   1.00 40.00  ? 233 HOH   B O     1 
HETATM 662 O  O     . HOH   P 5 .  ? 5.075   3.935   -8.279  1.00 53.58  ? 234 HOH   B O     1 
HETATM 663 O  O     . HOH   P 5 .  ? -4.747  -11.410 -0.719  1.00 44.87  ? 235 HOH   B O     1 
# 
